data_6BG2
#
_entry.id   6BG2
#
_cell.length_a   165.390
_cell.length_b   98.500
_cell.length_c   116.424
_cell.angle_alpha   90.00
_cell.angle_beta   133.47
_cell.angle_gamma   90.00
#
_symmetry.space_group_name_H-M   'C 1 2 1'
#
loop_
_entity.id
_entity.type
_entity.pdbx_description
1 polymer 'cGMP-dependent protein kinase 1'
2 non-polymer 'PHOSPHOAMINOPHOSPHONIC ACID-ADENYLATE ESTER'
3 non-polymer 'MANGANESE (II) ION'
4 water water
#
_entity_poly.entity_id   1
_entity_poly.type   'polypeptide(L)'
_entity_poly.pdbx_seq_one_letter_code
;GSGLDDVSNKAYEDAEAKAKYEAEAAFFANLKLSDFNIIDTLGVGGFGRVELVQLKSEESKTFAMKILKKRHIVDTRQQE
HIRSEKQIMQGAHSDFIVRLYRTFKDSKYLYMLMEACLGGELWTILRDRGSFEDSTTRFYTACVVEAFAYLHSKGIIYRD
LKPENLILDHRGYAKLVDFGFAKKIGFGKKTW(TPO)FCGTPEYVAPEIILNKGHDISADYWSLGILMYELLTGSPPFSG
PDPMKTYNIILRGIDMIEFPKKIAKNAANLIKKLCRDNPSERLGNLKNGVKDIQKHKWFEGFNWEGLRKGTLTPPIIPSV
ASPTDTSNFDSFPEDNDEPPPDDNSGWDIDF
;
_entity_poly.pdbx_strand_id   C,B,A,D
#
loop_
_chem_comp.id
_chem_comp.type
_chem_comp.name
_chem_comp.formula
ANP non-polymer 'PHOSPHOAMINOPHOSPHONIC ACID-ADENYLATE ESTER' 'C10 H17 N6 O12 P3'
MN non-polymer 'MANGANESE (II) ION' 'Mn 2'
#
# COMPACT_ATOMS: atom_id res chain seq x y z
CA GLU A 13 -3.58 21.16 18.95
C GLU A 13 -2.74 20.12 19.69
N ASP A 14 -1.53 19.90 19.21
CA ASP A 14 -0.66 18.88 19.81
C ASP A 14 -0.13 19.32 21.16
N ALA A 15 0.42 20.55 21.23
CA ALA A 15 0.90 21.05 22.52
C ALA A 15 -0.24 21.26 23.50
N GLU A 16 -1.39 21.72 23.00
CA GLU A 16 -2.57 21.82 23.86
C GLU A 16 -2.93 20.44 24.44
N ALA A 17 -2.96 19.42 23.58
CA ALA A 17 -3.28 18.08 24.03
C ALA A 17 -2.20 17.55 24.98
N LYS A 18 -0.94 17.90 24.74
CA LYS A 18 0.13 17.47 25.63
C LYS A 18 -0.04 18.08 27.03
N ALA A 19 -0.36 19.37 27.09
CA ALA A 19 -0.65 20.00 28.38
C ALA A 19 -1.84 19.34 29.05
N LYS A 20 -2.87 18.99 28.27
CA LYS A 20 -4.04 18.31 28.84
C LYS A 20 -3.66 16.93 29.40
N TYR A 21 -2.84 16.18 28.65
CA TYR A 21 -2.43 14.86 29.10
C TYR A 21 -1.59 14.95 30.37
N GLU A 22 -0.71 15.96 30.46
CA GLU A 22 0.09 16.11 31.67
C GLU A 22 -0.78 16.54 32.85
N ALA A 23 -1.75 17.44 32.61
CA ALA A 23 -2.67 17.81 33.69
C ALA A 23 -3.48 16.61 34.14
N GLU A 24 -3.87 15.74 33.20
CA GLU A 24 -4.63 14.54 33.54
C GLU A 24 -3.79 13.58 34.36
N ALA A 25 -2.55 13.34 33.91
CA ALA A 25 -1.65 12.46 34.64
C ALA A 25 -1.43 12.97 36.06
N ALA A 26 -1.23 14.27 36.23
CA ALA A 26 -1.04 14.78 37.58
C ALA A 26 -2.33 14.66 38.40
N PHE A 27 -3.49 14.79 37.76
CA PHE A 27 -4.74 14.64 38.47
C PHE A 27 -4.90 13.21 38.99
N PHE A 28 -4.59 12.23 38.15
CA PHE A 28 -4.77 10.84 38.56
C PHE A 28 -3.68 10.36 39.49
N ALA A 29 -2.46 10.90 39.35
CA ALA A 29 -1.37 10.49 40.24
C ALA A 29 -1.68 10.85 41.69
N ASN A 30 -2.44 11.93 41.90
CA ASN A 30 -2.79 12.36 43.24
C ASN A 30 -3.91 11.52 43.85
N LEU A 31 -4.62 10.73 43.04
CA LEU A 31 -5.78 10.02 43.55
C LEU A 31 -5.37 8.79 44.35
N LYS A 32 -6.24 8.40 45.29
CA LYS A 32 -6.12 7.16 46.02
C LYS A 32 -7.45 6.42 45.94
N LEU A 33 -7.42 5.11 46.22
CA LEU A 33 -8.64 4.32 46.19
C LEU A 33 -9.71 4.89 47.11
N SER A 34 -9.32 5.47 48.24
CA SER A 34 -10.29 6.03 49.15
C SER A 34 -11.04 7.23 48.57
N ASP A 35 -10.62 7.72 47.41
CA ASP A 35 -11.32 8.82 46.75
C ASP A 35 -12.56 8.37 45.99
N PHE A 36 -12.84 7.06 45.93
CA PHE A 36 -13.92 6.54 45.11
C PHE A 36 -14.95 5.77 45.92
N ASN A 37 -16.20 5.84 45.49
CA ASN A 37 -17.28 4.95 45.93
C ASN A 37 -17.71 4.03 44.78
N ILE A 38 -18.06 2.80 45.10
CA ILE A 38 -18.65 1.90 44.12
C ILE A 38 -20.12 2.21 43.99
N ILE A 39 -20.57 2.41 42.75
CA ILE A 39 -21.98 2.70 42.45
C ILE A 39 -22.68 1.38 42.21
N ASP A 40 -22.18 0.63 41.23
CA ASP A 40 -22.72 -0.70 40.94
C ASP A 40 -21.76 -1.41 40.01
N THR A 41 -22.00 -2.70 39.83
CA THR A 41 -21.13 -3.54 39.02
C THR A 41 -21.56 -3.45 37.56
N LEU A 42 -20.60 -3.18 36.67
CA LEU A 42 -20.88 -3.11 35.24
C LEU A 42 -20.73 -4.46 34.56
N GLY A 43 -19.78 -5.27 35.02
CA GLY A 43 -19.57 -6.56 34.41
C GLY A 43 -18.74 -7.45 35.29
N VAL A 44 -18.85 -8.74 35.02
CA VAL A 44 -18.03 -9.74 35.67
C VAL A 44 -17.49 -10.62 34.55
N GLY A 45 -16.24 -11.02 34.67
CA GLY A 45 -15.60 -11.77 33.61
C GLY A 45 -14.74 -12.87 34.20
N GLY A 46 -14.06 -13.59 33.32
CA GLY A 46 -13.24 -14.70 33.76
C GLY A 46 -12.07 -14.29 34.62
N PHE A 47 -11.59 -13.05 34.51
CA PHE A 47 -10.42 -12.61 35.25
C PHE A 47 -10.66 -11.49 36.25
N GLY A 48 -11.75 -10.74 36.12
CA GLY A 48 -12.00 -9.73 37.13
C GLY A 48 -13.40 -9.21 36.97
N ARG A 49 -13.73 -8.24 37.82
CA ARG A 49 -15.05 -7.63 37.80
C ARG A 49 -14.87 -6.14 37.61
N VAL A 50 -15.80 -5.53 36.89
CA VAL A 50 -15.73 -4.12 36.55
C VAL A 50 -16.83 -3.39 37.30
N GLU A 51 -16.42 -2.46 38.15
CA GLU A 51 -17.34 -1.66 38.94
C GLU A 51 -17.41 -0.25 38.36
N LEU A 52 -18.61 0.30 38.33
CA LEU A 52 -18.74 1.74 38.11
C LEU A 52 -18.42 2.44 39.42
N VAL A 53 -17.42 3.32 39.42
CA VAL A 53 -17.03 4.03 40.61
C VAL A 53 -17.20 5.52 40.39
N GLN A 54 -17.32 6.25 41.48
CA GLN A 54 -17.60 7.68 41.43
C GLN A 54 -16.55 8.40 42.25
N LEU A 55 -16.00 9.47 41.70
CA LEU A 55 -15.10 10.33 42.45
C LEU A 55 -15.91 11.06 43.52
N LYS A 56 -15.57 10.82 44.79
CA LYS A 56 -16.38 11.40 45.86
C LYS A 56 -16.38 12.92 45.81
N SER A 57 -15.24 13.52 45.44
CA SER A 57 -15.12 14.97 45.44
C SER A 57 -15.79 15.64 44.24
N GLU A 58 -16.07 14.88 43.18
CA GLU A 58 -16.70 15.45 41.98
C GLU A 58 -17.65 14.37 41.44
N GLU A 59 -18.91 14.44 41.85
CA GLU A 59 -19.85 13.37 41.57
C GLU A 59 -20.17 13.22 40.08
N SER A 60 -19.85 14.23 39.26
CA SER A 60 -20.04 14.12 37.83
C SER A 60 -18.98 13.25 37.16
N LYS A 61 -17.91 12.88 37.87
CA LYS A 61 -16.84 12.06 37.32
C LYS A 61 -17.00 10.63 37.81
N THR A 62 -17.36 9.73 36.90
CA THR A 62 -17.40 8.30 37.17
C THR A 62 -16.45 7.59 36.22
N PHE A 63 -16.05 6.37 36.62
CA PHE A 63 -15.06 5.58 35.92
C PHE A 63 -15.42 4.11 36.04
N ALA A 64 -14.85 3.29 35.16
CA ALA A 64 -14.94 1.84 35.28
C ALA A 64 -13.66 1.34 35.95
N MET A 65 -13.83 0.63 37.07
CA MET A 65 -12.69 0.10 37.82
C MET A 65 -12.69 -1.41 37.66
N LYS A 66 -11.72 -1.93 36.93
CA LYS A 66 -11.52 -3.37 36.83
C LYS A 66 -10.72 -3.84 38.03
N ILE A 67 -11.27 -4.81 38.77
CA ILE A 67 -10.68 -5.30 40.01
C ILE A 67 -10.32 -6.77 39.82
N LEU A 68 -9.03 -7.09 40.00
CA LEU A 68 -8.52 -8.43 39.78
C LEU A 68 -7.91 -8.95 41.09
N LYS A 69 -8.26 -10.18 41.46
CA LYS A 69 -7.65 -10.83 42.61
C LYS A 69 -6.30 -11.41 42.21
N LYS A 70 -5.24 -10.98 42.90
CA LYS A 70 -3.90 -11.39 42.47
C LYS A 70 -3.72 -12.90 42.56
N ARG A 71 -4.32 -13.54 43.57
CA ARG A 71 -4.22 -15.00 43.66
C ARG A 71 -4.84 -15.67 42.44
N HIS A 72 -5.96 -15.14 41.96
CA HIS A 72 -6.59 -15.71 40.77
C HIS A 72 -5.71 -15.50 39.55
N ILE A 73 -5.06 -14.35 39.46
CA ILE A 73 -4.15 -14.08 38.35
C ILE A 73 -2.99 -15.07 38.35
N VAL A 74 -2.40 -15.32 39.52
CA VAL A 74 -1.27 -16.24 39.59
C VAL A 74 -1.74 -17.66 39.28
N ASP A 75 -2.85 -18.08 39.89
CA ASP A 75 -3.37 -19.44 39.70
C ASP A 75 -3.66 -19.73 38.23
N THR A 76 -4.18 -18.75 37.50
CA THR A 76 -4.53 -18.93 36.10
C THR A 76 -3.39 -18.56 35.16
N ARG A 77 -2.20 -18.29 35.69
CA ARG A 77 -0.99 -18.02 34.91
C ARG A 77 -1.16 -16.80 33.99
N GLN A 78 -1.68 -15.71 34.56
CA GLN A 78 -1.94 -14.50 33.78
C GLN A 78 -1.11 -13.30 34.20
N GLN A 79 -0.04 -13.51 34.99
CA GLN A 79 0.74 -12.38 35.49
C GLN A 79 1.27 -11.52 34.34
N GLU A 80 1.93 -12.16 33.37
CA GLU A 80 2.44 -11.39 32.25
C GLU A 80 1.32 -10.75 31.45
N HIS A 81 0.21 -11.48 31.30
CA HIS A 81 -0.91 -10.94 30.53
C HIS A 81 -1.47 -9.68 31.19
N ILE A 82 -1.57 -9.68 32.52
CA ILE A 82 -2.09 -8.50 33.21
C ILE A 82 -1.11 -7.34 33.13
N ARG A 83 0.19 -7.64 33.21
CA ARG A 83 1.18 -6.58 32.98
C ARG A 83 1.04 -5.96 31.59
N SER A 84 0.85 -6.79 30.57
CA SER A 84 0.66 -6.29 29.21
C SER A 84 -0.62 -5.48 29.10
N GLU A 85 -1.70 -5.96 29.73
CA GLU A 85 -2.96 -5.23 29.70
C GLU A 85 -2.77 -3.82 30.23
N LYS A 86 -2.12 -3.69 31.39
CA LYS A 86 -1.86 -2.34 31.93
C LYS A 86 -1.00 -1.53 30.97
N GLN A 87 0.12 -2.09 30.53
CA GLN A 87 1.06 -1.31 29.73
C GLN A 87 0.41 -0.82 28.44
N ILE A 88 -0.25 -1.73 27.72
CA ILE A 88 -0.83 -1.39 26.43
C ILE A 88 -2.01 -0.44 26.58
N MET A 89 -2.94 -0.74 27.50
CA MET A 89 -4.12 0.13 27.62
C MET A 89 -3.75 1.51 28.14
N GLN A 90 -2.87 1.57 29.14
CA GLN A 90 -2.48 2.87 29.69
C GLN A 90 -1.68 3.68 28.68
N GLY A 91 -0.88 3.00 27.84
CA GLY A 91 -0.14 3.72 26.82
C GLY A 91 -0.91 4.09 25.57
N ALA A 92 -2.11 3.53 25.39
CA ALA A 92 -2.87 3.77 24.16
C ALA A 92 -3.68 5.06 24.25
N HIS A 93 -3.71 5.80 23.14
CA HIS A 93 -4.50 7.03 23.00
C HIS A 93 -5.22 6.93 21.66
N SER A 94 -6.38 6.27 21.69
CA SER A 94 -7.21 6.07 20.51
C SER A 94 -8.66 6.30 20.89
N ASP A 95 -9.40 6.99 20.02
CA ASP A 95 -10.83 7.18 20.28
C ASP A 95 -11.59 5.86 20.27
N PHE A 96 -10.98 4.79 19.76
CA PHE A 96 -11.67 3.51 19.64
C PHE A 96 -11.18 2.50 20.65
N ILE A 97 -10.46 2.95 21.66
CA ILE A 97 -9.96 2.11 22.74
C ILE A 97 -10.22 2.82 24.06
N VAL A 98 -10.85 2.11 24.99
CA VAL A 98 -11.12 2.68 26.31
C VAL A 98 -9.82 3.11 26.97
N ARG A 99 -9.78 4.33 27.50
CA ARG A 99 -8.59 4.83 28.17
C ARG A 99 -8.39 4.11 29.49
N LEU A 100 -7.14 3.78 29.80
CA LEU A 100 -6.75 3.35 31.14
C LEU A 100 -5.95 4.50 31.74
N TYR A 101 -6.52 5.12 32.77
CA TYR A 101 -5.91 6.35 33.31
C TYR A 101 -4.78 6.02 34.28
N ARG A 102 -5.00 5.06 35.17
CA ARG A 102 -3.95 4.63 36.09
C ARG A 102 -4.41 3.33 36.74
N THR A 103 -3.50 2.75 37.52
CA THR A 103 -3.79 1.55 38.29
C THR A 103 -3.55 1.81 39.76
N PHE A 104 -4.15 0.95 40.60
CA PHE A 104 -3.87 0.91 42.03
C PHE A 104 -3.59 -0.53 42.43
N LYS A 105 -3.13 -0.72 43.66
CA LYS A 105 -2.91 -2.06 44.18
C LYS A 105 -2.98 -2.04 45.69
N ASP A 106 -3.31 -3.20 46.26
CA ASP A 106 -3.12 -3.46 47.68
C ASP A 106 -2.55 -4.87 47.81
N SER A 107 -2.61 -5.43 49.02
CA SER A 107 -2.00 -6.75 49.22
C SER A 107 -2.74 -7.84 48.47
N LYS A 108 -4.02 -7.65 48.16
CA LYS A 108 -4.84 -8.71 47.59
C LYS A 108 -5.28 -8.47 46.15
N TYR A 109 -5.42 -7.22 45.73
CA TYR A 109 -6.07 -6.90 44.46
C TYR A 109 -5.22 -5.97 43.61
N LEU A 110 -5.46 -6.03 42.30
CA LEU A 110 -5.05 -4.99 41.37
C LEU A 110 -6.27 -4.25 40.86
N TYR A 111 -6.11 -2.96 40.60
CA TYR A 111 -7.19 -2.09 40.19
C TYR A 111 -6.79 -1.33 38.94
N MET A 112 -7.66 -1.31 37.93
CA MET A 112 -7.43 -0.53 36.71
C MET A 112 -8.54 0.49 36.57
N LEU A 113 -8.17 1.77 36.63
CA LEU A 113 -9.14 2.87 36.56
C LEU A 113 -9.29 3.31 35.11
N MET A 114 -10.44 3.01 34.53
CA MET A 114 -10.67 3.20 33.10
C MET A 114 -11.79 4.19 32.84
N GLU A 115 -11.81 4.70 31.62
CA GLU A 115 -12.96 5.46 31.15
C GLU A 115 -14.20 4.57 31.16
N ALA A 116 -15.30 5.09 31.69
CA ALA A 116 -16.57 4.36 31.71
C ALA A 116 -17.33 4.62 30.42
N CYS A 117 -17.78 3.55 29.77
CA CYS A 117 -18.63 3.64 28.59
C CYS A 117 -19.99 3.07 28.96
N LEU A 118 -20.96 3.97 29.13
CA LEU A 118 -22.26 3.64 29.71
C LEU A 118 -23.31 3.25 28.70
N GLY A 119 -22.95 3.16 27.41
CA GLY A 119 -23.88 2.75 26.38
C GLY A 119 -24.19 1.27 26.39
N GLY A 120 -23.36 0.46 27.02
CA GLY A 120 -23.64 -0.94 27.20
C GLY A 120 -22.69 -1.83 26.41
N GLU A 121 -22.69 -3.10 26.78
CA GLU A 121 -21.86 -4.10 26.12
C GLU A 121 -22.52 -4.51 24.81
N LEU A 122 -21.73 -4.57 23.73
CA LEU A 122 -22.32 -4.88 22.43
C LEU A 122 -22.96 -6.26 22.42
N TRP A 123 -22.44 -7.19 23.23
CA TRP A 123 -22.98 -8.55 23.22
C TRP A 123 -24.42 -8.58 23.73
N THR A 124 -24.74 -7.81 24.78
CA THR A 124 -26.11 -7.82 25.28
C THR A 124 -27.04 -7.13 24.30
N ILE A 125 -26.58 -6.07 23.65
CA ILE A 125 -27.37 -5.40 22.63
C ILE A 125 -27.67 -6.34 21.47
N LEU A 126 -26.65 -7.10 21.04
CA LEU A 126 -26.85 -8.10 20.00
C LEU A 126 -27.82 -9.18 20.44
N ARG A 127 -27.68 -9.64 21.69
CA ARG A 127 -28.60 -10.63 22.24
C ARG A 127 -30.04 -10.11 22.20
N ASP A 128 -30.23 -8.85 22.58
CA ASP A 128 -31.57 -8.28 22.66
C ASP A 128 -32.16 -8.05 21.28
N ARG A 129 -31.33 -7.76 20.28
CA ARG A 129 -31.83 -7.57 18.92
C ARG A 129 -31.72 -8.81 18.05
N GLY A 130 -31.04 -9.86 18.51
CA GLY A 130 -30.88 -11.06 17.72
C GLY A 130 -29.75 -10.96 16.72
N SER A 131 -29.78 -9.93 15.86
CA SER A 131 -28.72 -9.69 14.91
C SER A 131 -28.76 -8.22 14.51
N PHE A 132 -27.64 -7.73 13.99
CA PHE A 132 -27.49 -6.35 13.56
C PHE A 132 -27.63 -6.26 12.05
N GLU A 133 -28.25 -5.17 11.59
CA GLU A 133 -28.32 -4.88 10.16
C GLU A 133 -26.93 -4.63 9.59
N ASP A 134 -26.88 -4.65 8.25
CA ASP A 134 -25.62 -4.48 7.54
C ASP A 134 -24.95 -3.15 7.90
N SER A 135 -25.69 -2.05 7.85
CA SER A 135 -25.10 -0.74 8.13
C SER A 135 -24.67 -0.62 9.59
N THR A 136 -25.46 -1.18 10.50
CA THR A 136 -25.10 -1.20 11.91
C THR A 136 -23.79 -1.97 12.13
N THR A 137 -23.74 -3.20 11.61
CA THR A 137 -22.52 -4.01 11.68
C THR A 137 -21.34 -3.27 11.07
N ARG A 138 -21.57 -2.55 9.98
CA ARG A 138 -20.48 -1.83 9.33
C ARG A 138 -19.91 -0.75 10.23
N PHE A 139 -20.78 0.01 10.90
CA PHE A 139 -20.28 1.00 11.84
C PHE A 139 -19.40 0.37 12.92
N TYR A 140 -19.91 -0.69 13.57
CA TYR A 140 -19.13 -1.28 14.67
C TYR A 140 -17.84 -1.90 14.16
N THR A 141 -17.90 -2.57 13.00
CA THR A 141 -16.70 -3.15 12.43
C THR A 141 -15.66 -2.07 12.11
N ALA A 142 -16.12 -0.91 11.63
CA ALA A 142 -15.20 0.19 11.33
C ALA A 142 -14.52 0.70 12.60
N CYS A 143 -15.28 0.81 13.70
CA CYS A 143 -14.66 1.16 14.98
C CYS A 143 -13.52 0.19 15.31
N VAL A 144 -13.78 -1.11 15.16
CA VAL A 144 -12.73 -2.10 15.43
C VAL A 144 -11.56 -1.90 14.47
N VAL A 145 -11.85 -1.63 13.19
CA VAL A 145 -10.79 -1.47 12.20
C VAL A 145 -9.86 -0.32 12.59
N GLU A 146 -10.44 0.79 13.06
CA GLU A 146 -9.61 1.91 13.49
C GLU A 146 -8.77 1.53 14.72
N ALA A 147 -9.37 0.83 15.67
CA ALA A 147 -8.60 0.37 16.83
C ALA A 147 -7.43 -0.51 16.39
N PHE A 148 -7.67 -1.39 15.42
CA PHE A 148 -6.63 -2.28 14.94
C PHE A 148 -5.56 -1.52 14.18
N ALA A 149 -5.95 -0.56 13.35
CA ALA A 149 -4.96 0.27 12.68
C ALA A 149 -3.98 0.86 13.68
N TYR A 150 -4.52 1.42 14.77
CA TYR A 150 -3.66 1.98 15.81
C TYR A 150 -2.75 0.91 16.42
N LEU A 151 -3.36 -0.14 16.96
CA LEU A 151 -2.59 -1.16 17.68
C LEU A 151 -1.53 -1.81 16.79
N HIS A 152 -1.92 -2.19 15.57
CA HIS A 152 -1.01 -2.88 14.68
C HIS A 152 0.10 -1.96 14.19
N SER A 153 -0.18 -0.65 14.05
CA SER A 153 0.90 0.27 13.77
C SER A 153 1.89 0.33 14.92
N LYS A 154 1.47 -0.05 16.13
CA LYS A 154 2.42 -0.11 17.24
C LYS A 154 2.97 -1.52 17.47
N GLY A 155 2.69 -2.47 16.58
CA GLY A 155 3.19 -3.82 16.73
C GLY A 155 2.50 -4.61 17.82
N ILE A 156 1.22 -4.30 18.08
CA ILE A 156 0.47 -4.90 19.19
C ILE A 156 -0.64 -5.76 18.62
N ILE A 157 -0.71 -7.01 19.04
CA ILE A 157 -1.85 -7.88 18.75
C ILE A 157 -2.85 -7.73 19.87
N TYR A 158 -4.13 -7.65 19.50
CA TYR A 158 -5.18 -7.50 20.50
C TYR A 158 -5.63 -8.84 21.06
N ARG A 159 -6.01 -9.77 20.18
CA ARG A 159 -6.13 -11.20 20.47
C ARG A 159 -7.35 -11.58 21.30
N ASP A 160 -8.28 -10.66 21.57
CA ASP A 160 -9.49 -11.10 22.25
C ASP A 160 -10.71 -10.36 21.71
N LEU A 161 -10.79 -10.23 20.39
CA LEU A 161 -11.98 -9.65 19.80
C LEU A 161 -13.19 -10.56 20.00
N LYS A 162 -14.27 -9.98 20.47
CA LYS A 162 -15.56 -10.65 20.64
C LYS A 162 -16.57 -9.60 21.06
N PRO A 163 -17.86 -9.84 20.85
CA PRO A 163 -18.86 -8.80 21.19
C PRO A 163 -18.80 -8.35 22.64
N GLU A 164 -18.43 -9.24 23.56
CA GLU A 164 -18.37 -8.87 24.98
C GLU A 164 -17.28 -7.86 25.28
N ASN A 165 -16.26 -7.76 24.44
CA ASN A 165 -15.15 -6.83 24.65
C ASN A 165 -15.31 -5.56 23.84
N LEU A 166 -16.51 -5.31 23.32
CA LEU A 166 -16.84 -4.07 22.61
C LEU A 166 -17.91 -3.36 23.42
N ILE A 167 -17.66 -2.11 23.77
CA ILE A 167 -18.58 -1.35 24.61
C ILE A 167 -18.93 -0.05 23.90
N LEU A 168 -20.18 0.39 24.07
CA LEU A 168 -20.62 1.65 23.50
C LEU A 168 -20.53 2.76 24.54
N ASP A 169 -20.07 3.92 24.12
CA ASP A 169 -20.10 5.10 24.97
C ASP A 169 -21.49 5.72 24.88
N HIS A 170 -21.69 6.89 25.48
CA HIS A 170 -23.03 7.47 25.53
C HIS A 170 -23.54 7.87 24.15
N ARG A 171 -22.63 8.09 23.18
CA ARG A 171 -23.04 8.44 21.84
C ARG A 171 -23.48 7.24 21.00
N GLY A 172 -23.00 6.06 21.34
CA GLY A 172 -23.16 4.90 20.48
C GLY A 172 -21.90 4.55 19.71
N TYR A 173 -20.78 5.22 19.97
CA TYR A 173 -19.51 4.83 19.40
C TYR A 173 -18.96 3.62 20.17
N ALA A 174 -18.37 2.68 19.43
CA ALA A 174 -17.85 1.47 20.03
C ALA A 174 -16.36 1.62 20.34
N LYS A 175 -15.95 1.05 21.46
CA LYS A 175 -14.56 1.08 21.89
C LYS A 175 -14.16 -0.30 22.36
N LEU A 176 -12.90 -0.66 22.14
CA LEU A 176 -12.35 -1.90 22.63
C LEU A 176 -12.07 -1.81 24.13
N VAL A 177 -12.45 -2.85 24.86
CA VAL A 177 -12.03 -3.04 26.24
C VAL A 177 -11.34 -4.39 26.37
N ASP A 178 -10.80 -4.66 27.55
CA ASP A 178 -10.22 -5.96 27.89
C ASP A 178 -9.00 -6.27 27.06
N PHE A 179 -7.85 -5.77 27.50
CA PHE A 179 -6.59 -6.04 26.85
C PHE A 179 -5.80 -7.13 27.57
N GLY A 180 -6.53 -8.06 28.19
CA GLY A 180 -5.93 -9.13 28.96
C GLY A 180 -5.09 -10.11 28.14
N PHE A 181 -5.35 -10.21 26.84
CA PHE A 181 -4.55 -11.07 25.96
C PHE A 181 -3.68 -10.31 24.99
N ALA A 182 -3.71 -8.97 25.01
CA ALA A 182 -2.94 -8.18 24.07
C ALA A 182 -1.45 -8.28 24.37
N LYS A 183 -0.63 -8.19 23.33
CA LYS A 183 0.81 -8.32 23.51
C LYS A 183 1.55 -7.55 22.43
N LYS A 184 2.62 -6.86 22.82
CA LYS A 184 3.54 -6.24 21.87
C LYS A 184 4.53 -7.29 21.38
N ILE A 185 4.59 -7.47 20.06
CA ILE A 185 5.44 -8.46 19.40
C ILE A 185 6.43 -7.76 18.47
N GLY A 186 7.67 -8.23 18.45
CA GLY A 186 8.64 -7.68 17.53
C GLY A 186 8.35 -8.01 16.08
N PHE A 187 8.83 -7.14 15.18
CA PHE A 187 8.69 -7.42 13.75
C PHE A 187 9.39 -8.73 13.42
N GLY A 188 8.73 -9.56 12.62
CA GLY A 188 9.31 -10.83 12.28
C GLY A 188 9.25 -11.87 13.37
N LYS A 189 8.57 -11.58 14.47
CA LYS A 189 8.43 -12.51 15.57
C LYS A 189 7.00 -13.01 15.65
N LYS A 190 6.84 -14.14 16.29
CA LYS A 190 5.53 -14.68 16.59
C LYS A 190 5.39 -14.85 18.10
N THR A 191 4.16 -15.08 18.55
CA THR A 191 3.92 -15.44 19.93
C THR A 191 3.15 -16.74 19.96
N TRP A 192 3.14 -17.41 21.11
CA TRP A 192 2.79 -18.82 21.10
C TRP A 192 1.70 -19.24 22.08
N TPO A 193 1.18 -18.30 22.86
CA TPO A 193 0.17 -18.65 23.87
CB TPO A 193 0.02 -17.51 24.88
CG2 TPO A 193 -0.89 -18.00 26.02
OG1 TPO A 193 1.28 -17.19 25.45
P TPO A 193 1.71 -15.69 25.02
O1P TPO A 193 3.24 -15.44 25.42
O2P TPO A 193 0.86 -14.70 25.74
O3P TPO A 193 1.54 -15.52 23.44
C TPO A 193 -1.18 -18.99 23.24
O TPO A 193 -1.72 -18.22 22.46
N PHE A 194 -1.70 -20.16 23.58
CA PHE A 194 -3.05 -20.53 23.14
C PHE A 194 -4.04 -19.77 24.03
N CYS A 195 -4.57 -18.67 23.51
CA CYS A 195 -5.53 -17.88 24.29
C CYS A 195 -6.48 -17.19 23.34
N GLY A 196 -7.55 -16.68 23.90
CA GLY A 196 -8.66 -16.13 23.14
C GLY A 196 -9.94 -16.89 23.40
N THR A 197 -10.98 -16.38 22.86
CA THR A 197 -12.27 -17.03 23.00
C THR A 197 -12.45 -18.07 21.89
N PRO A 198 -12.83 -19.31 22.23
CA PRO A 198 -12.73 -20.41 21.25
C PRO A 198 -13.31 -20.10 19.87
N GLU A 199 -14.47 -19.46 19.79
CA GLU A 199 -15.11 -19.21 18.51
C GLU A 199 -14.33 -18.22 17.64
N TYR A 200 -13.44 -17.43 18.23
CA TYR A 200 -12.73 -16.38 17.52
C TYR A 200 -11.26 -16.70 17.28
N VAL A 201 -10.77 -17.83 17.77
CA VAL A 201 -9.35 -18.15 17.70
C VAL A 201 -8.99 -18.57 16.27
N ALA A 202 -7.90 -18.00 15.74
CA ALA A 202 -7.44 -18.28 14.39
C ALA A 202 -6.82 -19.68 14.33
N PRO A 203 -6.79 -20.30 13.14
CA PRO A 203 -6.30 -21.68 13.06
C PRO A 203 -4.87 -21.86 13.51
N GLU A 204 -3.99 -20.90 13.20
CA GLU A 204 -2.60 -21.02 13.61
C GLU A 204 -2.45 -20.93 15.12
N ILE A 205 -3.45 -20.39 15.82
CA ILE A 205 -3.42 -20.43 17.27
C ILE A 205 -3.81 -21.82 17.77
N ILE A 206 -4.85 -22.40 17.18
CA ILE A 206 -5.26 -23.75 17.54
C ILE A 206 -4.12 -24.74 17.31
N LEU A 207 -3.44 -24.63 16.17
CA LEU A 207 -2.43 -25.59 15.77
C LEU A 207 -1.05 -25.31 16.38
N ASN A 208 -0.93 -24.31 17.26
CA ASN A 208 0.34 -24.01 17.94
C ASN A 208 1.47 -23.76 16.94
N LYS A 209 1.16 -23.04 15.87
CA LYS A 209 2.15 -22.72 14.85
C LYS A 209 2.75 -21.33 15.03
N GLY A 210 2.40 -20.63 16.10
CA GLY A 210 2.80 -19.23 16.25
C GLY A 210 1.83 -18.29 15.56
N HIS A 211 1.65 -17.11 16.14
CA HIS A 211 0.75 -16.15 15.53
C HIS A 211 1.27 -14.74 15.74
N ASP A 212 0.74 -13.81 14.96
CA ASP A 212 1.10 -12.41 15.02
C ASP A 212 -0.18 -11.59 14.78
N ILE A 213 -0.03 -10.32 14.40
CA ILE A 213 -1.20 -9.45 14.28
C ILE A 213 -2.25 -9.97 13.30
N SER A 214 -1.88 -10.83 12.33
CA SER A 214 -2.87 -11.32 11.36
C SER A 214 -3.97 -12.17 12.01
N ALA A 215 -3.71 -12.74 13.18
CA ALA A 215 -4.78 -13.41 13.92
C ALA A 215 -5.94 -12.45 14.21
N ASP A 216 -5.64 -11.17 14.43
CA ASP A 216 -6.69 -10.19 14.65
C ASP A 216 -7.60 -10.05 13.44
N TYR A 217 -7.02 -10.10 12.22
CA TYR A 217 -7.87 -9.97 11.03
C TYR A 217 -8.80 -11.17 10.91
N TRP A 218 -8.28 -12.36 11.24
CA TRP A 218 -9.17 -13.53 11.31
C TRP A 218 -10.36 -13.25 12.25
N SER A 219 -10.05 -12.80 13.47
CA SER A 219 -11.12 -12.55 14.44
C SER A 219 -12.09 -11.50 13.94
N LEU A 220 -11.61 -10.53 13.16
CA LEU A 220 -12.49 -9.50 12.60
C LEU A 220 -13.52 -10.12 11.68
N GLY A 221 -13.10 -11.06 10.84
CA GLY A 221 -14.07 -11.78 10.02
C GLY A 221 -15.13 -12.48 10.86
N ILE A 222 -14.68 -13.19 11.89
CA ILE A 222 -15.63 -13.87 12.78
C ILE A 222 -16.64 -12.88 13.37
N LEU A 223 -16.14 -11.74 13.84
CA LEU A 223 -17.00 -10.73 14.45
C LEU A 223 -18.07 -10.28 13.47
N MET A 224 -17.66 -9.94 12.24
CA MET A 224 -18.66 -9.52 11.25
C MET A 224 -19.75 -10.56 11.11
N TYR A 225 -19.34 -11.83 10.95
CA TYR A 225 -20.33 -12.91 10.79
C TYR A 225 -21.30 -12.96 11.96
N GLU A 226 -20.76 -12.96 13.19
CA GLU A 226 -21.62 -13.06 14.38
C GLU A 226 -22.56 -11.87 14.48
N LEU A 227 -22.04 -10.65 14.25
CA LEU A 227 -22.89 -9.45 14.37
C LEU A 227 -24.01 -9.48 13.33
N LEU A 228 -23.72 -10.00 12.14
CA LEU A 228 -24.73 -10.00 11.10
C LEU A 228 -25.76 -11.11 11.28
N THR A 229 -25.42 -12.18 12.00
CA THR A 229 -26.32 -13.31 12.09
C THR A 229 -26.73 -13.70 13.50
N GLY A 230 -26.04 -13.22 14.54
CA GLY A 230 -26.34 -13.64 15.89
C GLY A 230 -25.52 -14.82 16.39
N SER A 231 -24.77 -15.49 15.52
CA SER A 231 -23.97 -16.63 15.90
C SER A 231 -22.67 -16.63 15.11
N PRO A 232 -21.58 -17.12 15.70
CA PRO A 232 -20.31 -17.19 14.99
C PRO A 232 -20.36 -18.26 13.91
N PRO A 233 -19.52 -18.15 12.88
CA PRO A 233 -19.65 -19.09 11.76
C PRO A 233 -19.23 -20.51 12.12
N PHE A 234 -18.23 -20.67 12.98
CA PHE A 234 -17.78 -21.98 13.42
C PHE A 234 -18.22 -22.20 14.86
N SER A 235 -19.08 -23.20 15.07
CA SER A 235 -19.58 -23.57 16.39
C SER A 235 -19.90 -25.05 16.38
N GLY A 236 -19.46 -25.76 17.44
CA GLY A 236 -19.72 -27.18 17.53
C GLY A 236 -20.32 -27.62 18.85
N PRO A 237 -20.62 -28.92 18.96
CA PRO A 237 -21.16 -29.44 20.23
C PRO A 237 -20.16 -29.39 21.36
N ASP A 238 -18.87 -29.56 21.07
CA ASP A 238 -17.81 -29.43 22.06
C ASP A 238 -16.75 -28.48 21.52
N PRO A 239 -15.99 -27.82 22.40
CA PRO A 239 -14.96 -26.88 21.92
C PRO A 239 -13.98 -27.52 20.95
N MET A 240 -13.73 -28.83 21.09
CA MET A 240 -12.87 -29.53 20.14
C MET A 240 -13.53 -29.57 18.76
N LYS A 241 -14.84 -29.84 18.74
CA LYS A 241 -15.57 -29.81 17.47
C LYS A 241 -15.58 -28.41 16.88
N THR A 242 -15.67 -27.38 17.73
CA THR A 242 -15.55 -26.01 17.24
C THR A 242 -14.20 -25.78 16.58
N TYR A 243 -13.13 -26.24 17.22
CA TYR A 243 -11.80 -26.10 16.63
C TYR A 243 -11.70 -26.86 15.31
N ASN A 244 -12.29 -28.05 15.23
CA ASN A 244 -12.26 -28.80 13.97
C ASN A 244 -13.00 -28.06 12.88
N ILE A 245 -14.16 -27.47 13.21
CA ILE A 245 -14.91 -26.69 12.23
C ILE A 245 -14.08 -25.51 11.76
N ILE A 246 -13.41 -24.82 12.70
CA ILE A 246 -12.54 -23.72 12.34
C ILE A 246 -11.46 -24.20 11.38
N LEU A 247 -10.83 -25.32 11.71
CA LEU A 247 -9.75 -25.86 10.90
C LEU A 247 -10.22 -26.29 9.51
N ARG A 248 -11.53 -26.56 9.34
CA ARG A 248 -12.03 -26.84 7.99
C ARG A 248 -12.09 -25.58 7.13
N GLY A 249 -12.23 -24.40 7.72
CA GLY A 249 -12.09 -23.17 6.97
C GLY A 249 -13.42 -22.55 6.58
N ILE A 250 -13.36 -21.27 6.21
CA ILE A 250 -14.55 -20.51 5.87
C ILE A 250 -15.13 -20.89 4.50
N ASP A 251 -14.31 -21.38 3.57
CA ASP A 251 -14.78 -21.64 2.22
C ASP A 251 -15.78 -22.79 2.12
N MET A 252 -15.97 -23.56 3.19
CA MET A 252 -16.95 -24.63 3.20
C MET A 252 -18.29 -24.22 3.81
N ILE A 253 -18.40 -22.99 4.28
CA ILE A 253 -19.57 -22.55 5.03
C ILE A 253 -20.58 -21.91 4.07
N GLU A 254 -21.85 -22.31 4.22
CA GLU A 254 -22.93 -21.66 3.49
C GLU A 254 -23.32 -20.40 4.26
N PHE A 255 -23.25 -19.26 3.60
CA PHE A 255 -23.52 -17.98 4.23
C PHE A 255 -25.01 -17.68 4.14
N PRO A 256 -25.70 -17.45 5.25
CA PRO A 256 -27.13 -17.14 5.18
C PRO A 256 -27.39 -15.97 4.25
N LYS A 257 -28.58 -15.96 3.65
CA LYS A 257 -28.93 -14.91 2.70
C LYS A 257 -28.94 -13.53 3.35
N LYS A 258 -29.06 -13.47 4.67
CA LYS A 258 -29.01 -12.20 5.40
C LYS A 258 -27.71 -11.45 5.10
N ILE A 259 -26.61 -12.17 4.92
CA ILE A 259 -25.30 -11.54 4.73
C ILE A 259 -25.20 -11.01 3.30
N ALA A 260 -25.04 -9.70 3.18
CA ALA A 260 -24.90 -9.05 1.88
C ALA A 260 -23.65 -9.56 1.16
N LYS A 261 -23.65 -9.39 -0.17
CA LYS A 261 -22.57 -9.92 -0.99
C LYS A 261 -21.21 -9.35 -0.58
N ASN A 262 -21.14 -8.03 -0.40
CA ASN A 262 -19.86 -7.42 -0.05
C ASN A 262 -19.40 -7.83 1.35
N ALA A 263 -20.34 -7.99 2.28
CA ALA A 263 -19.98 -8.45 3.61
C ALA A 263 -19.40 -9.87 3.57
N ALA A 264 -20.04 -10.77 2.81
CA ALA A 264 -19.51 -12.12 2.70
C ALA A 264 -18.12 -12.11 2.05
N ASN A 265 -17.94 -11.29 1.03
CA ASN A 265 -16.64 -11.21 0.38
C ASN A 265 -15.57 -10.80 1.38
N LEU A 266 -15.84 -9.76 2.16
CA LEU A 266 -14.89 -9.30 3.16
C LEU A 266 -14.63 -10.37 4.22
N ILE A 267 -15.69 -11.00 4.72
CA ILE A 267 -15.52 -12.05 5.74
C ILE A 267 -14.60 -13.14 5.22
N LYS A 268 -14.82 -13.59 3.99
CA LYS A 268 -13.99 -14.66 3.45
C LYS A 268 -12.55 -14.19 3.24
N LYS A 269 -12.35 -12.92 2.89
CA LYS A 269 -10.99 -12.42 2.72
C LYS A 269 -10.27 -12.26 4.06
N LEU A 270 -11.01 -12.01 5.12
CA LEU A 270 -10.41 -11.92 6.45
C LEU A 270 -10.11 -13.29 7.02
N CYS A 271 -11.01 -14.25 6.82
CA CYS A 271 -10.86 -15.58 7.39
C CYS A 271 -10.14 -16.53 6.44
N ARG A 272 -9.03 -16.08 5.86
CA ARG A 272 -8.16 -16.97 5.12
C ARG A 272 -7.41 -17.89 6.08
N ASP A 273 -7.33 -19.18 5.73
CA ASP A 273 -6.56 -20.11 6.54
C ASP A 273 -5.11 -19.65 6.64
N ASN A 274 -4.55 -19.22 5.52
CA ASN A 274 -3.14 -18.81 5.48
C ASN A 274 -3.02 -17.37 5.96
N PRO A 275 -2.31 -17.11 7.05
CA PRO A 275 -2.20 -15.72 7.55
C PRO A 275 -1.67 -14.74 6.53
N SER A 276 -0.73 -15.18 5.67
CA SER A 276 -0.15 -14.27 4.70
C SER A 276 -1.14 -13.85 3.62
N GLU A 277 -2.28 -14.52 3.50
CA GLU A 277 -3.29 -14.18 2.51
C GLU A 277 -4.41 -13.32 3.06
N ARG A 278 -4.41 -13.04 4.36
CA ARG A 278 -5.54 -12.35 4.98
C ARG A 278 -5.57 -10.88 4.63
N LEU A 279 -6.74 -10.38 4.27
CA LEU A 279 -6.91 -8.95 4.06
C LEU A 279 -6.52 -8.20 5.33
N GLY A 280 -5.81 -7.09 5.16
CA GLY A 280 -5.16 -6.38 6.24
C GLY A 280 -3.70 -6.73 6.40
N ASN A 281 -3.32 -7.93 5.98
CA ASN A 281 -1.94 -8.40 6.02
C ASN A 281 -1.28 -8.35 4.65
N LEU A 282 -1.91 -7.67 3.68
CA LEU A 282 -1.39 -7.65 2.32
C LEU A 282 -0.64 -6.35 2.05
N LYS A 283 -0.70 -5.86 0.81
CA LYS A 283 0.21 -4.82 0.37
C LYS A 283 -0.01 -3.51 1.12
N ASN A 284 -1.26 -3.12 1.37
CA ASN A 284 -1.57 -1.83 1.95
C ASN A 284 -2.06 -1.92 3.39
N GLY A 285 -1.82 -3.06 4.05
CA GLY A 285 -2.20 -3.18 5.45
C GLY A 285 -3.68 -2.98 5.68
N VAL A 286 -4.02 -2.35 6.81
CA VAL A 286 -5.41 -2.14 7.17
C VAL A 286 -6.15 -1.31 6.13
N LYS A 287 -5.43 -0.51 5.34
CA LYS A 287 -6.07 0.26 4.28
C LYS A 287 -6.81 -0.65 3.31
N ASP A 288 -6.28 -1.85 3.05
CA ASP A 288 -6.96 -2.77 2.14
C ASP A 288 -8.32 -3.17 2.71
N ILE A 289 -8.44 -3.26 4.03
CA ILE A 289 -9.76 -3.47 4.62
C ILE A 289 -10.63 -2.23 4.44
N GLN A 290 -10.06 -1.04 4.68
CA GLN A 290 -10.87 0.18 4.67
C GLN A 290 -11.38 0.51 3.27
N LYS A 291 -10.68 0.07 2.22
CA LYS A 291 -11.10 0.33 0.86
C LYS A 291 -11.93 -0.81 0.27
N HIS A 292 -12.22 -1.85 1.04
CA HIS A 292 -13.05 -2.94 0.53
C HIS A 292 -14.44 -2.41 0.16
N LYS A 293 -15.04 -3.04 -0.85
CA LYS A 293 -16.30 -2.56 -1.41
C LYS A 293 -17.41 -2.49 -0.36
N TRP A 294 -17.34 -3.31 0.69
CA TRP A 294 -18.33 -3.24 1.75
C TRP A 294 -18.40 -1.86 2.38
N PHE A 295 -17.28 -1.17 2.42
CA PHE A 295 -17.20 0.16 3.00
C PHE A 295 -17.45 1.27 1.99
N GLU A 296 -17.93 0.93 0.79
CA GLU A 296 -18.26 1.95 -0.20
C GLU A 296 -19.33 2.88 0.36
N GLY A 297 -19.04 4.18 0.34
CA GLY A 297 -19.95 5.15 0.91
C GLY A 297 -19.84 5.33 2.39
N PHE A 298 -18.95 4.59 3.06
CA PHE A 298 -18.77 4.76 4.50
C PHE A 298 -17.84 5.94 4.75
N ASN A 299 -18.25 6.82 5.68
CA ASN A 299 -17.52 8.06 5.94
C ASN A 299 -16.49 7.81 7.05
N TRP A 300 -15.32 7.30 6.63
CA TRP A 300 -14.24 7.03 7.58
C TRP A 300 -13.77 8.30 8.27
N GLU A 301 -13.68 9.40 7.54
CA GLU A 301 -13.23 10.65 8.15
C GLU A 301 -14.22 11.12 9.22
N GLY A 302 -15.51 11.00 8.94
CA GLY A 302 -16.51 11.34 9.95
C GLY A 302 -16.45 10.42 11.15
N LEU A 303 -16.18 9.14 10.92
CA LEU A 303 -15.99 8.21 12.03
C LEU A 303 -14.84 8.67 12.92
N ARG A 304 -13.71 9.02 12.31
CA ARG A 304 -12.55 9.46 13.09
C ARG A 304 -12.83 10.78 13.79
N LYS A 305 -13.68 11.62 13.21
CA LYS A 305 -14.03 12.90 13.82
C LYS A 305 -15.16 12.78 14.83
N GLY A 306 -15.87 11.67 14.87
CA GLY A 306 -17.01 11.55 15.74
C GLY A 306 -18.27 12.20 15.22
N THR A 307 -18.25 12.72 13.99
CA THR A 307 -19.43 13.35 13.41
C THR A 307 -20.38 12.35 12.78
N LEU A 308 -19.93 11.13 12.52
CA LEU A 308 -20.80 10.10 11.95
C LEU A 308 -21.85 9.70 12.97
N THR A 309 -23.10 9.60 12.53
CA THR A 309 -24.18 9.26 13.43
C THR A 309 -24.20 7.75 13.66
N PRO A 310 -24.06 7.28 14.89
CA PRO A 310 -24.04 5.84 15.17
C PRO A 310 -25.39 5.20 14.85
N PRO A 311 -25.41 3.89 14.62
CA PRO A 311 -26.66 3.21 14.26
C PRO A 311 -27.61 3.03 15.42
N ILE A 312 -27.07 2.96 16.63
CA ILE A 312 -27.85 2.77 17.85
C ILE A 312 -27.47 3.87 18.83
N ILE A 313 -28.43 4.71 19.22
CA ILE A 313 -28.19 5.83 20.12
C ILE A 313 -28.58 5.37 21.53
N PRO A 314 -27.61 5.09 22.42
CA PRO A 314 -27.97 4.67 23.77
C PRO A 314 -28.55 5.82 24.57
N SER A 315 -29.40 5.47 25.53
CA SER A 315 -29.92 6.42 26.50
C SER A 315 -29.10 6.30 27.78
N VAL A 316 -28.45 7.40 28.14
CA VAL A 316 -27.64 7.49 29.36
C VAL A 316 -28.10 8.75 30.11
N ALA A 317 -28.74 8.56 31.26
CA ALA A 317 -29.35 9.69 31.96
C ALA A 317 -28.34 10.52 32.77
N SER A 318 -27.31 9.88 33.30
CA SER A 318 -26.36 10.54 34.18
C SER A 318 -25.08 9.72 34.20
N PRO A 319 -23.99 10.25 34.77
CA PRO A 319 -22.76 9.45 34.93
C PRO A 319 -22.93 8.23 35.83
N THR A 320 -24.05 8.06 36.52
CA THR A 320 -24.28 6.89 37.36
C THR A 320 -25.28 5.91 36.77
N ASP A 321 -25.74 6.16 35.54
CA ASP A 321 -26.79 5.35 34.92
C ASP A 321 -26.21 4.04 34.41
N THR A 322 -26.60 2.92 35.03
CA THR A 322 -26.20 1.59 34.58
C THR A 322 -27.35 0.85 33.90
N SER A 323 -28.38 1.56 33.44
CA SER A 323 -29.55 0.89 32.90
C SER A 323 -29.24 0.11 31.63
N ASN A 324 -28.12 0.38 30.98
CA ASN A 324 -27.76 -0.32 29.76
C ASN A 324 -26.95 -1.58 30.03
N PHE A 325 -26.77 -1.95 31.29
CA PHE A 325 -26.04 -3.14 31.67
C PHE A 325 -26.92 -4.09 32.47
N ASP A 326 -26.57 -5.37 32.40
CA ASP A 326 -27.16 -6.38 33.28
C ASP A 326 -26.78 -6.10 34.73
N SER A 327 -27.48 -6.77 35.65
CA SER A 327 -27.19 -6.67 37.07
C SER A 327 -26.27 -7.81 37.50
N PHE A 328 -25.38 -7.51 38.45
CA PHE A 328 -24.51 -8.54 38.99
C PHE A 328 -24.52 -8.48 40.51
N PRO A 329 -24.66 -9.62 41.19
CA PRO A 329 -24.60 -9.62 42.66
C PRO A 329 -23.22 -9.23 43.14
N GLU A 330 -23.19 -8.59 44.31
CA GLU A 330 -21.92 -8.20 44.89
C GLU A 330 -21.07 -9.43 45.15
N ASP A 331 -19.76 -9.24 45.14
CA ASP A 331 -18.85 -10.36 45.36
C ASP A 331 -19.01 -10.80 46.81
N ASN A 332 -19.36 -12.08 47.01
CA ASN A 332 -19.62 -12.60 48.35
C ASN A 332 -18.58 -13.60 48.80
N ASP A 333 -17.47 -13.69 48.09
CA ASP A 333 -16.38 -14.57 48.47
C ASP A 333 -15.61 -13.99 49.66
N GLU A 334 -14.96 -14.88 50.40
CA GLU A 334 -13.98 -14.45 51.38
C GLU A 334 -12.84 -13.72 50.65
N PRO A 335 -12.24 -12.70 51.26
CA PRO A 335 -11.13 -12.00 50.61
C PRO A 335 -10.03 -12.98 50.24
N PRO A 336 -9.40 -12.79 49.08
CA PRO A 336 -8.35 -13.72 48.63
C PRO A 336 -7.09 -13.56 49.47
N PRO A 337 -6.16 -14.51 49.39
CA PRO A 337 -4.92 -14.40 50.16
C PRO A 337 -4.07 -13.22 49.69
N ASP A 338 -3.25 -12.73 50.62
CA ASP A 338 -2.26 -11.71 50.29
C ASP A 338 -1.29 -12.24 49.24
N ASP A 339 -0.85 -11.35 48.35
CA ASP A 339 0.21 -11.65 47.41
C ASP A 339 1.20 -10.48 47.42
N ASN A 340 2.26 -10.62 48.23
CA ASN A 340 3.31 -9.61 48.28
C ASN A 340 4.60 -10.13 47.62
N SER A 341 4.46 -11.08 46.69
CA SER A 341 5.63 -11.65 46.01
C SER A 341 6.34 -10.61 45.15
N GLY A 342 5.65 -9.54 44.76
CA GLY A 342 6.29 -8.40 44.14
C GLY A 342 6.19 -8.32 42.64
N TRP A 343 5.52 -9.27 41.97
CA TRP A 343 5.37 -9.17 40.53
C TRP A 343 4.50 -8.00 40.10
N ASP A 344 3.79 -7.36 41.03
CA ASP A 344 2.90 -6.25 40.72
C ASP A 344 3.54 -4.90 41.02
N ILE A 345 4.87 -4.82 40.89
CA ILE A 345 5.60 -3.64 41.35
C ILE A 345 5.13 -2.39 40.60
N ASP A 346 4.81 -2.55 39.32
CA ASP A 346 4.45 -1.41 38.47
C ASP A 346 3.02 -0.92 38.69
N PHE A 347 2.16 -1.70 39.33
CA PHE A 347 0.77 -1.29 39.47
C PHE A 347 0.59 -0.23 40.55
N GLU B 22 10.03 58.62 7.95
CA GLU B 22 11.40 58.48 7.44
C GLU B 22 11.65 57.10 6.86
N ALA B 23 11.52 56.98 5.54
CA ALA B 23 11.80 55.72 4.87
C ALA B 23 13.25 55.32 5.09
N GLU B 24 13.47 54.09 5.55
CA GLU B 24 14.81 53.62 5.89
C GLU B 24 15.18 52.34 5.16
N ALA B 25 16.41 52.31 4.65
CA ALA B 25 16.94 51.11 4.02
C ALA B 25 16.93 49.94 5.00
N ALA B 26 17.34 50.20 6.24
CA ALA B 26 17.35 49.27 7.37
C ALA B 26 15.95 48.91 7.92
N PHE B 27 14.83 49.26 7.27
CA PHE B 27 13.52 48.99 7.87
C PHE B 27 13.32 47.50 8.12
N PHE B 28 13.67 46.66 7.15
CA PHE B 28 13.49 45.22 7.32
C PHE B 28 14.57 44.63 8.20
N ALA B 29 15.78 45.19 8.14
CA ALA B 29 16.87 44.70 8.99
C ALA B 29 16.57 44.92 10.47
N ASN B 30 15.84 45.98 10.79
CA ASN B 30 15.50 46.32 12.17
C ASN B 30 14.35 45.48 12.73
N LEU B 31 13.64 44.73 11.90
CA LEU B 31 12.48 44.00 12.38
C LEU B 31 12.88 42.77 13.19
N LYS B 32 12.00 42.38 14.11
CA LYS B 32 12.11 41.13 14.83
C LYS B 32 10.81 40.37 14.67
N LEU B 33 10.86 39.06 14.94
CA LEU B 33 9.66 38.25 14.88
C LEU B 33 8.58 38.78 15.81
N SER B 34 8.98 39.35 16.95
CA SER B 34 8.04 39.92 17.90
C SER B 34 7.30 41.14 17.35
N ASP B 35 7.70 41.66 16.19
CA ASP B 35 7.01 42.78 15.57
C ASP B 35 5.76 42.36 14.80
N PHE B 36 5.44 41.07 14.72
CA PHE B 36 4.33 40.59 13.90
C PHE B 36 3.27 39.88 14.73
N ASN B 37 2.02 39.99 14.27
CA ASN B 37 0.93 39.17 14.75
C ASN B 37 0.53 38.19 13.65
N ILE B 38 0.25 36.95 14.02
CA ILE B 38 -0.25 35.96 13.08
C ILE B 38 -1.75 36.14 12.90
N ILE B 39 -2.19 36.22 11.64
CA ILE B 39 -3.60 36.42 11.34
C ILE B 39 -4.31 35.09 11.11
N ASP B 40 -3.89 34.37 10.07
CA ASP B 40 -4.51 33.10 9.73
C ASP B 40 -3.59 32.39 8.74
N THR B 41 -3.85 31.11 8.53
CA THR B 41 -2.99 30.27 7.70
C THR B 41 -3.37 30.37 6.23
N LEU B 42 -2.36 30.59 5.38
CA LEU B 42 -2.52 30.65 3.94
C LEU B 42 -2.33 29.27 3.30
N GLY B 43 -1.40 28.48 3.82
CA GLY B 43 -1.17 27.17 3.24
C GLY B 43 -0.33 26.31 4.15
N VAL B 44 -0.40 25.01 3.89
CA VAL B 44 0.45 24.02 4.54
C VAL B 44 1.02 23.16 3.43
N GLY B 45 2.29 22.79 3.56
CA GLY B 45 2.96 22.04 2.52
C GLY B 45 3.86 20.99 3.12
N GLY B 46 4.54 20.26 2.23
CA GLY B 46 5.39 19.18 2.69
C GLY B 46 6.60 19.64 3.47
N PHE B 47 7.08 20.86 3.25
CA PHE B 47 8.28 21.33 3.93
C PHE B 47 8.04 22.46 4.92
N GLY B 48 6.93 23.18 4.82
CA GLY B 48 6.70 24.23 5.78
C GLY B 48 5.26 24.71 5.73
N ARG B 49 4.98 25.72 6.55
CA ARG B 49 3.65 26.27 6.69
C ARG B 49 3.72 27.78 6.43
N VAL B 50 2.71 28.31 5.74
CA VAL B 50 2.68 29.73 5.42
C VAL B 50 1.51 30.38 6.14
N GLU B 51 1.83 31.35 6.99
CA GLU B 51 0.86 32.11 7.76
C GLU B 51 0.81 33.54 7.22
N LEU B 52 -0.40 34.10 7.16
CA LEU B 52 -0.53 35.53 6.95
C LEU B 52 -0.19 36.23 8.26
N VAL B 53 0.79 37.13 8.22
CA VAL B 53 1.20 37.85 9.41
C VAL B 53 1.00 39.33 9.16
N GLN B 54 0.88 40.08 10.25
CA GLN B 54 0.59 41.50 10.21
C GLN B 54 1.63 42.23 11.05
N LEU B 55 2.16 43.32 10.50
CA LEU B 55 3.05 44.19 11.26
C LEU B 55 2.23 44.88 12.35
N LYS B 56 2.62 44.67 13.61
CA LYS B 56 1.80 45.16 14.72
C LYS B 56 1.62 46.67 14.65
N SER B 57 2.68 47.39 14.26
CA SER B 57 2.65 48.85 14.21
C SER B 57 1.94 49.41 12.99
N GLU B 58 1.68 48.60 11.97
CA GLU B 58 1.02 49.06 10.73
C GLU B 58 0.06 47.96 10.30
N GLU B 59 -1.20 48.06 10.74
CA GLU B 59 -2.15 46.98 10.53
C GLU B 59 -2.48 46.79 9.05
N SER B 60 -2.19 47.79 8.21
CA SER B 60 -2.41 47.67 6.77
C SER B 60 -1.32 46.88 6.05
N LYS B 61 -0.19 46.60 6.70
CA LYS B 61 0.91 45.87 6.08
C LYS B 61 0.86 44.43 6.56
N THR B 62 0.49 43.52 5.66
CA THR B 62 0.54 42.10 5.93
C THR B 62 1.49 41.42 4.95
N PHE B 63 1.93 40.22 5.35
CA PHE B 63 2.93 39.45 4.63
C PHE B 63 2.60 37.98 4.77
N ALA B 64 3.18 37.17 3.88
CA ALA B 64 3.15 35.73 4.03
C ALA B 64 4.45 35.31 4.70
N MET B 65 4.35 34.63 5.83
CA MET B 65 5.52 34.11 6.54
C MET B 65 5.57 32.59 6.36
N LYS B 66 6.57 32.12 5.62
CA LYS B 66 6.81 30.69 5.50
C LYS B 66 7.66 30.25 6.68
N ILE B 67 7.17 29.26 7.42
CA ILE B 67 7.80 28.78 8.65
C ILE B 67 8.19 27.32 8.45
N LEU B 68 9.49 27.03 8.62
CA LEU B 68 10.03 25.70 8.41
C LEU B 68 10.64 25.19 9.70
N LYS B 69 10.33 23.95 10.06
CA LYS B 69 10.95 23.31 11.21
C LYS B 69 12.35 22.84 10.82
N LYS B 70 13.36 23.32 11.54
CA LYS B 70 14.74 22.98 11.17
C LYS B 70 14.98 21.48 11.30
N ARG B 71 14.38 20.85 12.30
CA ARG B 71 14.50 19.41 12.43
C ARG B 71 13.92 18.70 11.22
N HIS B 72 12.79 19.19 10.71
CA HIS B 72 12.18 18.62 9.51
C HIS B 72 13.06 18.85 8.29
N ILE B 73 13.72 20.01 8.21
CA ILE B 73 14.65 20.26 7.11
C ILE B 73 15.81 19.28 7.14
N VAL B 74 16.36 19.02 8.34
CA VAL B 74 17.46 18.08 8.45
C VAL B 74 17.00 16.66 8.11
N ASP B 75 15.84 16.26 8.62
CA ASP B 75 15.33 14.91 8.40
C ASP B 75 15.11 14.61 6.92
N THR B 76 14.58 15.57 6.17
CA THR B 76 14.28 15.37 4.77
C THR B 76 15.41 15.74 3.82
N ARG B 77 16.58 16.05 4.36
CA ARG B 77 17.78 16.33 3.57
C ARG B 77 17.58 17.52 2.64
N GLN B 78 17.10 18.64 3.20
CA GLN B 78 16.78 19.83 2.41
C GLN B 78 17.58 21.07 2.78
N GLN B 79 18.70 20.93 3.52
CA GLN B 79 19.43 22.12 3.94
C GLN B 79 19.91 22.94 2.74
N GLU B 80 20.59 22.29 1.79
CA GLU B 80 21.06 23.01 0.61
C GLU B 80 19.89 23.58 -0.19
N HIS B 81 18.79 22.82 -0.27
CA HIS B 81 17.62 23.30 -1.00
C HIS B 81 17.04 24.55 -0.37
N ILE B 82 17.02 24.63 0.97
CA ILE B 82 16.46 25.80 1.62
C ILE B 82 17.40 26.99 1.45
N ARG B 83 18.71 26.75 1.50
CA ARG B 83 19.65 27.83 1.21
C ARG B 83 19.42 28.40 -0.19
N SER B 84 19.23 27.51 -1.18
CA SER B 84 18.99 27.96 -2.54
C SER B 84 17.64 28.68 -2.65
N GLU B 85 16.61 28.17 -1.97
CA GLU B 85 15.30 28.81 -2.00
C GLU B 85 15.41 30.26 -1.53
N LYS B 86 16.08 30.47 -0.39
CA LYS B 86 16.30 31.83 0.10
C LYS B 86 17.08 32.67 -0.91
N GLN B 87 18.20 32.14 -1.43
CA GLN B 87 19.05 32.93 -2.32
C GLN B 87 18.30 33.35 -3.57
N ILE B 88 17.61 32.41 -4.20
CA ILE B 88 16.93 32.68 -5.47
C ILE B 88 15.78 33.66 -5.24
N MET B 89 14.97 33.44 -4.19
CA MET B 89 13.87 34.38 -3.96
C MET B 89 14.39 35.76 -3.61
N GLN B 90 15.50 35.84 -2.83
CA GLN B 90 16.06 37.14 -2.47
C GLN B 90 16.57 37.88 -3.69
N GLY B 91 17.18 37.17 -4.64
CA GLY B 91 17.74 37.81 -5.81
C GLY B 91 16.75 38.08 -6.93
N ALA B 92 15.54 37.54 -6.88
CA ALA B 92 14.61 37.70 -7.98
C ALA B 92 13.87 39.02 -7.89
N HIS B 93 13.68 39.66 -9.05
CA HIS B 93 12.92 40.90 -9.17
C HIS B 93 11.99 40.74 -10.39
N SER B 94 10.86 40.07 -10.17
CA SER B 94 9.90 39.83 -11.25
C SER B 94 8.50 40.03 -10.70
N ASP B 95 7.65 40.69 -11.49
CA ASP B 95 6.25 40.84 -11.11
C ASP B 95 5.51 39.51 -11.06
N PHE B 96 6.10 38.45 -11.60
CA PHE B 96 5.49 37.13 -11.65
C PHE B 96 6.12 36.18 -10.64
N ILE B 97 6.91 36.70 -9.72
CA ILE B 97 7.54 35.92 -8.66
C ILE B 97 7.32 36.67 -7.35
N VAL B 98 6.78 35.97 -6.35
CA VAL B 98 6.54 36.61 -5.06
C VAL B 98 7.85 37.14 -4.48
N ARG B 99 7.81 38.37 -4.00
CA ARG B 99 8.97 39.02 -3.40
C ARG B 99 9.27 38.40 -2.03
N LEU B 100 10.57 38.21 -1.77
CA LEU B 100 11.08 37.82 -0.47
C LEU B 100 11.78 39.01 0.17
N TYR B 101 11.23 39.48 1.30
CA TYR B 101 11.76 40.68 1.94
C TYR B 101 12.98 40.37 2.80
N ARG B 102 12.87 39.37 3.67
CA ARG B 102 13.99 38.96 4.52
C ARG B 102 13.62 37.64 5.18
N THR B 103 14.59 37.08 5.89
CA THR B 103 14.41 35.85 6.65
C THR B 103 14.71 36.11 8.12
N PHE B 104 14.19 35.22 8.97
CA PHE B 104 14.49 35.18 10.39
C PHE B 104 14.82 33.75 10.78
N LYS B 105 15.31 33.58 12.00
CA LYS B 105 15.54 32.25 12.53
C LYS B 105 15.53 32.32 14.05
N ASP B 106 15.20 31.20 14.67
CA ASP B 106 15.41 31.00 16.10
C ASP B 106 16.01 29.61 16.27
N SER B 107 15.99 29.08 17.49
CA SER B 107 16.61 27.79 17.72
C SER B 107 15.86 26.66 17.03
N LYS B 108 14.57 26.84 16.72
CA LYS B 108 13.73 25.76 16.23
C LYS B 108 13.29 25.92 14.79
N TYR B 109 13.11 27.15 14.30
CA TYR B 109 12.48 27.40 13.01
C TYR B 109 13.29 28.36 12.15
N LEU B 110 13.07 28.25 10.84
CA LEU B 110 13.45 29.26 9.86
C LEU B 110 12.19 29.96 9.37
N TYR B 111 12.32 31.26 9.08
CA TYR B 111 11.20 32.09 8.68
C TYR B 111 11.55 32.86 7.40
N MET B 112 10.64 32.85 6.43
CA MET B 112 10.79 33.64 5.21
C MET B 112 9.65 34.62 5.11
N LEU B 113 9.97 35.92 5.16
CA LEU B 113 8.98 36.99 5.14
C LEU B 113 8.75 37.42 3.70
N MET B 114 7.59 37.08 3.15
CA MET B 114 7.30 37.26 1.73
C MET B 114 6.11 38.16 1.49
N GLU B 115 6.02 38.64 0.26
CA GLU B 115 4.81 39.31 -0.22
C GLU B 115 3.62 38.35 -0.13
N ALA B 116 2.51 38.84 0.42
CA ALA B 116 1.29 38.05 0.51
C ALA B 116 0.45 38.20 -0.75
N CYS B 117 0.00 37.09 -1.31
CA CYS B 117 -0.90 37.08 -2.46
C CYS B 117 -2.24 36.52 -2.02
N LEU B 118 -3.23 37.40 -1.89
CA LEU B 118 -4.49 37.08 -1.23
C LEU B 118 -5.57 36.57 -2.17
N GLY B 119 -5.29 36.42 -3.46
CA GLY B 119 -6.29 35.92 -4.41
C GLY B 119 -6.57 34.44 -4.30
N GLY B 120 -5.68 33.67 -3.70
CA GLY B 120 -5.89 32.26 -3.44
C GLY B 120 -4.96 31.37 -4.26
N GLU B 121 -4.89 30.12 -3.84
CA GLU B 121 -4.05 29.13 -4.50
C GLU B 121 -4.77 28.63 -5.75
N LEU B 122 -4.03 28.53 -6.86
CA LEU B 122 -4.66 28.16 -8.12
C LEU B 122 -5.22 26.74 -8.07
N TRP B 123 -4.60 25.85 -7.29
CA TRP B 123 -5.08 24.47 -7.25
C TRP B 123 -6.46 24.37 -6.62
N THR B 124 -6.72 25.15 -5.56
CA THR B 124 -8.06 25.11 -4.95
C THR B 124 -9.11 25.71 -5.87
N ILE B 125 -8.74 26.78 -6.59
CA ILE B 125 -9.67 27.36 -7.57
C ILE B 125 -9.99 26.35 -8.66
N LEU B 126 -8.96 25.65 -9.17
CA LEU B 126 -9.17 24.62 -10.17
C LEU B 126 -10.05 23.50 -9.62
N ARG B 127 -9.80 23.07 -8.38
CA ARG B 127 -10.63 22.06 -7.75
C ARG B 127 -12.09 22.49 -7.68
N ASP B 128 -12.33 23.74 -7.31
CA ASP B 128 -13.70 24.22 -7.14
C ASP B 128 -14.42 24.37 -8.47
N ARG B 129 -13.66 24.64 -9.54
CA ARG B 129 -14.24 24.81 -10.87
C ARG B 129 -14.14 23.57 -11.75
N GLY B 130 -13.39 22.56 -11.34
CA GLY B 130 -13.22 21.38 -12.16
C GLY B 130 -12.15 21.56 -13.23
N SER B 131 -12.29 22.59 -14.05
CA SER B 131 -11.30 22.90 -15.07
C SER B 131 -11.41 24.37 -15.43
N PHE B 132 -10.36 24.88 -16.05
CA PHE B 132 -10.30 26.26 -16.50
C PHE B 132 -10.57 26.32 -18.00
N GLU B 133 -11.26 27.38 -18.42
CA GLU B 133 -11.47 27.63 -19.84
C GLU B 133 -10.14 27.91 -20.53
N ASP B 134 -10.16 27.86 -21.87
CA ASP B 134 -8.96 28.07 -22.64
C ASP B 134 -8.32 29.43 -22.34
N SER B 135 -9.13 30.50 -22.36
CA SER B 135 -8.58 31.85 -22.15
C SER B 135 -8.06 32.04 -20.72
N THR B 136 -8.75 31.45 -19.75
CA THR B 136 -8.28 31.49 -18.37
C THR B 136 -6.92 30.82 -18.23
N THR B 137 -6.83 29.58 -18.71
CA THR B 137 -5.57 28.85 -18.70
C THR B 137 -4.49 29.63 -19.42
N ARG B 138 -4.84 30.31 -20.51
CA ARG B 138 -3.84 31.07 -21.26
C ARG B 138 -3.26 32.19 -20.42
N PHE B 139 -4.11 32.94 -19.71
CA PHE B 139 -3.58 33.99 -18.84
C PHE B 139 -2.61 33.41 -17.82
N TYR B 140 -3.02 32.34 -17.12
CA TYR B 140 -2.15 31.82 -16.07
C TYR B 140 -0.84 31.24 -16.64
N THR B 141 -0.95 30.54 -17.77
CA THR B 141 0.23 29.99 -18.41
C THR B 141 1.19 31.10 -18.82
N ALA B 142 0.65 32.21 -19.31
CA ALA B 142 1.50 33.34 -19.69
C ALA B 142 2.23 33.92 -18.48
N CYS B 143 1.54 34.03 -17.34
CA CYS B 143 2.23 34.45 -16.12
C CYS B 143 3.42 33.54 -15.84
N VAL B 144 3.21 32.23 -15.93
CA VAL B 144 4.32 31.30 -15.70
C VAL B 144 5.42 31.52 -16.71
N VAL B 145 5.05 31.74 -17.97
CA VAL B 145 6.03 31.95 -19.04
C VAL B 145 6.91 33.16 -18.74
N GLU B 146 6.32 34.24 -18.24
CA GLU B 146 7.12 35.42 -17.89
C GLU B 146 8.07 35.13 -16.74
N ALA B 147 7.58 34.43 -15.71
CA ALA B 147 8.47 34.05 -14.61
C ALA B 147 9.62 33.20 -15.11
N PHE B 148 9.33 32.29 -16.04
CA PHE B 148 10.36 31.41 -16.59
C PHE B 148 11.33 32.18 -17.46
N ALA B 149 10.84 33.14 -18.25
CA ALA B 149 11.74 34.01 -19.02
C ALA B 149 12.77 34.64 -18.10
N TYR B 150 12.31 35.20 -16.98
CA TYR B 150 13.24 35.80 -16.02
C TYR B 150 14.24 34.77 -15.49
N LEU B 151 13.72 33.71 -14.87
CA LEU B 151 14.58 32.73 -14.20
C LEU B 151 15.57 32.11 -15.17
N HIS B 152 15.10 31.69 -16.34
CA HIS B 152 15.96 31.03 -17.32
C HIS B 152 16.97 32.00 -17.92
N SER B 153 16.61 33.28 -18.04
CA SER B 153 17.60 34.27 -18.44
C SER B 153 18.72 34.38 -17.42
N LYS B 154 18.44 34.02 -16.16
CA LYS B 154 19.52 34.01 -15.16
C LYS B 154 20.13 32.63 -14.94
N GLY B 155 19.78 31.64 -15.76
CA GLY B 155 20.34 30.30 -15.57
C GLY B 155 19.77 29.56 -14.39
N ILE B 156 18.53 29.85 -14.00
CA ILE B 156 17.90 29.28 -12.83
C ILE B 156 16.75 28.40 -13.28
N ILE B 157 16.76 27.13 -12.84
CA ILE B 157 15.64 26.22 -13.06
C ILE B 157 14.70 26.35 -11.87
N TYR B 158 13.40 26.32 -12.16
CA TYR B 158 12.41 26.44 -11.09
C TYR B 158 12.06 25.08 -10.48
N ARG B 159 11.70 24.11 -11.32
CA ARG B 159 11.68 22.68 -11.00
C ARG B 159 10.52 22.25 -10.10
N ASP B 160 9.55 23.11 -9.80
CA ASP B 160 8.41 22.62 -9.03
C ASP B 160 7.12 23.28 -9.51
N LEU B 161 6.95 23.39 -10.82
CA LEU B 161 5.71 23.95 -11.34
C LEU B 161 4.54 23.01 -11.06
N LYS B 162 3.48 23.56 -10.51
CA LYS B 162 2.24 22.83 -10.26
C LYS B 162 1.20 23.84 -9.77
N PRO B 163 -0.09 23.53 -9.92
CA PRO B 163 -1.10 24.53 -9.54
C PRO B 163 -0.99 25.01 -8.10
N GLU B 164 -0.54 24.15 -7.19
CA GLU B 164 -0.43 24.55 -5.79
C GLU B 164 0.65 25.60 -5.55
N ASN B 165 1.63 25.73 -6.46
CA ASN B 165 2.69 26.72 -6.33
C ASN B 165 2.43 27.98 -7.14
N LEU B 166 1.20 28.16 -7.62
CA LEU B 166 0.78 29.36 -8.33
C LEU B 166 -0.28 30.04 -7.49
N ILE B 167 -0.06 31.31 -7.15
CA ILE B 167 -0.96 32.04 -6.27
C ILE B 167 -1.40 33.30 -6.98
N LEU B 168 -2.66 33.68 -6.78
CA LEU B 168 -3.19 34.91 -7.34
C LEU B 168 -3.06 36.03 -6.32
N ASP B 169 -2.69 37.21 -6.79
CA ASP B 169 -2.71 38.41 -5.95
C ASP B 169 -4.14 38.95 -5.96
N HIS B 170 -4.35 40.12 -5.35
CA HIS B 170 -5.70 40.66 -5.24
C HIS B 170 -6.28 41.05 -6.60
N ARG B 171 -5.43 41.28 -7.61
CA ARG B 171 -5.92 41.63 -8.94
C ARG B 171 -6.37 40.41 -9.72
N GLY B 172 -5.88 39.22 -9.39
CA GLY B 172 -6.06 38.04 -10.20
C GLY B 172 -4.86 37.69 -11.05
N TYR B 173 -3.76 38.42 -10.90
CA TYR B 173 -2.51 38.05 -11.57
C TYR B 173 -1.87 36.90 -10.81
N ALA B 174 -1.27 35.97 -11.54
CA ALA B 174 -0.66 34.80 -10.94
C ALA B 174 0.83 35.03 -10.73
N LYS B 175 1.35 34.50 -9.62
CA LYS B 175 2.75 34.61 -9.25
C LYS B 175 3.24 33.25 -8.77
N LEU B 176 4.51 32.95 -9.05
CA LEU B 176 5.13 31.75 -8.54
C LEU B 176 5.53 31.90 -7.07
N VAL B 177 5.25 30.86 -6.29
CA VAL B 177 5.78 30.73 -4.93
C VAL B 177 6.54 29.40 -4.86
N ASP B 178 7.18 29.16 -3.72
CA ASP B 178 7.85 27.90 -3.40
C ASP B 178 9.05 27.65 -4.30
N PHE B 179 10.20 28.21 -3.94
CA PHE B 179 11.43 27.97 -4.69
C PHE B 179 12.29 26.92 -4.01
N GLY B 180 11.66 25.96 -3.33
CA GLY B 180 12.37 24.94 -2.59
C GLY B 180 13.18 23.99 -3.46
N PHE B 181 12.83 23.84 -4.73
CA PHE B 181 13.60 23.02 -5.65
C PHE B 181 14.35 23.85 -6.69
N ALA B 182 14.22 25.17 -6.66
CA ALA B 182 14.86 26.00 -7.67
C ALA B 182 16.37 25.98 -7.46
N LYS B 183 17.11 26.09 -8.55
CA LYS B 183 18.57 26.00 -8.46
C LYS B 183 19.22 26.79 -9.58
N LYS B 184 20.30 27.50 -9.26
CA LYS B 184 21.13 28.10 -10.28
C LYS B 184 22.11 27.07 -10.83
N ILE B 185 22.12 26.89 -12.15
CA ILE B 185 23.01 25.96 -12.82
C ILE B 185 23.97 26.74 -13.69
N GLY B 186 25.25 26.36 -13.64
CA GLY B 186 26.23 27.02 -14.46
C GLY B 186 25.98 26.78 -15.94
N PHE B 187 26.45 27.71 -16.76
CA PHE B 187 26.30 27.57 -18.20
C PHE B 187 26.97 26.28 -18.67
N GLY B 188 26.26 25.51 -19.50
CA GLY B 188 26.80 24.26 -19.98
C GLY B 188 26.80 23.12 -18.99
N LYS B 189 26.19 23.31 -17.82
CA LYS B 189 26.15 22.30 -16.77
C LYS B 189 24.74 21.73 -16.65
N LYS B 190 24.65 20.55 -16.05
CA LYS B 190 23.38 19.95 -15.69
C LYS B 190 23.33 19.75 -14.18
N THR B 191 22.13 19.46 -13.66
CA THR B 191 21.98 19.11 -12.26
C THR B 191 21.24 17.77 -12.18
N TRP B 192 21.29 17.13 -11.02
CA TRP B 192 20.97 15.70 -10.95
C TRP B 192 19.94 15.27 -9.93
N TPO B 193 19.55 16.17 -9.03
CA TPO B 193 18.63 15.83 -7.94
CB TPO B 193 18.45 17.02 -7.00
CG2 TPO B 193 17.60 16.59 -5.80
OG1 TPO B 193 19.72 17.43 -6.51
P TPO B 193 20.05 18.91 -7.04
O1P TPO B 193 21.58 19.23 -6.65
O2P TPO B 193 19.17 19.90 -6.35
O3P TPO B 193 19.86 19.00 -8.62
C TPO B 193 17.28 15.36 -8.47
O TPO B 193 16.66 16.03 -9.29
N PHE B 194 16.84 14.20 -7.99
CA PHE B 194 15.51 13.72 -8.25
C PHE B 194 14.52 14.44 -7.37
N CYS B 195 13.84 15.44 -7.92
CA CYS B 195 12.87 16.18 -7.14
C CYS B 195 11.79 16.74 -8.06
N GLY B 196 10.69 17.12 -7.44
CA GLY B 196 9.48 17.52 -8.15
C GLY B 196 8.32 16.62 -7.81
N THR B 197 7.19 17.02 -8.29
CA THR B 197 5.94 16.29 -8.10
C THR B 197 5.78 15.23 -9.19
N PRO B 198 5.44 13.98 -8.83
CA PRO B 198 5.53 12.88 -9.80
C PRO B 198 4.87 13.17 -11.14
N GLU B 199 3.69 13.81 -11.14
CA GLU B 199 3.00 14.08 -12.39
C GLU B 199 3.72 15.11 -13.26
N TYR B 200 4.59 15.93 -12.68
CA TYR B 200 5.20 17.03 -13.41
C TYR B 200 6.68 16.84 -13.72
N VAL B 201 7.30 15.75 -13.26
CA VAL B 201 8.74 15.58 -13.45
C VAL B 201 9.02 15.17 -14.89
N ALA B 202 10.05 15.79 -15.48
CA ALA B 202 10.43 15.52 -16.86
C ALA B 202 11.11 14.14 -16.97
N PRO B 203 11.10 13.54 -18.16
CA PRO B 203 11.68 12.19 -18.30
C PRO B 203 13.16 12.13 -17.96
N GLU B 204 13.93 13.16 -18.33
CA GLU B 204 15.35 13.15 -18.02
C GLU B 204 15.61 13.22 -16.52
N ILE B 205 14.63 13.68 -15.74
CA ILE B 205 14.78 13.62 -14.28
C ILE B 205 14.51 12.20 -13.79
N ILE B 206 13.46 11.58 -14.32
CA ILE B 206 13.16 10.18 -13.97
C ILE B 206 14.34 9.28 -14.30
N LEU B 207 14.94 9.48 -15.47
CA LEU B 207 16.01 8.60 -15.93
C LEU B 207 17.37 8.97 -15.38
N ASN B 208 17.46 9.96 -14.50
CA ASN B 208 18.74 10.34 -13.87
C ASN B 208 19.80 10.64 -14.93
N LYS B 209 19.41 11.33 -15.99
CA LYS B 209 20.31 11.70 -17.07
C LYS B 209 20.88 13.09 -16.93
N GLY B 210 20.59 13.78 -15.83
CA GLY B 210 20.94 15.18 -15.71
C GLY B 210 19.86 16.03 -16.36
N HIS B 211 19.61 17.21 -15.82
CA HIS B 211 18.60 18.09 -16.41
C HIS B 211 19.05 19.53 -16.23
N ASP B 212 18.39 20.41 -16.98
CA ASP B 212 18.65 21.84 -16.91
C ASP B 212 17.31 22.55 -17.03
N ILE B 213 17.35 23.84 -17.39
CA ILE B 213 16.13 24.66 -17.39
C ILE B 213 15.07 24.08 -18.32
N SER B 214 15.45 23.27 -19.31
CA SER B 214 14.46 22.74 -20.23
C SER B 214 13.45 21.82 -19.53
N ALA B 215 13.80 21.26 -18.38
CA ALA B 215 12.81 20.49 -17.62
C ALA B 215 11.59 21.35 -17.30
N ASP B 216 11.80 22.64 -17.03
CA ASP B 216 10.68 23.52 -16.73
C ASP B 216 9.69 23.57 -17.88
N TYR B 217 10.19 23.56 -19.13
CA TYR B 217 9.26 23.63 -20.25
C TYR B 217 8.37 22.39 -20.28
N TRP B 218 8.95 21.22 -19.98
CA TRP B 218 8.12 20.02 -19.85
C TRP B 218 7.00 20.25 -18.84
N SER B 219 7.36 20.76 -17.66
CA SER B 219 6.34 20.94 -16.63
C SER B 219 5.26 21.90 -17.10
N LEU B 220 5.64 22.90 -17.91
CA LEU B 220 4.67 23.85 -18.40
C LEU B 220 3.59 23.14 -19.22
N GLY B 221 4.02 22.20 -20.08
CA GLY B 221 3.04 21.43 -20.83
C GLY B 221 2.08 20.71 -19.89
N ILE B 222 2.64 20.03 -18.89
CA ILE B 222 1.80 19.32 -17.93
C ILE B 222 0.79 20.29 -17.33
N LEU B 223 1.28 21.48 -16.93
CA LEU B 223 0.40 22.43 -16.27
C LEU B 223 -0.78 22.76 -17.16
N MET B 224 -0.51 23.09 -18.44
CA MET B 224 -1.60 23.43 -19.34
C MET B 224 -2.64 22.32 -19.34
N TYR B 225 -2.17 21.09 -19.53
CA TYR B 225 -3.09 19.96 -19.59
C TYR B 225 -3.97 19.92 -18.36
N GLU B 226 -3.35 19.97 -17.18
CA GLU B 226 -4.14 19.85 -15.96
C GLU B 226 -5.14 21.00 -15.85
N LEU B 227 -4.68 22.22 -16.11
CA LEU B 227 -5.58 23.36 -15.97
C LEU B 227 -6.75 23.24 -16.93
N LEU B 228 -6.52 22.66 -18.11
CA LEU B 228 -7.59 22.59 -19.10
C LEU B 228 -8.56 21.45 -18.81
N THR B 229 -8.15 20.43 -18.05
CA THR B 229 -8.99 19.26 -17.86
C THR B 229 -9.24 18.87 -16.41
N GLY B 230 -8.50 19.42 -15.46
CA GLY B 230 -8.63 19.05 -14.07
C GLY B 230 -7.70 17.96 -13.61
N SER B 231 -7.00 17.29 -14.52
CA SER B 231 -6.11 16.21 -14.15
C SER B 231 -4.88 16.21 -15.07
N PRO B 232 -3.74 15.78 -14.57
CA PRO B 232 -2.52 15.73 -15.40
C PRO B 232 -2.60 14.61 -16.42
N PRO B 233 -1.84 14.71 -17.51
CA PRO B 233 -1.99 13.73 -18.60
C PRO B 233 -1.45 12.36 -18.25
N PHE B 234 -0.34 12.28 -17.51
CA PHE B 234 0.26 11.01 -17.12
C PHE B 234 -0.04 10.76 -15.65
N SER B 235 -0.78 9.70 -15.35
CA SER B 235 -1.09 9.42 -13.95
C SER B 235 -1.35 7.93 -13.74
N GLY B 236 -0.77 7.39 -12.67
CA GLY B 236 -0.97 6.02 -12.30
C GLY B 236 -1.37 5.90 -10.85
N PRO B 237 -1.63 4.68 -10.38
CA PRO B 237 -2.01 4.50 -8.98
C PRO B 237 -0.88 4.82 -8.01
N ASP B 238 0.36 4.58 -8.40
CA ASP B 238 1.54 4.89 -7.62
C ASP B 238 2.52 5.65 -8.50
N PRO B 239 3.44 6.41 -7.89
CA PRO B 239 4.42 7.15 -8.69
C PRO B 239 5.20 6.31 -9.69
N MET B 240 5.41 5.02 -9.43
CA MET B 240 6.17 4.20 -10.37
C MET B 240 5.42 4.01 -11.69
N LYS B 241 4.13 3.69 -11.63
CA LYS B 241 3.36 3.56 -12.86
C LYS B 241 3.29 4.90 -13.58
N THR B 242 3.17 5.99 -12.82
CA THR B 242 3.19 7.32 -13.40
C THR B 242 4.49 7.58 -14.15
N TYR B 243 5.62 7.19 -13.57
CA TYR B 243 6.90 7.38 -14.23
C TYR B 243 6.98 6.59 -15.53
N ASN B 244 6.49 5.34 -15.52
CA ASN B 244 6.51 4.56 -16.75
C ASN B 244 5.62 5.21 -17.83
N ILE B 245 4.45 5.71 -17.42
CA ILE B 245 3.57 6.39 -18.38
C ILE B 245 4.28 7.62 -18.96
N ILE B 246 4.91 8.41 -18.10
CA ILE B 246 5.65 9.59 -18.56
C ILE B 246 6.71 9.17 -19.57
N LEU B 247 7.46 8.12 -19.25
CA LEU B 247 8.52 7.67 -20.14
C LEU B 247 7.98 7.16 -21.47
N ARG B 248 6.70 6.77 -21.53
CA ARG B 248 6.12 6.43 -22.82
C ARG B 248 5.86 7.65 -23.69
N GLY B 249 5.67 8.83 -23.10
CA GLY B 249 5.65 10.06 -23.86
C GLY B 249 4.25 10.56 -24.15
N ILE B 250 4.17 11.83 -24.55
CA ILE B 250 2.90 12.49 -24.82
C ILE B 250 2.28 11.97 -26.12
N ASP B 251 3.09 11.45 -27.04
CA ASP B 251 2.57 11.00 -28.32
C ASP B 251 1.69 9.76 -28.21
N MET B 252 1.64 9.13 -27.04
CA MET B 252 0.75 8.00 -26.79
C MET B 252 -0.56 8.42 -26.13
N ILE B 253 -0.74 9.71 -25.89
CA ILE B 253 -1.88 10.23 -25.12
C ILE B 253 -3.00 10.63 -26.05
N GLU B 254 -4.22 10.26 -25.67
CA GLU B 254 -5.43 10.77 -26.32
C GLU B 254 -5.74 12.13 -25.74
N PHE B 255 -5.82 13.15 -26.59
CA PHE B 255 -6.13 14.49 -26.10
C PHE B 255 -7.64 14.67 -26.07
N PRO B 256 -8.23 14.97 -24.91
CA PRO B 256 -9.69 15.18 -24.87
C PRO B 256 -10.08 16.31 -25.82
N LYS B 257 -11.30 16.21 -26.35
CA LYS B 257 -11.79 17.26 -27.24
C LYS B 257 -11.92 18.60 -26.53
N LYS B 258 -12.00 18.58 -25.20
CA LYS B 258 -12.03 19.83 -24.44
C LYS B 258 -10.82 20.70 -24.75
N ILE B 259 -9.66 20.08 -24.97
CA ILE B 259 -8.44 20.83 -25.25
C ILE B 259 -8.46 21.28 -26.71
N ALA B 260 -8.40 22.60 -26.92
CA ALA B 260 -8.39 23.15 -28.26
C ALA B 260 -7.16 22.68 -29.03
N LYS B 261 -7.26 22.72 -30.36
CA LYS B 261 -6.20 22.17 -31.21
C LYS B 261 -4.87 22.88 -30.98
N ASN B 262 -4.88 24.21 -30.93
CA ASN B 262 -3.62 24.93 -30.74
C ASN B 262 -3.03 24.66 -29.37
N ALA B 263 -3.89 24.51 -28.35
CA ALA B 263 -3.40 24.17 -27.01
C ALA B 263 -2.77 22.79 -26.99
N ALA B 264 -3.40 21.82 -27.64
CA ALA B 264 -2.83 20.48 -27.73
C ALA B 264 -1.49 20.51 -28.44
N ASN B 265 -1.39 21.29 -29.52
CA ASN B 265 -0.12 21.43 -30.23
C ASN B 265 0.96 21.98 -29.31
N LEU B 266 0.63 23.05 -28.56
CA LEU B 266 1.60 23.63 -27.65
C LEU B 266 2.03 22.63 -26.58
N ILE B 267 1.06 21.92 -25.99
CA ILE B 267 1.38 20.92 -24.97
C ILE B 267 2.35 19.90 -25.53
N LYS B 268 2.08 19.41 -26.74
CA LYS B 268 2.95 18.39 -27.32
C LYS B 268 4.33 18.94 -27.63
N LYS B 269 4.42 20.22 -28.02
CA LYS B 269 5.72 20.82 -28.28
C LYS B 269 6.50 21.07 -27.00
N LEU B 270 5.81 21.32 -25.88
CA LEU B 270 6.48 21.48 -24.60
C LEU B 270 6.90 20.14 -24.01
N CYS B 271 6.06 19.12 -24.15
CA CYS B 271 6.34 17.80 -23.59
C CYS B 271 7.04 16.91 -24.61
N ARG B 272 8.06 17.44 -25.27
CA ARG B 272 8.92 16.61 -26.09
C ARG B 272 9.82 15.77 -25.18
N ASP B 273 9.94 14.48 -25.52
CA ASP B 273 10.80 13.60 -24.72
C ASP B 273 12.24 14.10 -24.70
N ASN B 274 12.75 14.51 -25.84
CA ASN B 274 14.14 14.94 -25.95
C ASN B 274 14.24 16.43 -25.61
N PRO B 275 14.98 16.80 -24.56
CA PRO B 275 15.02 18.21 -24.15
C PRO B 275 15.46 19.18 -25.23
N SER B 276 16.38 18.78 -26.12
CA SER B 276 16.88 19.70 -27.14
C SER B 276 15.81 20.08 -28.14
N GLU B 277 14.69 19.35 -28.20
CA GLU B 277 13.60 19.64 -29.11
C GLU B 277 12.46 20.41 -28.47
N ARG B 278 12.51 20.68 -27.17
CA ARG B 278 11.36 21.27 -26.49
C ARG B 278 11.22 22.75 -26.83
N LEU B 279 9.98 23.16 -27.13
CA LEU B 279 9.70 24.57 -27.31
C LEU B 279 10.09 25.33 -26.06
N GLY B 280 10.71 26.49 -26.25
CA GLY B 280 11.36 27.23 -25.21
C GLY B 280 12.85 26.97 -25.13
N ASN B 281 13.29 25.80 -25.59
CA ASN B 281 14.70 25.44 -25.62
C ASN B 281 15.29 25.55 -27.02
N LEU B 282 14.61 26.21 -27.94
CA LEU B 282 15.03 26.30 -29.33
C LEU B 282 15.70 27.63 -29.63
N LYS B 283 15.52 28.14 -30.85
CA LYS B 283 16.33 29.25 -31.33
C LYS B 283 16.10 30.54 -30.55
N ASN B 284 14.85 30.85 -30.23
CA ASN B 284 14.51 32.14 -29.61
C ASN B 284 14.13 32.01 -28.15
N GLY B 285 14.49 30.89 -27.52
CA GLY B 285 14.20 30.74 -26.10
C GLY B 285 12.72 30.85 -25.83
N VAL B 286 12.39 31.47 -24.69
CA VAL B 286 11.01 31.58 -24.27
C VAL B 286 10.16 32.35 -25.28
N LYS B 287 10.79 33.20 -26.10
CA LYS B 287 10.05 33.90 -27.14
C LYS B 287 9.33 32.93 -28.07
N ASP B 288 9.93 31.77 -28.34
CA ASP B 288 9.27 30.79 -29.20
C ASP B 288 7.96 30.30 -28.59
N ILE B 289 7.90 30.22 -27.27
CA ILE B 289 6.62 29.92 -26.62
C ILE B 289 5.65 31.07 -26.81
N GLN B 290 6.13 32.30 -26.64
CA GLN B 290 5.23 33.45 -26.66
C GLN B 290 4.61 33.66 -28.04
N LYS B 291 5.28 33.22 -29.10
CA LYS B 291 4.78 33.37 -30.47
C LYS B 291 3.96 32.18 -30.93
N HIS B 292 3.77 31.17 -30.10
CA HIS B 292 2.97 30.02 -30.52
C HIS B 292 1.53 30.45 -30.80
N LYS B 293 0.90 29.77 -31.76
CA LYS B 293 -0.42 30.19 -32.22
C LYS B 293 -1.45 30.17 -31.10
N TRP B 294 -1.25 29.35 -30.06
CA TRP B 294 -2.16 29.36 -28.93
C TRP B 294 -2.23 30.74 -28.29
N PHE B 295 -1.13 31.49 -28.33
CA PHE B 295 -1.08 32.83 -27.79
C PHE B 295 -1.42 33.90 -28.81
N GLU B 296 -1.95 33.51 -29.98
CA GLU B 296 -2.40 34.49 -30.95
C GLU B 296 -3.50 35.34 -30.33
N GLY B 297 -3.32 36.66 -30.37
CA GLY B 297 -4.26 37.57 -29.76
C GLY B 297 -4.01 37.83 -28.29
N PHE B 298 -3.03 37.18 -27.68
CA PHE B 298 -2.69 37.46 -26.30
C PHE B 298 -1.72 38.64 -26.23
N ASN B 299 -2.02 39.62 -25.38
CA ASN B 299 -1.25 40.85 -25.28
C ASN B 299 -0.18 40.71 -24.20
N TRP B 300 1.00 40.20 -24.60
CA TRP B 300 2.10 40.03 -23.65
C TRP B 300 2.52 41.35 -23.03
N GLU B 301 2.58 42.42 -23.83
CA GLU B 301 2.98 43.72 -23.30
C GLU B 301 2.00 44.20 -22.23
N GLY B 302 0.71 43.99 -22.46
CA GLY B 302 -0.27 44.35 -21.44
C GLY B 302 -0.13 43.52 -20.18
N LEU B 303 0.20 42.24 -20.34
CA LEU B 303 0.45 41.40 -19.16
C LEU B 303 1.60 41.96 -18.34
N ARG B 304 2.71 42.30 -19.00
CA ARG B 304 3.84 42.84 -18.26
C ARG B 304 3.55 44.21 -17.68
N LYS B 305 2.70 45.01 -18.34
CA LYS B 305 2.35 46.31 -17.79
C LYS B 305 1.25 46.22 -16.75
N GLY B 306 0.58 45.07 -16.65
CA GLY B 306 -0.52 44.91 -15.74
C GLY B 306 -1.85 45.46 -16.22
N THR B 307 -1.94 45.89 -17.48
CA THR B 307 -3.20 46.44 -17.97
C THR B 307 -4.17 45.35 -18.36
N LEU B 308 -3.69 44.14 -18.57
CA LEU B 308 -4.53 43.04 -19.03
C LEU B 308 -5.52 42.62 -17.94
N THR B 309 -6.77 42.38 -18.34
CA THR B 309 -7.81 42.01 -17.40
C THR B 309 -7.71 40.51 -17.07
N PRO B 310 -7.47 40.13 -15.82
CA PRO B 310 -7.36 38.71 -15.48
C PRO B 310 -8.68 37.98 -15.66
N PRO B 311 -8.64 36.65 -15.84
CA PRO B 311 -9.87 35.90 -16.09
C PRO B 311 -10.72 35.70 -14.85
N ILE B 312 -10.09 35.71 -13.67
CA ILE B 312 -10.79 35.55 -12.41
C ILE B 312 -10.39 36.70 -11.50
N ILE B 313 -11.36 37.51 -11.12
CA ILE B 313 -11.12 38.67 -10.27
C ILE B 313 -11.42 38.24 -8.84
N PRO B 314 -10.42 38.05 -7.98
CA PRO B 314 -10.70 37.68 -6.60
C PRO B 314 -11.31 38.84 -5.85
N SER B 315 -12.12 38.50 -4.85
CA SER B 315 -12.65 39.48 -3.92
C SER B 315 -11.81 39.41 -2.65
N VAL B 316 -11.13 40.52 -2.34
CA VAL B 316 -10.28 40.63 -1.17
C VAL B 316 -10.70 41.90 -0.44
N ALA B 317 -11.29 41.75 0.75
CA ALA B 317 -11.87 42.90 1.44
C ALA B 317 -10.82 43.75 2.13
N SER B 318 -9.74 43.16 2.61
CA SER B 318 -8.73 43.88 3.37
C SER B 318 -7.43 43.09 3.30
N PRO B 319 -6.31 43.68 3.73
CA PRO B 319 -5.05 42.92 3.78
C PRO B 319 -5.08 41.73 4.74
N THR B 320 -6.12 41.57 5.54
CA THR B 320 -6.24 40.44 6.44
C THR B 320 -7.27 39.42 5.97
N ASP B 321 -7.84 39.60 4.79
CA ASP B 321 -8.86 38.69 4.28
C ASP B 321 -8.19 37.46 3.70
N THR B 322 -8.39 36.31 4.35
CA THR B 322 -7.91 35.03 3.86
C THR B 322 -9.04 34.16 3.30
N SER B 323 -10.17 34.77 2.94
CA SER B 323 -11.34 33.98 2.54
C SER B 323 -11.12 33.21 1.24
N ASN B 324 -10.11 33.56 0.46
CA ASN B 324 -9.85 32.89 -0.80
C ASN B 324 -8.97 31.65 -0.60
N PHE B 325 -8.68 31.29 0.64
CA PHE B 325 -7.89 30.13 0.96
C PHE B 325 -8.73 29.16 1.77
N ASP B 326 -8.38 27.88 1.69
CA ASP B 326 -9.03 26.90 2.54
C ASP B 326 -8.74 27.22 4.01
N SER B 327 -9.52 26.60 4.88
CA SER B 327 -9.30 26.75 6.30
C SER B 327 -8.36 25.66 6.77
N PHE B 328 -7.48 26.02 7.69
CA PHE B 328 -6.53 25.08 8.24
C PHE B 328 -6.59 25.19 9.76
N PRO B 329 -6.57 24.08 10.48
CA PRO B 329 -6.51 24.18 11.94
C PRO B 329 -5.20 24.86 12.31
N GLU B 330 -5.26 25.73 13.32
CA GLU B 330 -4.08 26.50 13.67
C GLU B 330 -2.96 25.59 14.13
N ASP B 331 -1.72 25.97 13.79
CA ASP B 331 -0.58 25.15 14.18
C ASP B 331 -0.34 25.35 15.68
N ASN B 332 -0.61 24.31 16.44
CA ASN B 332 -0.43 24.29 17.89
C ASN B 332 0.50 23.17 18.30
N ASP B 333 1.30 22.67 17.37
CA ASP B 333 2.15 21.53 17.67
C ASP B 333 3.19 21.91 18.72
N GLU B 334 3.62 20.90 19.47
CA GLU B 334 4.70 21.10 20.42
C GLU B 334 5.93 21.59 19.68
N PRO B 335 6.69 22.51 20.24
CA PRO B 335 7.89 23.00 19.57
C PRO B 335 8.83 21.85 19.25
N PRO B 336 9.43 21.85 18.08
CA PRO B 336 10.38 20.79 17.73
C PRO B 336 11.64 20.97 18.54
N PRO B 337 12.53 19.97 18.57
CA PRO B 337 13.77 20.13 19.33
C PRO B 337 14.58 21.30 18.77
N ASP B 338 15.38 21.90 19.65
CA ASP B 338 16.28 22.95 19.20
C ASP B 338 17.25 22.42 18.15
N ASP B 339 17.56 23.28 17.19
CA ASP B 339 18.62 23.01 16.21
C ASP B 339 19.47 24.27 16.31
N ASN B 340 20.47 24.21 17.19
CA ASN B 340 21.42 25.28 17.36
C ASN B 340 22.71 24.93 16.64
N SER B 341 22.55 24.09 15.62
CA SER B 341 23.64 23.51 14.88
C SER B 341 24.39 24.53 14.01
N GLY B 342 23.70 25.52 13.46
CA GLY B 342 24.40 26.57 12.76
C GLY B 342 24.47 26.41 11.25
N TRP B 343 23.90 25.34 10.68
CA TRP B 343 23.91 25.23 9.23
C TRP B 343 23.07 26.32 8.57
N ASP B 344 22.26 27.02 9.35
CA ASP B 344 21.37 28.09 8.88
C ASP B 344 21.97 29.47 9.17
N ILE B 345 23.29 29.60 9.02
CA ILE B 345 23.99 30.80 9.42
C ILE B 345 23.52 32.02 8.63
N ASP B 346 23.24 31.84 7.34
CA ASP B 346 22.89 32.97 6.48
C ASP B 346 21.45 33.44 6.65
N PHE B 347 20.65 32.76 7.46
CA PHE B 347 19.25 33.15 7.64
C PHE B 347 19.09 34.26 8.66
N TYR C 12 31.37 11.43 -2.02
CA TYR C 12 30.75 10.96 -3.25
C TYR C 12 31.70 11.08 -4.43
N GLU C 13 31.62 10.11 -5.34
CA GLU C 13 32.48 10.14 -6.52
C GLU C 13 32.17 11.35 -7.40
N ASP C 14 30.89 11.68 -7.56
CA ASP C 14 30.47 12.76 -8.43
C ASP C 14 29.03 13.14 -8.09
N ALA C 15 28.52 14.14 -8.82
CA ALA C 15 27.19 14.66 -8.55
C ALA C 15 26.09 13.65 -8.88
N GLU C 16 26.29 12.86 -9.93
CA GLU C 16 25.33 11.81 -10.25
C GLU C 16 25.19 10.83 -9.08
N ALA C 17 26.32 10.41 -8.51
CA ALA C 17 26.28 9.49 -7.39
C ALA C 17 25.66 10.13 -6.16
N LYS C 18 26.03 11.38 -5.87
CA LYS C 18 25.41 12.11 -4.76
C LYS C 18 23.89 12.09 -4.88
N ALA C 19 23.38 12.41 -6.07
CA ALA C 19 21.93 12.45 -6.27
C ALA C 19 21.31 11.07 -6.15
N LYS C 20 21.97 10.05 -6.71
CA LYS C 20 21.45 8.69 -6.59
C LYS C 20 21.30 8.28 -5.13
N TYR C 21 22.34 8.52 -4.32
CA TYR C 21 22.28 8.09 -2.94
C TYR C 21 21.30 8.91 -2.12
N GLU C 22 21.13 10.19 -2.45
CA GLU C 22 20.11 10.97 -1.75
C GLU C 22 18.70 10.49 -2.12
N ALA C 23 18.47 10.15 -3.39
CA ALA C 23 17.18 9.61 -3.79
C ALA C 23 16.91 8.28 -3.10
N GLU C 24 17.95 7.47 -2.93
CA GLU C 24 17.79 6.18 -2.29
C GLU C 24 17.46 6.35 -0.81
N ALA C 25 18.17 7.28 -0.15
CA ALA C 25 17.88 7.59 1.25
C ALA C 25 16.45 8.07 1.43
N ALA C 26 15.98 8.94 0.53
CA ALA C 26 14.61 9.41 0.68
C ALA C 26 13.61 8.28 0.42
N PHE C 27 13.97 7.32 -0.43
CA PHE C 27 13.10 6.18 -0.66
C PHE C 27 12.93 5.36 0.62
N PHE C 28 14.05 5.09 1.30
CA PHE C 28 13.98 4.24 2.50
C PHE C 28 13.43 4.99 3.71
N ALA C 29 13.63 6.30 3.78
CA ALA C 29 13.15 7.07 4.93
C ALA C 29 11.63 6.97 5.05
N ASN C 30 10.94 6.79 3.92
CA ASN C 30 9.49 6.69 3.86
C ASN C 30 8.98 5.32 4.30
N LEU C 31 9.83 4.31 4.38
CA LEU C 31 9.40 2.95 4.68
C LEU C 31 9.18 2.74 6.18
N LYS C 32 8.32 1.78 6.50
CA LYS C 32 8.10 1.34 7.86
C LYS C 32 8.30 -0.17 7.94
N LEU C 33 8.52 -0.67 9.17
CA LEU C 33 8.67 -2.11 9.33
C LEU C 33 7.48 -2.87 8.79
N SER C 34 6.27 -2.30 8.92
CA SER C 34 5.07 -2.95 8.42
C SER C 34 5.03 -3.06 6.90
N ASP C 35 5.94 -2.41 6.18
CA ASP C 35 5.99 -2.51 4.72
C ASP C 35 6.67 -3.78 4.24
N PHE C 36 7.14 -4.64 5.15
CA PHE C 36 7.94 -5.81 4.78
C PHE C 36 7.25 -7.10 5.16
N ASN C 37 7.50 -8.13 4.35
CA ASN C 37 7.14 -9.51 4.62
C ASN C 37 8.40 -10.29 4.98
N ILE C 38 8.29 -11.19 5.95
CA ILE C 38 9.41 -12.09 6.24
C ILE C 38 9.36 -13.25 5.27
N ILE C 39 10.49 -13.52 4.61
CA ILE C 39 10.55 -14.61 3.64
C ILE C 39 11.08 -15.87 4.32
N ASP C 40 12.31 -15.81 4.83
CA ASP C 40 12.94 -16.93 5.51
C ASP C 40 14.17 -16.40 6.25
N THR C 41 14.70 -17.22 7.14
CA THR C 41 15.84 -16.84 7.98
C THR C 41 17.16 -17.17 7.29
N LEU C 42 18.07 -16.19 7.27
CA LEU C 42 19.41 -16.38 6.70
C LEU C 42 20.44 -16.82 7.74
N GLY C 43 20.31 -16.39 8.99
CA GLY C 43 21.23 -16.78 10.03
C GLY C 43 20.62 -16.51 11.39
N VAL C 44 21.11 -17.25 12.39
CA VAL C 44 20.66 -17.11 13.77
C VAL C 44 21.86 -17.10 14.70
N GLY C 45 21.59 -16.96 15.99
CA GLY C 45 22.61 -16.93 17.00
C GLY C 45 22.11 -16.20 18.23
N GLY C 46 23.00 -16.11 19.23
CA GLY C 46 22.66 -15.39 20.44
C GLY C 46 22.49 -13.89 20.21
N PHE C 47 23.12 -13.38 19.15
CA PHE C 47 23.03 -11.97 18.80
C PHE C 47 21.66 -11.59 18.27
N GLY C 48 20.93 -12.55 17.73
CA GLY C 48 19.70 -12.25 17.06
C GLY C 48 19.62 -13.08 15.79
N ARG C 49 18.78 -12.64 14.88
CA ARG C 49 18.56 -13.33 13.61
C ARG C 49 18.77 -12.37 12.45
N VAL C 50 19.14 -12.95 11.31
CA VAL C 50 19.16 -12.25 10.04
C VAL C 50 18.06 -12.88 9.21
N GLU C 51 17.04 -12.10 8.87
CA GLU C 51 15.90 -12.58 8.10
C GLU C 51 15.93 -12.01 6.69
N LEU C 52 15.61 -12.84 5.70
CA LEU C 52 15.31 -12.30 4.38
C LEU C 52 13.91 -11.73 4.40
N VAL C 53 13.78 -10.45 4.05
CA VAL C 53 12.51 -9.75 4.05
C VAL C 53 12.23 -9.24 2.64
N GLN C 54 10.94 -8.99 2.38
CA GLN C 54 10.46 -8.59 1.06
C GLN C 54 9.63 -7.32 1.17
N LEU C 55 9.89 -6.36 0.28
CA LEU C 55 9.06 -5.15 0.20
C LEU C 55 7.69 -5.50 -0.36
N LYS C 56 6.63 -5.21 0.41
CA LYS C 56 5.28 -5.58 -0.01
C LYS C 56 4.89 -4.89 -1.31
N SER C 57 5.26 -3.62 -1.49
CA SER C 57 4.87 -2.86 -2.67
C SER C 57 5.70 -3.20 -3.90
N GLU C 58 6.87 -3.83 -3.73
CA GLU C 58 7.75 -4.20 -4.83
C GLU C 58 8.37 -5.54 -4.47
N GLU C 59 7.71 -6.63 -4.88
CA GLU C 59 8.11 -7.96 -4.43
C GLU C 59 9.46 -8.38 -4.97
N SER C 60 9.98 -7.70 -5.99
CA SER C 60 11.31 -7.99 -6.51
C SER C 60 12.42 -7.44 -5.62
N LYS C 61 12.09 -6.58 -4.66
CA LYS C 61 13.07 -5.98 -3.76
C LYS C 61 13.06 -6.78 -2.46
N THR C 62 14.14 -7.53 -2.22
CA THR C 62 14.29 -8.23 -0.95
C THR C 62 15.56 -7.72 -0.27
N PHE C 63 15.62 -7.94 1.04
CA PHE C 63 16.68 -7.38 1.85
C PHE C 63 17.02 -8.36 2.96
N ALA C 64 18.24 -8.23 3.49
CA ALA C 64 18.63 -8.96 4.69
C ALA C 64 18.44 -8.02 5.87
N MET C 65 17.50 -8.37 6.74
CA MET C 65 17.21 -7.58 7.93
CA MET C 65 17.24 -7.58 7.93
C MET C 65 17.89 -8.26 9.13
N LYS C 66 18.92 -7.64 9.67
CA LYS C 66 19.53 -8.14 10.90
C LYS C 66 18.75 -7.59 12.07
N ILE C 67 18.25 -8.48 12.92
CA ILE C 67 17.41 -8.12 14.05
C ILE C 67 18.20 -8.52 15.29
N LEU C 68 18.55 -7.54 16.11
CA LEU C 68 19.44 -7.75 17.23
C LEU C 68 18.70 -7.51 18.53
N LYS C 69 18.88 -8.42 19.48
CA LYS C 69 18.33 -8.22 20.81
C LYS C 69 19.19 -7.19 21.52
N LYS C 70 18.56 -6.09 21.93
CA LYS C 70 19.30 -4.96 22.49
C LYS C 70 20.00 -5.35 23.79
N ARG C 71 19.34 -6.20 24.58
CA ARG C 71 19.94 -6.64 25.85
C ARG C 71 21.25 -7.40 25.62
N HIS C 72 21.31 -8.22 24.57
CA HIS C 72 22.56 -8.92 24.27
C HIS C 72 23.67 -7.94 23.89
N ILE C 73 23.31 -6.86 23.20
CA ILE C 73 24.30 -5.82 22.87
C ILE C 73 24.82 -5.17 24.15
N VAL C 74 23.91 -4.84 25.09
CA VAL C 74 24.34 -4.20 26.32
C VAL C 74 25.21 -5.14 27.16
N ASP C 75 24.79 -6.40 27.30
CA ASP C 75 25.53 -7.34 28.13
C ASP C 75 26.96 -7.50 27.62
N THR C 76 27.16 -7.50 26.30
CA THR C 76 28.48 -7.71 25.72
C THR C 76 29.24 -6.41 25.49
N ARG C 77 28.69 -5.28 25.95
CA ARG C 77 29.37 -3.97 25.86
C ARG C 77 29.72 -3.63 24.41
N GLN C 78 28.73 -3.80 23.53
CA GLN C 78 28.93 -3.59 22.10
C GLN C 78 28.13 -2.40 21.56
N GLN C 79 27.65 -1.52 22.44
CA GLN C 79 26.87 -0.37 21.99
C GLN C 79 27.66 0.48 21.01
N GLU C 80 28.89 0.84 21.39
CA GLU C 80 29.72 1.64 20.50
C GLU C 80 29.99 0.89 19.19
N HIS C 81 30.18 -0.43 19.28
CA HIS C 81 30.45 -1.21 18.07
C HIS C 81 29.27 -1.18 17.12
N ILE C 82 28.05 -1.32 17.63
CA ILE C 82 26.88 -1.36 16.76
C ILE C 82 26.56 0.06 16.24
N ARG C 83 26.74 1.08 17.08
CA ARG C 83 26.58 2.45 16.58
C ARG C 83 27.57 2.75 15.46
N SER C 84 28.83 2.33 15.61
CA SER C 84 29.82 2.53 14.56
C SER C 84 29.48 1.70 13.33
N GLU C 85 29.02 0.47 13.53
CA GLU C 85 28.58 -0.34 12.39
C GLU C 85 27.49 0.36 11.62
N LYS C 86 26.49 0.91 12.32
CA LYS C 86 25.43 1.63 11.63
C LYS C 86 26.00 2.83 10.88
N GLN C 87 26.80 3.66 11.55
CA GLN C 87 27.29 4.88 10.90
C GLN C 87 28.13 4.53 9.67
N ILE C 88 29.08 3.60 9.83
CA ILE C 88 30.00 3.27 8.75
C ILE C 88 29.26 2.58 7.60
N MET C 89 28.47 1.55 7.92
CA MET C 89 27.79 0.78 6.89
C MET C 89 26.71 1.60 6.18
N GLN C 90 25.93 2.38 6.93
CA GLN C 90 24.92 3.21 6.29
C GLN C 90 25.55 4.31 5.46
N GLY C 91 26.72 4.83 5.89
CA GLY C 91 27.40 5.84 5.09
C GLY C 91 28.24 5.33 3.94
N ALA C 92 28.53 4.03 3.88
CA ALA C 92 29.38 3.48 2.83
C ALA C 92 28.57 3.20 1.58
N HIS C 93 29.14 3.49 0.41
CA HIS C 93 28.50 3.23 -0.88
C HIS C 93 29.53 2.57 -1.76
N SER C 94 29.72 1.27 -1.57
CA SER C 94 30.70 0.48 -2.30
C SER C 94 30.06 -0.83 -2.74
N ASP C 95 30.29 -1.19 -4.00
CA ASP C 95 29.82 -2.48 -4.52
C ASP C 95 30.48 -3.67 -3.83
N PHE C 96 31.55 -3.44 -3.07
CA PHE C 96 32.26 -4.52 -2.40
C PHE C 96 32.01 -4.53 -0.90
N ILE C 97 31.01 -3.79 -0.44
CA ILE C 97 30.59 -3.74 0.96
C ILE C 97 29.07 -3.85 1.00
N VAL C 98 28.55 -4.74 1.85
CA VAL C 98 27.11 -4.88 1.97
C VAL C 98 26.49 -3.53 2.36
N ARG C 99 25.49 -3.11 1.59
CA ARG C 99 24.84 -1.84 1.88
C ARG C 99 23.97 -1.97 3.11
N LEU C 100 23.99 -0.93 3.94
CA LEU C 100 23.01 -0.75 5.00
C LEU C 100 22.14 0.42 4.56
N TYR C 101 20.88 0.13 4.25
CA TYR C 101 20.00 1.15 3.69
C TYR C 101 19.42 2.04 4.76
N ARG C 102 18.95 1.45 5.86
CA ARG C 102 18.42 2.22 6.97
C ARG C 102 18.25 1.28 8.16
N THR C 103 17.89 1.86 9.30
CA THR C 103 17.61 1.11 10.52
C THR C 103 16.21 1.42 11.04
N PHE C 104 15.70 0.52 11.88
CA PHE C 104 14.50 0.70 12.68
C PHE C 104 14.80 0.27 14.11
N LYS C 105 13.89 0.58 15.03
CA LYS C 105 14.06 0.13 16.41
C LYS C 105 12.71 0.05 17.12
N ASP C 106 12.67 -0.80 18.14
CA ASP C 106 11.59 -0.78 19.12
C ASP C 106 12.22 -0.95 20.51
N SER C 107 11.40 -1.27 21.51
CA SER C 107 11.91 -1.34 22.88
C SER C 107 12.86 -2.52 23.07
N LYS C 108 12.74 -3.57 22.27
CA LYS C 108 13.54 -4.77 22.45
C LYS C 108 14.57 -5.00 21.37
N TYR C 109 14.33 -4.53 20.15
CA TYR C 109 15.14 -4.93 19.02
C TYR C 109 15.63 -3.72 18.25
N LEU C 110 16.76 -3.89 17.58
CA LEU C 110 17.21 -3.03 16.51
C LEU C 110 17.02 -3.80 15.21
N TYR C 111 16.69 -3.08 14.14
CA TYR C 111 16.49 -3.70 12.84
C TYR C 111 17.39 -2.97 11.86
N MET C 112 18.26 -3.71 11.19
CA MET C 112 19.14 -3.11 10.20
C MET C 112 18.83 -3.71 8.84
N LEU C 113 18.37 -2.86 7.94
CA LEU C 113 17.90 -3.27 6.62
C LEU C 113 19.08 -3.19 5.66
N MET C 114 19.59 -4.35 5.27
CA MET C 114 20.79 -4.43 4.47
C MET C 114 20.48 -5.03 3.12
N GLU C 115 21.43 -4.81 2.20
CA GLU C 115 21.42 -5.51 0.93
C GLU C 115 21.53 -7.00 1.18
N ALA C 116 20.69 -7.78 0.49
CA ALA C 116 20.75 -9.23 0.62
C ALA C 116 21.79 -9.78 -0.35
N CYS C 117 22.69 -10.62 0.17
CA CYS C 117 23.68 -11.30 -0.67
C CYS C 117 23.30 -12.77 -0.63
N LEU C 118 22.66 -13.23 -1.71
CA LEU C 118 22.03 -14.53 -1.71
C LEU C 118 22.94 -15.64 -2.22
N GLY C 119 24.19 -15.31 -2.54
CA GLY C 119 25.11 -16.34 -2.98
C GLY C 119 25.63 -17.23 -1.88
N GLY C 120 25.59 -16.78 -0.63
CA GLY C 120 26.01 -17.64 0.45
C GLY C 120 27.33 -17.21 1.06
N GLU C 121 27.67 -17.88 2.17
CA GLU C 121 28.90 -17.61 2.89
C GLU C 121 30.11 -18.22 2.21
N LEU C 122 31.20 -17.45 2.12
CA LEU C 122 32.43 -17.96 1.53
C LEU C 122 33.13 -19.00 2.40
N TRP C 123 33.04 -18.87 3.73
CA TRP C 123 33.87 -19.72 4.60
C TRP C 123 33.48 -21.19 4.50
N THR C 124 32.19 -21.49 4.33
CA THR C 124 31.78 -22.88 4.18
C THR C 124 32.26 -23.45 2.85
N ILE C 125 32.25 -22.63 1.80
CA ILE C 125 32.82 -23.07 0.51
C ILE C 125 34.30 -23.39 0.68
N LEU C 126 35.03 -22.52 1.37
CA LEU C 126 36.44 -22.76 1.62
C LEU C 126 36.67 -24.04 2.40
N ARG C 127 35.87 -24.27 3.45
CA ARG C 127 35.98 -25.51 4.19
C ARG C 127 35.70 -26.72 3.31
N ASP C 128 34.68 -26.63 2.45
CA ASP C 128 34.30 -27.77 1.63
C ASP C 128 35.34 -28.07 0.55
N ARG C 129 36.05 -27.05 0.08
CA ARG C 129 37.07 -27.30 -0.93
C ARG C 129 38.45 -27.46 -0.32
N GLY C 130 38.62 -27.19 0.96
CA GLY C 130 39.93 -27.25 1.56
C GLY C 130 40.71 -25.99 1.33
N SER C 131 40.87 -25.59 0.07
CA SER C 131 41.55 -24.36 -0.28
C SER C 131 41.08 -23.90 -1.66
N PHE C 132 41.36 -22.64 -1.98
CA PHE C 132 41.01 -22.06 -3.26
C PHE C 132 42.23 -22.01 -4.18
N GLU C 133 41.99 -22.25 -5.47
CA GLU C 133 43.04 -22.09 -6.46
C GLU C 133 43.49 -20.64 -6.53
N ASP C 134 44.64 -20.43 -7.19
CA ASP C 134 45.25 -19.10 -7.27
C ASP C 134 44.30 -18.07 -7.88
N SER C 135 43.67 -18.39 -9.01
CA SER C 135 42.81 -17.41 -9.67
C SER C 135 41.56 -17.10 -8.84
N THR C 136 41.00 -18.12 -8.18
CA THR C 136 39.86 -17.90 -7.29
C THR C 136 40.22 -16.96 -6.16
N THR C 137 41.32 -17.27 -5.46
CA THR C 137 41.81 -16.42 -4.39
C THR C 137 42.07 -15.01 -4.88
N ARG C 138 42.60 -14.87 -6.10
CA ARG C 138 42.89 -13.55 -6.62
C ARG C 138 41.62 -12.74 -6.80
N PHE C 139 40.56 -13.35 -7.33
CA PHE C 139 39.29 -12.64 -7.45
C PHE C 139 38.79 -12.14 -6.09
N TYR C 140 38.75 -13.03 -5.10
CA TYR C 140 38.20 -12.61 -3.81
C TYR C 140 39.09 -11.56 -3.14
N THR C 141 40.41 -11.74 -3.22
CA THR C 141 41.32 -10.77 -2.66
C THR C 141 41.12 -9.40 -3.31
N ALA C 142 40.87 -9.38 -4.63
CA ALA C 142 40.64 -8.11 -5.32
C ALA C 142 39.36 -7.45 -4.83
N CYS C 143 38.32 -8.23 -4.60
CA CYS C 143 37.10 -7.67 -4.00
C CYS C 143 37.41 -6.96 -2.69
N VAL C 144 38.18 -7.63 -1.83
CA VAL C 144 38.54 -7.01 -0.54
C VAL C 144 39.41 -5.77 -0.77
N VAL C 145 40.33 -5.83 -1.74
CA VAL C 145 41.19 -4.70 -2.03
C VAL C 145 40.36 -3.47 -2.40
N GLU C 146 39.32 -3.67 -3.22
CA GLU C 146 38.45 -2.55 -3.57
C GLU C 146 37.69 -2.02 -2.35
N ALA C 147 37.15 -2.92 -1.51
CA ALA C 147 36.47 -2.46 -0.30
C ALA C 147 37.40 -1.65 0.59
N PHE C 148 38.65 -2.10 0.71
CA PHE C 148 39.63 -1.41 1.54
C PHE C 148 40.02 -0.07 0.93
N ALA C 149 40.17 -0.01 -0.40
CA ALA C 149 40.42 1.27 -1.05
C ALA C 149 39.36 2.29 -0.64
N TYR C 150 38.09 1.88 -0.71
CA TYR C 150 37.01 2.79 -0.31
C TYR C 150 37.13 3.20 1.17
N LEU C 151 37.15 2.20 2.06
CA LEU C 151 37.15 2.48 3.50
C LEU C 151 38.36 3.33 3.90
N HIS C 152 39.54 2.96 3.43
CA HIS C 152 40.74 3.68 3.81
C HIS C 152 40.76 5.08 3.22
N SER C 153 40.13 5.28 2.05
CA SER C 153 39.98 6.64 1.55
C SER C 153 39.11 7.48 2.47
N LYS C 154 38.23 6.86 3.24
CA LYS C 154 37.48 7.64 4.23
C LYS C 154 38.06 7.59 5.64
N GLY C 155 39.25 7.03 5.81
CA GLY C 155 39.86 6.95 7.12
C GLY C 155 39.26 5.92 8.05
N ILE C 156 38.72 4.83 7.50
CA ILE C 156 38.01 3.81 8.27
C ILE C 156 38.82 2.52 8.24
N ILE C 157 39.11 1.96 9.41
CA ILE C 157 39.72 0.64 9.50
C ILE C 157 38.61 -0.39 9.59
N TYR C 158 38.79 -1.51 8.89
CA TYR C 158 37.78 -2.56 8.92
C TYR C 158 37.97 -3.51 10.10
N ARG C 159 39.17 -4.07 10.25
CA ARG C 159 39.65 -4.70 11.48
C ARG C 159 39.02 -6.07 11.78
N ASP C 160 38.26 -6.66 10.85
CA ASP C 160 37.77 -8.01 11.11
C ASP C 160 37.79 -8.84 9.84
N LEU C 161 38.83 -8.70 9.02
CA LEU C 161 38.93 -9.50 7.82
C LEU C 161 39.20 -10.96 8.20
N LYS C 162 38.43 -11.85 7.61
CA LYS C 162 38.53 -13.31 7.74
C LYS C 162 37.50 -13.88 6.78
N PRO C 163 37.65 -15.14 6.34
CA PRO C 163 36.71 -15.68 5.36
C PRO C 163 35.26 -15.59 5.82
N GLU C 164 35.02 -15.65 7.13
CA GLU C 164 33.66 -15.62 7.67
C GLU C 164 32.97 -14.28 7.43
N ASN C 165 33.73 -13.22 7.19
CA ASN C 165 33.14 -11.91 6.97
C ASN C 165 33.06 -11.54 5.50
N LEU C 166 33.22 -12.53 4.62
CA LEU C 166 33.03 -12.35 3.20
C LEU C 166 31.82 -13.14 2.75
N ILE C 167 30.88 -12.46 2.11
CA ILE C 167 29.64 -13.09 1.67
C ILE C 167 29.48 -12.84 0.19
N LEU C 168 28.92 -13.82 -0.52
CA LEU C 168 28.72 -13.74 -1.95
C LEU C 168 27.32 -13.24 -2.27
N ASP C 169 27.22 -12.37 -3.28
CA ASP C 169 25.91 -12.03 -3.83
C ASP C 169 25.55 -13.12 -4.85
N HIS C 170 24.45 -12.91 -5.57
CA HIS C 170 23.96 -13.92 -6.49
C HIS C 170 24.89 -14.15 -7.68
N ARG C 171 25.73 -13.16 -8.03
CA ARG C 171 26.67 -13.31 -9.14
C ARG C 171 27.93 -14.08 -8.78
N GLY C 172 28.27 -14.15 -7.49
CA GLY C 172 29.57 -14.66 -7.08
C GLY C 172 30.56 -13.58 -6.70
N TYR C 173 30.13 -12.32 -6.66
CA TYR C 173 30.98 -11.24 -6.15
C TYR C 173 30.96 -11.26 -4.62
N ALA C 174 32.13 -11.01 -4.03
CA ALA C 174 32.28 -11.04 -2.58
C ALA C 174 32.14 -9.63 -2.03
N LYS C 175 31.52 -9.53 -0.85
CA LYS C 175 31.32 -8.25 -0.19
C LYS C 175 31.66 -8.38 1.28
N LEU C 176 32.19 -7.31 1.86
CA LEU C 176 32.44 -7.31 3.29
C LEU C 176 31.12 -7.18 4.04
N VAL C 177 30.95 -8.02 5.05
CA VAL C 177 29.86 -7.91 6.00
C VAL C 177 30.47 -7.85 7.40
N ASP C 178 29.64 -7.53 8.39
CA ASP C 178 30.05 -7.50 9.80
C ASP C 178 31.07 -6.41 10.06
N PHE C 179 30.60 -5.21 10.38
CA PHE C 179 31.46 -4.08 10.72
C PHE C 179 31.55 -3.85 12.22
N GLY C 180 31.44 -4.92 13.01
CA GLY C 180 31.44 -4.79 14.46
C GLY C 180 32.73 -4.27 15.05
N PHE C 181 33.86 -4.47 14.36
CA PHE C 181 35.15 -3.94 14.80
C PHE C 181 35.62 -2.77 13.98
N ALA C 182 34.86 -2.37 12.96
CA ALA C 182 35.28 -1.27 12.11
C ALA C 182 35.25 0.04 12.90
N LYS C 183 36.14 0.96 12.53
CA LYS C 183 36.22 2.21 13.26
C LYS C 183 36.70 3.31 12.35
N LYS C 184 36.08 4.48 12.47
CA LYS C 184 36.59 5.68 11.83
C LYS C 184 37.68 6.23 12.74
N ILE C 185 38.86 6.42 12.19
CA ILE C 185 40.01 6.91 12.96
C ILE C 185 40.29 8.33 12.51
N GLY C 186 40.52 9.21 13.47
CA GLY C 186 40.81 10.59 13.14
C GLY C 186 42.12 10.72 12.38
N PHE C 187 42.21 11.77 11.57
CA PHE C 187 43.42 12.01 10.81
C PHE C 187 44.60 12.16 11.75
N GLY C 188 45.70 11.47 11.43
CA GLY C 188 46.89 11.51 12.24
C GLY C 188 46.78 10.77 13.56
N LYS C 189 45.67 10.08 13.80
CA LYS C 189 45.42 9.38 15.04
C LYS C 189 45.57 7.88 14.83
N LYS C 190 45.72 7.17 15.94
CA LYS C 190 45.66 5.72 15.98
C LYS C 190 44.50 5.31 16.87
N THR C 191 44.17 4.04 16.84
CA THR C 191 43.18 3.50 17.77
C THR C 191 43.85 2.37 18.54
N TRP C 192 43.25 2.02 19.68
CA TRP C 192 44.02 1.32 20.68
C TRP C 192 43.39 0.03 21.20
N TPO C 193 42.17 -0.27 20.79
CA TPO C 193 41.46 -1.44 21.29
CB TPO C 193 39.98 -1.36 20.95
CG2 TPO C 193 39.26 -2.49 21.69
OG1 TPO C 193 39.46 -0.10 21.33
P TPO C 193 39.02 0.66 19.99
O1P TPO C 193 40.24 0.60 18.94
O2P TPO C 193 38.71 2.19 20.36
O3P TPO C 193 37.81 0.04 19.38
C TPO C 193 42.02 -2.75 20.77
O TPO C 193 42.10 -2.99 19.57
N PHE C 194 42.42 -3.62 21.70
CA PHE C 194 42.80 -4.97 21.35
C PHE C 194 41.55 -5.76 20.97
N CYS C 195 41.34 -5.96 19.67
CA CYS C 195 40.20 -6.73 19.20
C CYS C 195 40.54 -7.36 17.86
N GLY C 196 39.71 -8.32 17.46
CA GLY C 196 39.95 -9.10 16.26
C GLY C 196 40.14 -10.57 16.58
N THR C 197 40.20 -11.33 15.50
CA THR C 197 40.42 -12.77 15.66
C THR C 197 41.93 -13.01 15.80
N PRO C 198 42.36 -13.77 16.82
CA PRO C 198 43.80 -13.83 17.16
C PRO C 198 44.72 -14.10 15.99
N GLU C 199 44.34 -15.02 15.09
CA GLU C 199 45.22 -15.35 13.98
C GLU C 199 45.38 -14.20 13.01
N TYR C 200 44.47 -13.22 13.04
CA TYR C 200 44.43 -12.17 12.05
C TYR C 200 44.87 -10.82 12.60
N VAL C 201 45.17 -10.73 13.90
CA VAL C 201 45.55 -9.47 14.52
C VAL C 201 47.00 -9.15 14.19
N ALA C 202 47.24 -7.90 13.82
CA ALA C 202 48.57 -7.44 13.47
C ALA C 202 49.44 -7.28 14.72
N PRO C 203 50.77 -7.33 14.56
CA PRO C 203 51.65 -7.23 15.74
C PRO C 203 51.51 -5.92 16.52
N GLU C 204 51.25 -4.80 15.85
CA GLU C 204 51.08 -3.54 16.55
C GLU C 204 49.83 -3.55 17.43
N ILE C 205 48.87 -4.43 17.14
CA ILE C 205 47.74 -4.61 18.05
C ILE C 205 48.15 -5.43 19.26
N ILE C 206 48.93 -6.50 19.05
CA ILE C 206 49.43 -7.31 20.15
C ILE C 206 50.25 -6.45 21.11
N LEU C 207 51.14 -5.62 20.57
CA LEU C 207 52.06 -4.84 21.40
C LEU C 207 51.42 -3.56 21.93
N ASN C 208 50.15 -3.32 21.66
CA ASN C 208 49.43 -2.15 22.18
C ASN C 208 50.16 -0.86 21.82
N LYS C 209 50.63 -0.77 20.58
CA LYS C 209 51.32 0.42 20.11
C LYS C 209 50.38 1.35 19.38
N GLY C 210 49.08 1.06 19.34
CA GLY C 210 48.17 1.81 18.51
C GLY C 210 48.17 1.26 17.10
N HIS C 211 47.05 1.30 16.40
CA HIS C 211 47.00 0.79 15.04
C HIS C 211 46.09 1.68 14.21
N ASP C 212 46.24 1.53 12.89
CA ASP C 212 45.49 2.32 11.93
C ASP C 212 45.14 1.43 10.76
N ILE C 213 44.80 2.04 9.62
CA ILE C 213 44.35 1.29 8.46
C ILE C 213 45.37 0.27 7.98
N SER C 214 46.66 0.47 8.29
CA SER C 214 47.66 -0.49 7.83
C SER C 214 47.48 -1.87 8.46
N ALA C 215 46.82 -1.95 9.62
CA ALA C 215 46.48 -3.27 10.16
C ALA C 215 45.67 -4.09 9.17
N ASP C 216 44.80 -3.42 8.40
CA ASP C 216 44.01 -4.12 7.40
C ASP C 216 44.90 -4.79 6.35
N TYR C 217 46.00 -4.13 5.96
CA TYR C 217 46.86 -4.75 4.96
C TYR C 217 47.48 -6.01 5.51
N TRP C 218 47.85 -5.98 6.80
CA TRP C 218 48.29 -7.22 7.44
C TRP C 218 47.23 -8.30 7.26
N SER C 219 45.97 -7.99 7.60
CA SER C 219 44.92 -8.98 7.51
C SER C 219 44.75 -9.49 6.08
N LEU C 220 44.98 -8.61 5.09
CA LEU C 220 44.84 -9.05 3.71
C LEU C 220 45.82 -10.17 3.41
N GLY C 221 47.06 -10.01 3.88
CA GLY C 221 48.04 -11.09 3.71
C GLY C 221 47.55 -12.38 4.33
N ILE C 222 47.06 -12.31 5.57
CA ILE C 222 46.55 -13.51 6.23
C ILE C 222 45.48 -14.14 5.36
N LEU C 223 44.56 -13.31 4.87
CA LEU C 223 43.45 -13.85 4.09
C LEU C 223 43.98 -14.63 2.89
N MET C 224 44.93 -14.03 2.15
CA MET C 224 45.46 -14.74 0.99
C MET C 224 45.98 -16.10 1.39
N TYR C 225 46.81 -16.13 2.43
CA TYR C 225 47.39 -17.38 2.89
C TYR C 225 46.30 -18.38 3.22
N GLU C 226 45.30 -17.93 4.00
CA GLU C 226 44.24 -18.85 4.39
C GLU C 226 43.51 -19.36 3.16
N LEU C 227 43.15 -18.45 2.24
CA LEU C 227 42.41 -18.89 1.08
C LEU C 227 43.22 -19.86 0.25
N LEU C 228 44.55 -19.66 0.21
CA LEU C 228 45.35 -20.52 -0.64
C LEU C 228 45.65 -21.86 0.00
N THR C 229 45.56 -21.97 1.33
CA THR C 229 45.98 -23.18 2.01
C THR C 229 44.93 -23.79 2.92
N GLY C 230 43.87 -23.04 3.25
CA GLY C 230 42.88 -23.50 4.19
C GLY C 230 43.11 -23.07 5.62
N SER C 231 44.29 -22.52 5.94
CA SER C 231 44.58 -22.13 7.31
C SER C 231 45.44 -20.87 7.32
N PRO C 232 45.28 -20.00 8.32
CA PRO C 232 46.13 -18.80 8.40
C PRO C 232 47.55 -19.16 8.80
N PRO C 233 48.52 -18.32 8.45
CA PRO C 233 49.93 -18.73 8.63
C PRO C 233 50.40 -18.80 10.09
N PHE C 234 49.90 -17.93 10.95
CA PHE C 234 50.27 -17.90 12.36
C PHE C 234 49.16 -18.54 13.18
N SER C 235 49.48 -19.64 13.86
CA SER C 235 48.50 -20.29 14.72
C SER C 235 49.20 -21.04 15.84
N GLY C 236 48.67 -20.89 17.06
CA GLY C 236 49.19 -21.59 18.21
C GLY C 236 48.11 -22.36 18.94
N PRO C 237 48.48 -23.10 19.98
CA PRO C 237 47.45 -23.84 20.73
C PRO C 237 46.53 -22.93 21.53
N ASP C 238 47.08 -21.84 22.05
CA ASP C 238 46.33 -20.81 22.77
C ASP C 238 46.75 -19.47 22.18
N PRO C 239 45.92 -18.45 22.30
CA PRO C 239 46.26 -17.14 21.72
C PRO C 239 47.62 -16.59 22.11
N MET C 240 48.16 -16.92 23.29
CA MET C 240 49.46 -16.37 23.67
C MET C 240 50.58 -16.89 22.77
N LYS C 241 50.59 -18.20 22.50
CA LYS C 241 51.58 -18.73 21.58
C LYS C 241 51.38 -18.19 20.18
N THR C 242 50.12 -18.00 19.78
CA THR C 242 49.82 -17.39 18.48
C THR C 242 50.40 -15.99 18.39
N TYR C 243 50.22 -15.19 19.45
CA TYR C 243 50.76 -13.83 19.47
C TYR C 243 52.28 -13.85 19.38
N ASN C 244 52.92 -14.77 20.10
CA ASN C 244 54.38 -14.86 20.00
C ASN C 244 54.81 -15.22 18.60
N ILE C 245 54.10 -16.15 17.95
CA ILE C 245 54.41 -16.52 16.58
C ILE C 245 54.28 -15.31 15.66
N ILE C 246 53.18 -14.56 15.81
CA ILE C 246 52.98 -13.36 15.02
C ILE C 246 54.13 -12.39 15.21
N LEU C 247 54.53 -12.17 16.46
CA LEU C 247 55.62 -11.24 16.74
C LEU C 247 56.95 -11.73 16.16
N ARG C 248 57.08 -13.03 15.92
CA ARG C 248 58.28 -13.53 15.25
C ARG C 248 58.33 -13.14 13.78
N GLY C 249 57.18 -12.86 13.16
CA GLY C 249 57.14 -12.30 11.83
C GLY C 249 56.84 -13.34 10.76
N ILE C 250 56.45 -12.84 9.58
CA ILE C 250 56.06 -13.71 8.47
C ILE C 250 57.27 -14.41 7.89
N ASP C 251 58.46 -13.83 8.03
CA ASP C 251 59.65 -14.43 7.44
C ASP C 251 60.04 -15.73 8.13
N MET C 252 59.39 -16.07 9.24
CA MET C 252 59.60 -17.32 9.95
C MET C 252 58.55 -18.39 9.60
N ILE C 253 57.63 -18.08 8.70
CA ILE C 253 56.55 -18.99 8.29
C ILE C 253 56.98 -19.73 7.03
N GLU C 254 56.70 -21.03 6.98
CA GLU C 254 56.99 -21.82 5.79
C GLU C 254 55.91 -21.59 4.73
N PHE C 255 56.33 -21.17 3.54
CA PHE C 255 55.37 -21.00 2.45
C PHE C 255 55.35 -22.27 1.61
N PRO C 256 54.28 -23.06 1.65
CA PRO C 256 54.20 -24.28 0.83
C PRO C 256 54.29 -24.00 -0.66
N LYS C 257 54.76 -25.00 -1.40
CA LYS C 257 54.86 -24.88 -2.86
C LYS C 257 53.50 -24.64 -3.50
N LYS C 258 52.41 -25.01 -2.82
CA LYS C 258 51.06 -24.73 -3.31
C LYS C 258 50.87 -23.24 -3.59
N ILE C 259 51.49 -22.39 -2.78
CA ILE C 259 51.38 -20.94 -2.94
C ILE C 259 52.31 -20.50 -4.07
N ALA C 260 51.73 -19.88 -5.10
CA ALA C 260 52.55 -19.42 -6.21
C ALA C 260 53.58 -18.41 -5.71
N LYS C 261 54.70 -18.31 -6.43
CA LYS C 261 55.79 -17.45 -5.96
C LYS C 261 55.33 -15.99 -5.84
N ASN C 262 54.58 -15.50 -6.82
CA ASN C 262 54.11 -14.12 -6.76
C ASN C 262 53.16 -13.91 -5.59
N ALA C 263 52.32 -14.92 -5.30
CA ALA C 263 51.43 -14.81 -4.15
C ALA C 263 52.21 -14.74 -2.85
N ALA C 264 53.24 -15.59 -2.71
CA ALA C 264 54.08 -15.55 -1.52
C ALA C 264 54.77 -14.20 -1.36
N ASN C 265 55.25 -13.64 -2.47
CA ASN C 265 55.88 -12.33 -2.43
C ASN C 265 54.91 -11.26 -1.92
N LEU C 266 53.69 -11.27 -2.48
CA LEU C 266 52.69 -10.29 -2.07
C LEU C 266 52.32 -10.45 -0.59
N ILE C 267 52.10 -11.69 -0.15
CA ILE C 267 51.79 -11.94 1.26
C ILE C 267 52.89 -11.40 2.16
N LYS C 268 54.15 -11.64 1.80
CA LYS C 268 55.24 -11.15 2.64
C LYS C 268 55.30 -9.63 2.65
N LYS C 269 54.95 -8.98 1.54
CA LYS C 269 54.94 -7.51 1.53
C LYS C 269 53.76 -6.94 2.31
N LEU C 270 52.64 -7.67 2.38
CA LEU C 270 51.51 -7.21 3.18
C LEU C 270 51.74 -7.44 4.66
N CYS C 271 52.39 -8.54 5.02
CA CYS C 271 52.62 -8.87 6.43
C CYS C 271 53.99 -8.40 6.92
N ARG C 272 54.36 -7.17 6.60
CA ARG C 272 55.55 -6.56 7.19
C ARG C 272 55.31 -6.29 8.67
N ASP C 273 56.34 -6.56 9.49
CA ASP C 273 56.23 -6.27 10.92
C ASP C 273 55.91 -4.81 11.17
N ASN C 274 56.59 -3.92 10.48
CA ASN C 274 56.37 -2.49 10.68
C ASN C 274 55.19 -2.04 9.84
N PRO C 275 54.12 -1.54 10.45
CA PRO C 275 52.94 -1.15 9.65
C PRO C 275 53.26 -0.14 8.56
N SER C 276 54.20 0.77 8.82
CA SER C 276 54.54 1.81 7.86
C SER C 276 55.22 1.28 6.61
N GLU C 277 55.71 0.05 6.63
CA GLU C 277 56.37 -0.55 5.48
C GLU C 277 55.46 -1.46 4.66
N ARG C 278 54.21 -1.65 5.08
CA ARG C 278 53.32 -2.60 4.45
C ARG C 278 52.86 -2.11 3.08
N LEU C 279 52.86 -3.01 2.09
CA LEU C 279 52.28 -2.69 0.80
C LEU C 279 50.82 -2.29 1.00
N GLY C 280 50.40 -1.24 0.29
CA GLY C 280 49.14 -0.57 0.50
C GLY C 280 49.27 0.67 1.37
N ASN C 281 50.28 0.71 2.22
CA ASN C 281 50.57 1.84 3.10
C ASN C 281 51.76 2.66 2.60
N LEU C 282 52.15 2.48 1.34
CA LEU C 282 53.33 3.16 0.80
C LEU C 282 52.91 4.35 -0.06
N LYS C 283 53.68 4.64 -1.12
CA LYS C 283 53.53 5.89 -1.84
C LYS C 283 52.19 6.01 -2.55
N ASN C 284 51.71 4.93 -3.17
CA ASN C 284 50.52 4.98 -3.99
C ASN C 284 49.33 4.29 -3.34
N GLY C 285 49.40 4.04 -2.04
CA GLY C 285 48.27 3.44 -1.34
C GLY C 285 47.89 2.09 -1.92
N VAL C 286 46.58 1.84 -1.96
CA VAL C 286 46.09 0.55 -2.43
C VAL C 286 46.51 0.27 -3.87
N LYS C 287 46.80 1.33 -4.65
CA LYS C 287 47.27 1.12 -6.02
C LYS C 287 48.51 0.24 -6.08
N ASP C 288 49.39 0.36 -5.07
CA ASP C 288 50.59 -0.47 -5.06
C ASP C 288 50.25 -1.95 -4.92
N ILE C 289 49.17 -2.28 -4.20
CA ILE C 289 48.71 -3.65 -4.18
C ILE C 289 48.17 -4.05 -5.54
N GLN C 290 47.40 -3.16 -6.18
CA GLN C 290 46.73 -3.50 -7.42
C GLN C 290 47.73 -3.70 -8.55
N LYS C 291 48.89 -3.07 -8.46
CA LYS C 291 49.93 -3.18 -9.47
C LYS C 291 50.94 -4.27 -9.17
N HIS C 292 50.80 -5.00 -8.06
CA HIS C 292 51.71 -6.09 -7.77
C HIS C 292 51.60 -7.16 -8.85
N LYS C 293 52.74 -7.81 -9.14
CA LYS C 293 52.80 -8.75 -10.25
C LYS C 293 51.84 -9.93 -10.10
N TRP C 294 51.42 -10.26 -8.87
CA TRP C 294 50.41 -11.31 -8.70
C TRP C 294 49.12 -10.98 -9.42
N PHE C 295 48.80 -9.69 -9.56
CA PHE C 295 47.60 -9.25 -10.26
C PHE C 295 47.83 -8.98 -11.74
N GLU C 296 48.97 -9.40 -12.27
CA GLU C 296 49.22 -9.25 -13.70
C GLU C 296 48.14 -9.96 -14.49
N GLY C 297 47.51 -9.25 -15.41
CA GLY C 297 46.43 -9.78 -16.20
C GLY C 297 45.08 -9.72 -15.52
N PHE C 298 44.99 -9.25 -14.28
CA PHE C 298 43.71 -9.14 -13.62
C PHE C 298 43.02 -7.86 -14.06
N ASN C 299 41.75 -7.98 -14.45
CA ASN C 299 41.01 -6.86 -15.04
C ASN C 299 40.30 -6.11 -13.91
N TRP C 300 41.04 -5.16 -13.30
CA TRP C 300 40.45 -4.37 -12.22
C TRP C 300 39.26 -3.56 -12.71
N GLU C 301 39.37 -2.98 -13.91
CA GLU C 301 38.25 -2.21 -14.45
C GLU C 301 37.03 -3.10 -14.64
N GLY C 302 37.22 -4.32 -15.14
CA GLY C 302 36.11 -5.25 -15.29
C GLY C 302 35.51 -5.66 -13.95
N LEU C 303 36.35 -5.83 -12.93
CA LEU C 303 35.83 -6.11 -11.60
C LEU C 303 34.92 -4.98 -11.12
N ARG C 304 35.39 -3.73 -11.27
CA ARG C 304 34.59 -2.59 -10.83
C ARG C 304 33.34 -2.42 -11.68
N LYS C 305 33.40 -2.81 -12.95
CA LYS C 305 32.26 -2.72 -13.85
C LYS C 305 31.30 -3.89 -13.72
N GLY C 306 31.71 -4.96 -13.02
CA GLY C 306 30.89 -6.15 -12.91
C GLY C 306 30.95 -7.07 -14.11
N THR C 307 31.80 -6.77 -15.09
CA THR C 307 31.90 -7.62 -16.28
C THR C 307 32.76 -8.85 -16.06
N LEU C 308 33.59 -8.84 -15.02
CA LEU C 308 34.48 -9.96 -14.75
C LEU C 308 33.69 -11.16 -14.24
N THR C 309 34.00 -12.34 -14.79
CA THR C 309 33.31 -13.56 -14.39
C THR C 309 33.86 -14.09 -13.07
N PRO C 310 33.05 -14.21 -12.02
CA PRO C 310 33.54 -14.72 -10.74
C PRO C 310 33.98 -16.17 -10.85
N PRO C 311 34.84 -16.64 -9.95
CA PRO C 311 35.35 -18.01 -10.04
C PRO C 311 34.36 -19.06 -9.59
N ILE C 312 33.44 -18.69 -8.69
CA ILE C 312 32.44 -19.60 -8.17
C ILE C 312 31.09 -18.93 -8.37
N ILE C 313 30.23 -19.57 -9.18
CA ILE C 313 28.92 -19.03 -9.52
C ILE C 313 27.87 -19.69 -8.64
N PRO C 314 27.34 -19.01 -7.63
CA PRO C 314 26.14 -19.55 -6.97
C PRO C 314 25.01 -19.30 -7.93
N SER C 315 24.03 -20.19 -7.93
CA SER C 315 22.83 -19.92 -8.72
C SER C 315 21.75 -19.48 -7.76
N VAL C 316 21.12 -18.35 -8.07
CA VAL C 316 20.05 -17.79 -7.27
C VAL C 316 18.87 -17.61 -8.22
N ALA C 317 17.80 -18.37 -7.98
CA ALA C 317 16.70 -18.43 -8.93
C ALA C 317 15.82 -17.18 -8.87
N SER C 318 15.70 -16.56 -7.71
CA SER C 318 14.82 -15.41 -7.55
C SER C 318 15.28 -14.63 -6.33
N PRO C 319 14.78 -13.40 -6.14
CA PRO C 319 15.13 -12.64 -4.92
C PRO C 319 14.68 -13.28 -3.62
N THR C 320 13.86 -14.33 -3.64
CA THR C 320 13.44 -14.99 -2.41
C THR C 320 14.12 -16.35 -2.21
N ASP C 321 15.07 -16.70 -3.08
CA ASP C 321 15.74 -18.00 -3.03
C ASP C 321 16.81 -17.97 -1.94
N THR C 322 16.61 -18.72 -0.87
CA THR C 322 17.57 -18.86 0.22
C THR C 322 18.30 -20.20 0.21
N SER C 323 18.34 -20.88 -0.93
CA SER C 323 18.91 -22.24 -0.97
C SER C 323 20.41 -22.27 -0.70
N ASN C 324 21.09 -21.14 -0.72
CA ASN C 324 22.52 -21.10 -0.41
C ASN C 324 22.80 -20.89 1.07
N PHE C 325 21.77 -20.87 1.91
CA PHE C 325 21.92 -20.69 3.35
C PHE C 325 21.34 -21.89 4.08
N ASP C 326 21.84 -22.12 5.29
CA ASP C 326 21.28 -23.16 6.13
C ASP C 326 19.82 -22.88 6.46
N SER C 327 19.11 -23.92 6.87
CA SER C 327 17.74 -23.78 7.31
C SER C 327 17.71 -23.62 8.83
N PHE C 328 16.81 -22.75 9.30
CA PHE C 328 16.65 -22.50 10.71
C PHE C 328 15.18 -22.55 11.06
N PRO C 329 14.81 -23.18 12.16
CA PRO C 329 13.42 -23.09 12.63
C PRO C 329 13.14 -21.66 13.04
N GLU C 330 11.91 -21.23 12.83
CA GLU C 330 11.56 -19.87 13.19
C GLU C 330 11.72 -19.66 14.70
N ASP C 331 11.90 -18.41 15.07
CA ASP C 331 12.22 -18.06 16.45
C ASP C 331 11.08 -18.39 17.41
N ASN C 332 11.40 -19.23 18.40
CA ASN C 332 10.48 -19.58 19.47
C ASN C 332 11.04 -19.21 20.83
N ASP C 333 12.13 -18.46 20.87
CA ASP C 333 12.77 -18.08 22.12
C ASP C 333 11.96 -17.00 22.84
N GLU C 334 12.19 -16.91 24.15
CA GLU C 334 11.59 -15.86 24.96
C GLU C 334 12.03 -14.49 24.44
N PRO C 335 11.12 -13.53 24.33
CA PRO C 335 11.52 -12.18 23.94
C PRO C 335 12.48 -11.61 24.96
N PRO C 336 13.50 -10.89 24.53
CA PRO C 336 14.45 -10.32 25.49
C PRO C 336 13.81 -9.20 26.27
N PRO C 337 14.42 -8.79 27.39
CA PRO C 337 13.86 -7.67 28.16
C PRO C 337 13.90 -6.37 27.38
N ASP C 338 13.00 -5.45 27.74
CA ASP C 338 13.02 -4.11 27.15
C ASP C 338 14.36 -3.44 27.43
N ASP C 339 14.80 -2.63 26.48
CA ASP C 339 16.04 -1.84 26.60
C ASP C 339 15.76 -0.40 26.18
N ASN C 340 15.50 0.47 27.17
CA ASN C 340 15.24 1.88 26.91
C ASN C 340 16.31 2.83 27.45
N SER C 341 17.58 2.40 27.53
CA SER C 341 18.61 3.29 28.06
C SER C 341 18.86 4.51 27.18
N GLY C 342 18.55 4.41 25.89
CA GLY C 342 18.60 5.56 25.00
C GLY C 342 19.83 5.68 24.14
N TRP C 343 20.76 4.72 24.20
CA TRP C 343 21.93 4.76 23.33
C TRP C 343 21.56 4.58 21.85
N ASP C 344 20.32 4.19 21.54
CA ASP C 344 19.90 3.93 20.17
C ASP C 344 19.06 5.06 19.58
N ILE C 345 19.32 6.33 19.92
CA ILE C 345 18.44 7.41 19.46
C ILE C 345 18.51 7.54 17.95
N ASP C 346 19.70 7.38 17.37
CA ASP C 346 19.88 7.64 15.95
C ASP C 346 19.33 6.52 15.07
N PHE C 347 18.90 5.41 15.67
CA PHE C 347 18.41 4.27 14.90
C PHE C 347 16.97 4.47 14.43
N LYS D 20 -7.42 -12.89 -36.90
CA LYS D 20 -6.57 -13.05 -35.73
C LYS D 20 -7.05 -14.21 -34.86
N TYR D 21 -8.29 -14.63 -35.08
CA TYR D 21 -8.82 -15.78 -34.35
C TYR D 21 -8.03 -17.04 -34.65
N GLU D 22 -7.52 -17.19 -35.87
CA GLU D 22 -6.69 -18.34 -36.19
C GLU D 22 -5.28 -18.20 -35.65
N ALA D 23 -4.81 -16.98 -35.39
CA ALA D 23 -3.48 -16.78 -34.83
C ALA D 23 -3.36 -17.44 -33.46
N GLU D 24 -4.42 -17.38 -32.67
CA GLU D 24 -4.42 -17.99 -31.35
C GLU D 24 -4.82 -19.46 -31.38
N ALA D 25 -5.04 -20.03 -32.57
CA ALA D 25 -5.50 -21.41 -32.65
C ALA D 25 -4.53 -22.37 -31.96
N ALA D 26 -3.23 -22.24 -32.24
CA ALA D 26 -2.30 -23.17 -31.61
C ALA D 26 -2.29 -22.96 -30.12
N PHE D 27 -2.48 -21.71 -29.68
CA PHE D 27 -2.49 -21.43 -28.24
C PHE D 27 -3.59 -22.23 -27.57
N PHE D 28 -4.77 -22.25 -28.17
CA PHE D 28 -5.87 -22.96 -27.52
C PHE D 28 -5.76 -24.46 -27.74
N ALA D 29 -5.21 -24.90 -28.89
CA ALA D 29 -5.14 -26.32 -29.13
C ALA D 29 -4.21 -27.02 -28.15
N ASN D 30 -3.14 -26.33 -27.75
CA ASN D 30 -2.12 -26.90 -26.88
C ASN D 30 -2.55 -26.96 -25.41
N LEU D 31 -3.68 -26.36 -25.05
CA LEU D 31 -4.05 -26.29 -23.65
C LEU D 31 -4.51 -27.64 -23.12
N LYS D 32 -4.24 -27.87 -21.84
CA LYS D 32 -4.79 -28.99 -21.09
C LYS D 32 -5.42 -28.44 -19.83
N LEU D 33 -6.32 -29.23 -19.23
CA LEU D 33 -6.96 -28.78 -18.00
C LEU D 33 -5.94 -28.53 -16.90
N SER D 34 -4.87 -29.33 -16.84
CA SER D 34 -3.83 -29.16 -15.83
C SER D 34 -3.05 -27.86 -15.98
N ASP D 35 -3.25 -27.13 -17.07
CA ASP D 35 -2.58 -25.84 -17.26
C ASP D 35 -3.23 -24.71 -16.48
N PHE D 36 -4.34 -24.97 -15.78
CA PHE D 36 -5.10 -23.91 -15.16
C PHE D 36 -5.15 -24.11 -13.65
N ASN D 37 -5.24 -22.98 -12.95
CA ASN D 37 -5.56 -22.94 -11.53
C ASN D 37 -6.96 -22.36 -11.39
N ILE D 38 -7.75 -22.92 -10.47
CA ILE D 38 -9.05 -22.35 -10.15
C ILE D 38 -8.85 -21.20 -9.18
N ILE D 39 -9.45 -20.05 -9.48
CA ILE D 39 -9.33 -18.88 -8.61
C ILE D 39 -10.48 -18.87 -7.61
N ASP D 40 -11.71 -18.80 -8.13
CA ASP D 40 -12.92 -18.81 -7.31
C ASP D 40 -14.10 -19.02 -8.24
N THR D 41 -15.26 -19.28 -7.65
CA THR D 41 -16.47 -19.57 -8.39
C THR D 41 -17.17 -18.27 -8.78
N LEU D 42 -17.54 -18.16 -10.05
CA LEU D 42 -18.27 -16.99 -10.54
C LEU D 42 -19.77 -17.17 -10.47
N GLY D 43 -20.26 -18.38 -10.71
CA GLY D 43 -21.69 -18.62 -10.65
C GLY D 43 -21.99 -20.10 -10.60
N VAL D 44 -23.20 -20.41 -10.13
CA VAL D 44 -23.71 -21.77 -10.10
C VAL D 44 -25.12 -21.74 -10.66
N GLY D 45 -25.31 -22.39 -11.81
CA GLY D 45 -26.59 -22.41 -12.48
C GLY D 45 -27.23 -23.78 -12.38
N GLY D 46 -28.40 -23.89 -13.00
CA GLY D 46 -29.10 -25.17 -12.98
C GLY D 46 -28.38 -26.25 -13.77
N PHE D 47 -27.59 -25.87 -14.77
CA PHE D 47 -26.92 -26.85 -15.62
C PHE D 47 -25.41 -26.95 -15.42
N GLY D 48 -24.77 -25.95 -14.85
CA GLY D 48 -23.35 -26.11 -14.63
C GLY D 48 -22.85 -25.13 -13.60
N ARG D 49 -21.54 -25.18 -13.40
CA ARG D 49 -20.84 -24.33 -12.45
C ARG D 49 -19.79 -23.57 -13.24
N VAL D 50 -19.66 -22.28 -12.97
CA VAL D 50 -18.71 -21.45 -13.70
C VAL D 50 -17.64 -20.98 -12.74
N GLU D 51 -16.41 -21.39 -13.01
CA GLU D 51 -15.24 -21.04 -12.22
C GLU D 51 -14.36 -20.05 -12.97
N LEU D 52 -13.84 -19.05 -12.27
CA LEU D 52 -12.77 -18.25 -12.83
C LEU D 52 -11.49 -19.07 -12.74
N VAL D 53 -10.84 -19.28 -13.88
CA VAL D 53 -9.62 -20.07 -13.92
C VAL D 53 -8.50 -19.17 -14.43
N GLN D 54 -7.27 -19.54 -14.08
CA GLN D 54 -6.09 -18.76 -14.42
C GLN D 54 -5.09 -19.67 -15.11
N LEU D 55 -4.53 -19.20 -16.22
CA LEU D 55 -3.45 -19.94 -16.86
C LEU D 55 -2.23 -19.86 -15.96
N LYS D 56 -1.77 -21.01 -15.46
CA LYS D 56 -0.71 -21.02 -14.46
C LYS D 56 0.57 -20.38 -15.00
N SER D 57 0.90 -20.62 -16.27
CA SER D 57 2.13 -20.11 -16.85
C SER D 57 2.06 -18.65 -17.21
N GLU D 58 0.86 -18.07 -17.29
CA GLU D 58 0.67 -16.67 -17.68
C GLU D 58 -0.47 -16.11 -16.84
N GLU D 59 -0.12 -15.52 -15.70
CA GLU D 59 -1.11 -15.13 -14.70
C GLU D 59 -2.02 -14.00 -15.18
N SER D 60 -1.66 -13.28 -16.24
CA SER D 60 -2.53 -12.23 -16.76
C SER D 60 -3.70 -12.79 -17.56
N LYS D 61 -3.69 -14.07 -17.90
CA LYS D 61 -4.76 -14.69 -18.67
C LYS D 61 -5.67 -15.48 -17.75
N THR D 62 -6.88 -14.99 -17.52
CA THR D 62 -7.90 -15.75 -16.83
C THR D 62 -9.10 -15.93 -17.74
N PHE D 63 -9.91 -16.93 -17.41
CA PHE D 63 -11.04 -17.32 -18.23
C PHE D 63 -12.15 -17.78 -17.30
N ALA D 64 -13.37 -17.79 -17.82
CA ALA D 64 -14.48 -18.43 -17.13
C ALA D 64 -14.62 -19.84 -17.69
N MET D 65 -14.66 -20.82 -16.80
CA MET D 65 -14.77 -22.23 -17.20
C MET D 65 -16.10 -22.78 -16.70
N LYS D 66 -17.01 -23.05 -17.64
CA LYS D 66 -18.28 -23.68 -17.31
C LYS D 66 -18.11 -25.20 -17.25
N ILE D 67 -18.53 -25.80 -16.14
CA ILE D 67 -18.33 -27.23 -15.88
C ILE D 67 -19.69 -27.90 -15.73
N LEU D 68 -19.94 -28.90 -16.58
CA LEU D 68 -21.22 -29.62 -16.64
C LEU D 68 -21.01 -31.10 -16.36
N LYS D 69 -21.88 -31.69 -15.55
CA LYS D 69 -21.88 -33.13 -15.29
C LYS D 69 -22.62 -33.88 -16.39
N LYS D 70 -21.93 -34.77 -17.10
CA LYS D 70 -22.55 -35.39 -18.29
C LYS D 70 -23.74 -36.28 -17.93
N ARG D 71 -23.67 -37.03 -16.83
CA ARG D 71 -24.80 -37.89 -16.46
C ARG D 71 -26.05 -37.06 -16.23
N HIS D 72 -25.92 -35.88 -15.63
CA HIS D 72 -27.07 -35.03 -15.41
C HIS D 72 -27.65 -34.54 -16.73
N ILE D 73 -26.79 -34.28 -17.71
CA ILE D 73 -27.26 -33.93 -19.05
C ILE D 73 -28.06 -35.08 -19.64
N VAL D 74 -27.57 -36.31 -19.43
CA VAL D 74 -28.27 -37.49 -19.95
C VAL D 74 -29.62 -37.67 -19.27
N ASP D 75 -29.68 -37.52 -17.94
CA ASP D 75 -30.94 -37.70 -17.23
C ASP D 75 -32.02 -36.79 -17.78
N THR D 76 -31.65 -35.53 -18.07
CA THR D 76 -32.59 -34.52 -18.52
C THR D 76 -32.65 -34.39 -20.03
N ARG D 77 -31.96 -35.26 -20.77
CA ARG D 77 -32.03 -35.28 -22.24
C ARG D 77 -31.65 -33.92 -22.83
N GLN D 78 -30.52 -33.39 -22.37
CA GLN D 78 -30.07 -32.06 -22.79
C GLN D 78 -28.85 -32.12 -23.69
N GLN D 79 -28.52 -33.30 -24.22
CA GLN D 79 -27.33 -33.46 -25.05
C GLN D 79 -27.35 -32.54 -26.25
N GLU D 80 -28.46 -32.51 -26.98
CA GLU D 80 -28.56 -31.63 -28.15
C GLU D 80 -28.41 -30.17 -27.76
N HIS D 81 -29.00 -29.79 -26.62
CA HIS D 81 -28.90 -28.41 -26.17
C HIS D 81 -27.45 -28.04 -25.85
N ILE D 82 -26.71 -28.95 -25.21
CA ILE D 82 -25.32 -28.65 -24.86
C ILE D 82 -24.44 -28.63 -26.10
N ARG D 83 -24.70 -29.54 -27.05
CA ARG D 83 -24.00 -29.48 -28.33
C ARG D 83 -24.25 -28.14 -29.02
N SER D 84 -25.50 -27.67 -29.00
CA SER D 84 -25.83 -26.38 -29.60
C SER D 84 -25.15 -25.24 -28.85
N GLU D 85 -25.11 -25.33 -27.52
CA GLU D 85 -24.43 -24.30 -26.75
C GLU D 85 -22.98 -24.17 -27.20
N LYS D 86 -22.27 -25.29 -27.29
CA LYS D 86 -20.90 -25.25 -27.77
C LYS D 86 -20.82 -24.70 -29.19
N GLN D 87 -21.62 -25.25 -30.11
CA GLN D 87 -21.50 -24.87 -31.52
C GLN D 87 -21.76 -23.38 -31.71
N ILE D 88 -22.86 -22.88 -31.12
CA ILE D 88 -23.25 -21.49 -31.31
C ILE D 88 -22.26 -20.54 -30.64
N MET D 89 -21.91 -20.80 -29.36
CA MET D 89 -21.00 -19.88 -28.69
C MET D 89 -19.61 -19.90 -29.30
N GLN D 90 -19.10 -21.09 -29.64
CA GLN D 90 -17.78 -21.17 -30.23
C GLN D 90 -17.76 -20.53 -31.62
N GLY D 91 -18.85 -20.65 -32.38
CA GLY D 91 -18.92 -20.03 -33.69
C GLY D 91 -19.29 -18.55 -33.72
N ALA D 92 -19.75 -17.99 -32.61
CA ALA D 92 -20.18 -16.60 -32.60
C ALA D 92 -19.00 -15.66 -32.39
N HIS D 93 -19.00 -14.54 -33.11
CA HIS D 93 -17.98 -13.51 -32.98
C HIS D 93 -18.67 -12.15 -32.92
N SER D 94 -19.14 -11.80 -31.72
CA SER D 94 -19.86 -10.56 -31.47
C SER D 94 -19.35 -9.95 -30.18
N ASP D 95 -19.12 -8.64 -30.18
CA ASP D 95 -18.71 -7.97 -28.96
C ASP D 95 -19.76 -8.01 -27.87
N PHE D 96 -20.99 -8.41 -28.19
CA PHE D 96 -22.08 -8.45 -27.23
C PHE D 96 -22.42 -9.89 -26.83
N ILE D 97 -21.56 -10.83 -27.17
CA ILE D 97 -21.72 -12.24 -26.81
C ILE D 97 -20.38 -12.74 -26.28
N VAL D 98 -20.40 -13.38 -25.12
CA VAL D 98 -19.17 -13.94 -24.55
C VAL D 98 -18.58 -14.99 -25.48
N ARG D 99 -17.29 -14.88 -25.74
CA ARG D 99 -16.59 -15.81 -26.60
C ARG D 99 -16.42 -17.17 -25.91
N LEU D 100 -16.62 -18.25 -26.66
CA LEU D 100 -16.27 -19.60 -26.21
C LEU D 100 -15.08 -20.06 -27.05
N TYR D 101 -13.92 -20.24 -26.38
CA TYR D 101 -12.68 -20.48 -27.12
C TYR D 101 -12.52 -21.96 -27.48
N ARG D 102 -12.76 -22.85 -26.52
CA ARG D 102 -12.66 -24.28 -26.79
C ARG D 102 -13.32 -25.02 -25.64
N THR D 103 -13.45 -26.33 -25.82
CA THR D 103 -14.01 -27.19 -24.80
C THR D 103 -13.02 -28.28 -24.43
N PHE D 104 -13.24 -28.87 -23.27
CA PHE D 104 -12.53 -30.05 -22.81
C PHE D 104 -13.55 -31.07 -22.32
N LYS D 105 -13.09 -32.29 -22.10
CA LYS D 105 -13.98 -33.31 -21.55
C LYS D 105 -13.13 -34.37 -20.86
N ASP D 106 -13.74 -35.03 -19.88
CA ASP D 106 -13.20 -36.25 -19.31
C ASP D 106 -14.38 -37.21 -19.14
N SER D 107 -14.19 -38.25 -18.32
CA SER D 107 -15.22 -39.27 -18.23
C SER D 107 -16.50 -38.76 -17.58
N LYS D 108 -16.41 -37.72 -16.73
CA LYS D 108 -17.57 -37.27 -15.97
C LYS D 108 -18.06 -35.88 -16.36
N TYR D 109 -17.19 -35.01 -16.85
CA TYR D 109 -17.54 -33.59 -16.98
C TYR D 109 -17.23 -33.08 -18.39
N LEU D 110 -17.96 -32.05 -18.78
CA LEU D 110 -17.62 -31.20 -19.91
C LEU D 110 -17.15 -29.84 -19.41
N TYR D 111 -16.23 -29.24 -20.15
CA TYR D 111 -15.63 -27.97 -19.76
C TYR D 111 -15.73 -27.00 -20.93
N MET D 112 -16.25 -25.80 -20.67
CA MET D 112 -16.31 -24.74 -21.68
C MET D 112 -15.44 -23.57 -21.24
N LEU D 113 -14.37 -23.32 -22.00
CA LEU D 113 -13.42 -22.27 -21.68
C LEU D 113 -13.82 -21.00 -22.41
N MET D 114 -14.35 -20.03 -21.68
CA MET D 114 -14.90 -18.84 -22.28
C MET D 114 -14.21 -17.59 -21.75
N GLU D 115 -14.46 -16.48 -22.45
CA GLU D 115 -14.03 -15.18 -21.99
C GLU D 115 -14.67 -14.86 -20.65
N ALA D 116 -13.85 -14.40 -19.70
CA ALA D 116 -14.33 -14.00 -18.39
C ALA D 116 -14.74 -12.53 -18.41
N CYS D 117 -15.93 -12.23 -17.88
CA CYS D 117 -16.40 -10.85 -17.73
C CYS D 117 -16.55 -10.54 -16.25
N LEU D 118 -15.64 -9.72 -15.72
CA LEU D 118 -15.52 -9.53 -14.28
C LEU D 118 -16.34 -8.37 -13.74
N GLY D 119 -17.15 -7.72 -14.57
CA GLY D 119 -17.97 -6.61 -14.11
C GLY D 119 -19.16 -7.04 -13.27
N GLY D 120 -19.57 -8.28 -13.36
CA GLY D 120 -20.62 -8.82 -12.52
C GLY D 120 -21.87 -9.17 -13.31
N GLU D 121 -22.72 -9.96 -12.68
CA GLU D 121 -23.98 -10.41 -13.25
C GLU D 121 -25.04 -9.32 -13.16
N LEU D 122 -25.78 -9.13 -14.23
CA LEU D 122 -26.75 -8.04 -14.22
C LEU D 122 -27.82 -8.29 -13.16
N TRP D 123 -28.16 -9.55 -12.90
CA TRP D 123 -29.21 -9.83 -11.94
C TRP D 123 -28.81 -9.44 -10.52
N THR D 124 -27.55 -9.70 -10.14
CA THR D 124 -27.10 -9.36 -8.79
C THR D 124 -26.99 -7.85 -8.63
N ILE D 125 -26.53 -7.16 -9.67
CA ILE D 125 -26.47 -5.70 -9.64
C ILE D 125 -27.87 -5.14 -9.50
N LEU D 126 -28.83 -5.69 -10.24
CA LEU D 126 -30.22 -5.25 -10.13
C LEU D 126 -30.76 -5.48 -8.73
N ARG D 127 -30.50 -6.66 -8.15
CA ARG D 127 -30.95 -6.95 -6.79
C ARG D 127 -30.38 -5.94 -5.81
N ASP D 128 -29.09 -5.64 -5.93
CA ASP D 128 -28.44 -4.75 -4.98
C ASP D 128 -28.85 -3.28 -5.18
N ARG D 129 -29.26 -2.89 -6.38
CA ARG D 129 -29.78 -1.53 -6.60
C ARG D 129 -31.29 -1.44 -6.59
N GLY D 130 -32.00 -2.55 -6.56
CA GLY D 130 -33.46 -2.52 -6.59
C GLY D 130 -34.05 -2.40 -7.99
N SER D 131 -33.68 -1.35 -8.72
CA SER D 131 -34.14 -1.18 -10.09
C SER D 131 -33.16 -0.27 -10.82
N PHE D 132 -33.21 -0.32 -12.15
CA PHE D 132 -32.34 0.49 -12.97
C PHE D 132 -33.10 1.70 -13.50
N GLU D 133 -32.41 2.84 -13.57
CA GLU D 133 -32.97 4.02 -14.17
C GLU D 133 -33.23 3.79 -15.67
N ASP D 134 -34.02 4.68 -16.25
CA ASP D 134 -34.41 4.55 -17.66
C ASP D 134 -33.18 4.47 -18.58
N SER D 135 -32.22 5.40 -18.41
CA SER D 135 -31.07 5.43 -19.30
C SER D 135 -30.17 4.21 -19.12
N THR D 136 -30.01 3.75 -17.88
CA THR D 136 -29.25 2.54 -17.61
C THR D 136 -29.86 1.34 -18.30
N THR D 137 -31.16 1.13 -18.10
CA THR D 137 -31.88 0.05 -18.76
C THR D 137 -31.75 0.17 -20.27
N ARG D 138 -31.77 1.40 -20.79
CA ARG D 138 -31.64 1.56 -22.24
C ARG D 138 -30.29 1.08 -22.74
N PHE D 139 -29.21 1.41 -22.02
CA PHE D 139 -27.89 0.91 -22.42
C PHE D 139 -27.87 -0.61 -22.46
N TYR D 140 -28.35 -1.25 -21.39
CA TYR D 140 -28.28 -2.72 -21.35
C TYR D 140 -29.18 -3.37 -22.40
N THR D 141 -30.39 -2.83 -22.57
CA THR D 141 -31.29 -3.36 -23.58
C THR D 141 -30.68 -3.22 -24.97
N ALA D 142 -29.98 -2.11 -25.23
CA ALA D 142 -29.33 -1.93 -26.52
C ALA D 142 -28.24 -2.98 -26.74
N CYS D 143 -27.47 -3.28 -25.69
CA CYS D 143 -26.49 -4.37 -25.80
C CYS D 143 -27.18 -5.66 -26.25
N VAL D 144 -28.31 -5.98 -25.60
CA VAL D 144 -29.02 -7.21 -25.97
C VAL D 144 -29.51 -7.13 -27.42
N VAL D 145 -29.99 -5.95 -27.82
CA VAL D 145 -30.49 -5.77 -29.19
C VAL D 145 -29.39 -6.04 -30.20
N GLU D 146 -28.18 -5.58 -29.93
CA GLU D 146 -27.07 -5.86 -30.85
C GLU D 146 -26.75 -7.36 -30.90
N ALA D 147 -26.73 -8.01 -29.72
CA ALA D 147 -26.51 -9.45 -29.70
C ALA D 147 -27.58 -10.18 -30.51
N PHE D 148 -28.84 -9.74 -30.38
CA PHE D 148 -29.93 -10.37 -31.12
C PHE D 148 -29.82 -10.06 -32.62
N ALA D 149 -29.44 -8.84 -32.98
CA ALA D 149 -29.21 -8.55 -34.39
C ALA D 149 -28.24 -9.58 -34.99
N TYR D 150 -27.14 -9.84 -34.29
CA TYR D 150 -26.17 -10.83 -34.76
C TYR D 150 -26.80 -12.22 -34.87
N LEU D 151 -27.32 -12.74 -33.75
CA LEU D 151 -27.83 -14.11 -33.73
C LEU D 151 -28.97 -14.31 -34.73
N HIS D 152 -29.93 -13.39 -34.74
CA HIS D 152 -31.08 -13.53 -35.62
C HIS D 152 -30.69 -13.35 -37.07
N SER D 153 -29.66 -12.54 -37.37
CA SER D 153 -29.13 -12.49 -38.71
C SER D 153 -28.53 -13.82 -39.12
N LYS D 154 -28.12 -14.64 -38.15
CA LYS D 154 -27.64 -15.98 -38.48
C LYS D 154 -28.69 -17.07 -38.28
N GLY D 155 -29.95 -16.70 -38.05
CA GLY D 155 -31.01 -17.69 -37.88
C GLY D 155 -30.97 -18.43 -36.57
N ILE D 156 -30.45 -17.82 -35.52
CA ILE D 156 -30.25 -18.47 -34.23
C ILE D 156 -31.19 -17.84 -33.21
N ILE D 157 -31.98 -18.68 -32.55
CA ILE D 157 -32.79 -18.22 -31.43
C ILE D 157 -31.98 -18.41 -30.17
N TYR D 158 -32.00 -17.41 -29.29
CA TYR D 158 -31.23 -17.47 -28.06
C TYR D 158 -31.97 -18.19 -26.94
N ARG D 159 -33.22 -17.77 -26.66
CA ARG D 159 -34.22 -18.51 -25.91
C ARG D 159 -33.98 -18.57 -24.40
N ASP D 160 -33.01 -17.83 -23.86
CA ASP D 160 -32.89 -17.79 -22.40
C ASP D 160 -32.48 -16.40 -21.92
N LEU D 161 -33.09 -15.36 -22.48
CA LEU D 161 -32.82 -14.02 -22.00
C LEU D 161 -33.38 -13.84 -20.59
N LYS D 162 -32.56 -13.30 -19.70
CA LYS D 162 -32.92 -12.97 -18.33
C LYS D 162 -31.71 -12.26 -17.71
N PRO D 163 -31.90 -11.45 -16.65
CA PRO D 163 -30.77 -10.69 -16.09
C PRO D 163 -29.60 -11.57 -15.67
N GLU D 164 -29.86 -12.80 -15.25
CA GLU D 164 -28.81 -13.70 -14.81
C GLU D 164 -27.88 -14.10 -15.93
N ASN D 165 -28.35 -14.02 -17.18
CA ASN D 165 -27.56 -14.39 -18.35
C ASN D 165 -26.94 -13.18 -19.04
N LEU D 166 -26.93 -12.03 -18.38
CA LEU D 166 -26.28 -10.82 -18.88
C LEU D 166 -25.16 -10.48 -17.89
N ILE D 167 -23.95 -10.37 -18.40
CA ILE D 167 -22.80 -10.07 -17.54
C ILE D 167 -22.07 -8.87 -18.08
N LEU D 168 -21.52 -8.07 -17.17
CA LEU D 168 -20.75 -6.90 -17.54
C LEU D 168 -19.27 -7.23 -17.61
N ASP D 169 -18.60 -6.67 -18.60
CA ASP D 169 -17.14 -6.76 -18.63
C ASP D 169 -16.58 -5.65 -17.74
N HIS D 170 -15.25 -5.51 -17.71
CA HIS D 170 -14.63 -4.55 -16.81
C HIS D 170 -15.00 -3.11 -17.16
N ARG D 171 -15.43 -2.86 -18.40
CA ARG D 171 -15.83 -1.52 -18.82
C ARG D 171 -17.24 -1.18 -18.36
N GLY D 172 -18.09 -2.17 -18.15
CA GLY D 172 -19.51 -1.96 -17.98
C GLY D 172 -20.35 -2.28 -19.19
N TYR D 173 -19.75 -2.82 -20.25
CA TYR D 173 -20.53 -3.30 -21.39
C TYR D 173 -21.12 -4.66 -21.07
N ALA D 174 -22.35 -4.88 -21.51
CA ALA D 174 -23.07 -6.12 -21.22
C ALA D 174 -22.91 -7.12 -22.37
N LYS D 175 -22.81 -8.40 -22.01
CA LYS D 175 -22.67 -9.48 -22.97
C LYS D 175 -23.60 -10.62 -22.59
N LEU D 176 -24.10 -11.32 -23.60
CA LEU D 176 -24.88 -12.54 -23.37
C LEU D 176 -23.98 -13.70 -23.01
N VAL D 177 -24.40 -14.46 -22.01
CA VAL D 177 -23.83 -15.76 -21.68
C VAL D 177 -24.95 -16.79 -21.67
N ASP D 178 -24.55 -18.05 -21.50
CA ASP D 178 -25.48 -19.17 -21.32
C ASP D 178 -26.30 -19.41 -22.57
N PHE D 179 -25.75 -20.18 -23.51
CA PHE D 179 -26.44 -20.56 -24.73
C PHE D 179 -27.02 -21.97 -24.62
N GLY D 180 -27.37 -22.38 -23.40
CA GLY D 180 -27.87 -23.71 -23.13
C GLY D 180 -29.20 -24.04 -23.80
N PHE D 181 -29.98 -23.02 -24.15
CA PHE D 181 -31.24 -23.25 -24.86
C PHE D 181 -31.21 -22.74 -26.30
N ALA D 182 -30.10 -22.16 -26.75
CA ALA D 182 -30.04 -21.59 -28.09
C ALA D 182 -30.06 -22.67 -29.16
N LYS D 183 -30.61 -22.34 -30.32
CA LYS D 183 -30.75 -23.30 -31.40
C LYS D 183 -30.71 -22.59 -32.74
N LYS D 184 -30.03 -23.21 -33.70
CA LYS D 184 -30.09 -22.78 -35.09
C LYS D 184 -31.38 -23.29 -35.69
N ILE D 185 -32.18 -22.39 -36.27
CA ILE D 185 -33.46 -22.74 -36.86
C ILE D 185 -33.33 -22.58 -38.38
N GLY D 186 -33.83 -23.56 -39.11
CA GLY D 186 -33.82 -23.48 -40.55
C GLY D 186 -34.73 -22.37 -41.06
N PHE D 187 -34.41 -21.87 -42.25
CA PHE D 187 -35.22 -20.81 -42.85
C PHE D 187 -36.66 -21.27 -43.04
N GLY D 188 -37.59 -20.43 -42.60
CA GLY D 188 -39.00 -20.75 -42.71
C GLY D 188 -39.48 -21.80 -41.75
N LYS D 189 -38.65 -22.22 -40.81
CA LYS D 189 -38.98 -23.31 -39.90
C LYS D 189 -39.32 -22.79 -38.51
N LYS D 190 -40.01 -23.63 -37.76
CA LYS D 190 -40.23 -23.42 -36.33
C LYS D 190 -39.57 -24.56 -35.57
N THR D 191 -39.44 -24.37 -34.27
CA THR D 191 -38.98 -25.40 -33.36
C THR D 191 -39.98 -25.52 -32.22
N TRP D 192 -39.91 -26.62 -31.48
CA TRP D 192 -41.00 -26.95 -30.55
C TRP D 192 -40.62 -27.29 -29.11
N TPO D 193 -39.34 -27.22 -28.75
CA TPO D 193 -38.93 -27.57 -27.41
CB TPO D 193 -37.43 -27.69 -27.28
CG2 TPO D 193 -37.06 -28.19 -25.88
OG1 TPO D 193 -36.92 -28.62 -28.23
P TPO D 193 -35.98 -27.83 -29.26
O1P TPO D 193 -35.62 -28.81 -30.50
O2P TPO D 193 -34.72 -27.44 -28.58
O3P TPO D 193 -36.75 -26.53 -29.81
C TPO D 193 -39.46 -26.54 -26.41
O TPO D 193 -39.21 -25.33 -26.54
N PHE D 194 -40.22 -27.00 -25.42
CA PHE D 194 -40.68 -26.16 -24.33
C PHE D 194 -39.53 -26.04 -23.34
N CYS D 195 -38.81 -24.92 -23.43
CA CYS D 195 -37.67 -24.65 -22.59
C CYS D 195 -37.53 -23.14 -22.43
N GLY D 196 -36.71 -22.75 -21.47
CA GLY D 196 -36.54 -21.37 -21.08
C GLY D 196 -36.92 -21.14 -19.64
N THR D 197 -36.60 -19.97 -19.18
CA THR D 197 -36.93 -19.68 -17.79
C THR D 197 -38.37 -19.18 -17.72
N PRO D 198 -39.17 -19.75 -16.82
CA PRO D 198 -40.63 -19.55 -16.90
C PRO D 198 -41.09 -18.11 -17.09
N GLU D 199 -40.50 -17.16 -16.36
CA GLU D 199 -40.97 -15.78 -16.42
C GLU D 199 -40.77 -15.13 -17.78
N TYR D 200 -39.86 -15.67 -18.60
CA TYR D 200 -39.50 -15.06 -19.87
C TYR D 200 -40.03 -15.80 -21.09
N VAL D 201 -40.75 -16.90 -20.89
CA VAL D 201 -41.19 -17.76 -21.98
C VAL D 201 -42.35 -17.09 -22.73
N ALA D 202 -42.26 -17.09 -24.07
CA ALA D 202 -43.30 -16.49 -24.89
C ALA D 202 -44.55 -17.39 -24.92
N PRO D 203 -45.72 -16.81 -25.20
CA PRO D 203 -46.95 -17.62 -25.17
C PRO D 203 -46.95 -18.76 -26.16
N GLU D 204 -46.36 -18.57 -27.35
CA GLU D 204 -46.34 -19.65 -28.33
C GLU D 204 -45.48 -20.82 -27.88
N ILE D 205 -44.54 -20.60 -26.95
CA ILE D 205 -43.79 -21.74 -26.40
C ILE D 205 -44.64 -22.49 -25.39
N ILE D 206 -45.35 -21.77 -24.53
CA ILE D 206 -46.27 -22.40 -23.58
C ILE D 206 -47.31 -23.24 -24.32
N LEU D 207 -47.86 -22.70 -25.40
CA LEU D 207 -48.97 -23.33 -26.12
C LEU D 207 -48.52 -24.40 -27.11
N ASN D 208 -47.22 -24.71 -27.17
CA ASN D 208 -46.68 -25.79 -28.01
C ASN D 208 -47.13 -25.66 -29.47
N LYS D 209 -47.18 -24.43 -29.98
CA LYS D 209 -47.55 -24.17 -31.37
C LYS D 209 -46.36 -23.94 -32.27
N GLY D 210 -45.14 -24.14 -31.78
CA GLY D 210 -43.93 -23.81 -32.53
C GLY D 210 -43.51 -22.36 -32.34
N HIS D 211 -42.20 -22.15 -32.39
CA HIS D 211 -41.67 -20.79 -32.25
C HIS D 211 -40.41 -20.64 -33.09
N ASP D 212 -40.03 -19.38 -33.29
CA ASP D 212 -38.82 -19.05 -34.02
C ASP D 212 -38.15 -17.88 -33.30
N ILE D 213 -37.26 -17.16 -33.99
CA ILE D 213 -36.47 -16.13 -33.34
C ILE D 213 -37.33 -15.05 -32.69
N SER D 214 -38.59 -14.88 -33.14
CA SER D 214 -39.43 -13.83 -32.57
C SER D 214 -39.75 -14.06 -31.10
N ALA D 215 -39.63 -15.30 -30.62
CA ALA D 215 -39.77 -15.53 -29.18
C ALA D 215 -38.79 -14.67 -28.40
N ASP D 216 -37.58 -14.48 -28.94
CA ASP D 216 -36.59 -13.66 -28.27
C ASP D 216 -37.09 -12.24 -28.04
N TYR D 217 -37.83 -11.69 -29.01
CA TYR D 217 -38.32 -10.33 -28.85
C TYR D 217 -39.30 -10.25 -27.68
N TRP D 218 -40.14 -11.29 -27.51
CA TRP D 218 -40.99 -11.33 -26.33
C TRP D 218 -40.14 -11.19 -25.07
N SER D 219 -39.09 -12.02 -24.97
CA SER D 219 -38.26 -12.00 -23.77
C SER D 219 -37.64 -10.63 -23.57
N LEU D 220 -37.31 -9.92 -24.66
CA LEU D 220 -36.72 -8.60 -24.51
C LEU D 220 -37.66 -7.67 -23.76
N GLY D 221 -38.95 -7.71 -24.11
CA GLY D 221 -39.91 -6.90 -23.37
C GLY D 221 -39.89 -7.23 -21.90
N ILE D 222 -39.94 -8.53 -21.57
CA ILE D 222 -39.91 -8.95 -20.18
C ILE D 222 -38.68 -8.36 -19.51
N LEU D 223 -37.53 -8.46 -20.17
CA LEU D 223 -36.29 -7.96 -19.58
C LEU D 223 -36.42 -6.49 -19.24
N MET D 224 -36.90 -5.68 -20.19
CA MET D 224 -37.04 -4.25 -19.90
C MET D 224 -37.86 -4.06 -18.65
N TYR D 225 -39.01 -4.73 -18.59
CA TYR D 225 -39.88 -4.56 -17.43
C TYR D 225 -39.13 -4.87 -16.15
N GLU D 226 -38.45 -6.01 -16.12
CA GLU D 226 -37.76 -6.41 -14.90
C GLU D 226 -36.70 -5.38 -14.55
N LEU D 227 -35.90 -4.96 -15.53
CA LEU D 227 -34.81 -4.04 -15.23
C LEU D 227 -35.37 -2.73 -14.71
N LEU D 228 -36.53 -2.31 -15.19
CA LEU D 228 -37.06 -1.02 -14.78
C LEU D 228 -37.76 -1.07 -13.43
N THR D 229 -38.17 -2.26 -12.97
CA THR D 229 -38.97 -2.34 -11.75
C THR D 229 -38.38 -3.25 -10.69
N GLY D 230 -37.40 -4.08 -11.04
CA GLY D 230 -36.85 -5.04 -10.11
C GLY D 230 -37.49 -6.41 -10.15
N SER D 231 -38.62 -6.57 -10.84
CA SER D 231 -39.31 -7.85 -10.91
C SER D 231 -39.94 -8.01 -12.27
N PRO D 232 -40.05 -9.24 -12.78
CA PRO D 232 -40.69 -9.46 -14.07
C PRO D 232 -42.20 -9.28 -13.97
N PRO D 233 -42.87 -8.98 -15.08
CA PRO D 233 -44.30 -8.67 -15.00
C PRO D 233 -45.18 -9.87 -14.70
N PHE D 234 -44.84 -11.05 -15.22
CA PHE D 234 -45.61 -12.25 -14.98
C PHE D 234 -44.86 -13.13 -13.99
N SER D 235 -45.44 -13.36 -12.81
CA SER D 235 -44.81 -14.21 -11.82
C SER D 235 -45.88 -14.85 -10.93
N GLY D 236 -45.73 -16.14 -10.71
CA GLY D 236 -46.62 -16.88 -9.84
C GLY D 236 -45.84 -17.65 -8.80
N PRO D 237 -46.54 -18.35 -7.90
CA PRO D 237 -45.82 -19.13 -6.89
C PRO D 237 -45.04 -20.30 -7.47
N ASP D 238 -45.54 -20.92 -8.53
CA ASP D 238 -44.88 -22.02 -9.23
C ASP D 238 -44.92 -21.72 -10.73
N PRO D 239 -44.06 -22.39 -11.51
CA PRO D 239 -44.05 -22.12 -12.95
C PRO D 239 -45.40 -22.24 -13.64
N MET D 240 -46.30 -23.11 -13.16
CA MET D 240 -47.59 -23.27 -13.82
C MET D 240 -48.44 -21.99 -13.69
N LYS D 241 -48.49 -21.41 -12.49
CA LYS D 241 -49.22 -20.16 -12.32
C LYS D 241 -48.60 -19.05 -13.14
N THR D 242 -47.28 -19.03 -13.24
CA THR D 242 -46.61 -18.05 -14.08
C THR D 242 -47.03 -18.21 -15.55
N TYR D 243 -47.06 -19.44 -16.04
CA TYR D 243 -47.46 -19.69 -17.42
C TYR D 243 -48.90 -19.23 -17.66
N ASN D 244 -49.79 -19.50 -16.71
CA ASN D 244 -51.18 -19.06 -16.87
C ASN D 244 -51.26 -17.54 -16.92
N ILE D 245 -50.51 -16.86 -16.05
CA ILE D 245 -50.46 -15.40 -16.07
C ILE D 245 -49.95 -14.89 -17.41
N ILE D 246 -48.88 -15.50 -17.92
CA ILE D 246 -48.33 -15.11 -19.22
C ILE D 246 -49.40 -15.22 -20.30
N LEU D 247 -50.12 -16.35 -20.31
CA LEU D 247 -51.16 -16.53 -21.31
C LEU D 247 -52.27 -15.50 -21.17
N ARG D 248 -52.41 -14.89 -19.99
CA ARG D 248 -53.38 -13.79 -19.89
C ARG D 248 -52.91 -12.52 -20.60
N GLY D 249 -51.60 -12.32 -20.79
CA GLY D 249 -51.11 -11.28 -21.66
C GLY D 249 -50.64 -10.03 -20.92
N ILE D 250 -49.83 -9.22 -21.64
CA ILE D 250 -49.22 -8.04 -21.03
C ILE D 250 -50.24 -6.93 -20.80
N ASP D 251 -51.31 -6.89 -21.61
CA ASP D 251 -52.29 -5.82 -21.44
C ASP D 251 -53.11 -5.99 -20.17
N MET D 252 -52.99 -7.13 -19.48
CA MET D 252 -53.67 -7.33 -18.21
C MET D 252 -52.79 -6.99 -17.01
N ILE D 253 -51.55 -6.61 -17.25
CA ILE D 253 -50.62 -6.24 -16.19
C ILE D 253 -50.61 -4.72 -16.10
N GLU D 254 -50.74 -4.19 -14.89
CA GLU D 254 -50.64 -2.76 -14.66
C GLU D 254 -49.17 -2.34 -14.57
N PHE D 255 -48.81 -1.33 -15.36
CA PHE D 255 -47.44 -0.83 -15.43
C PHE D 255 -47.19 0.24 -14.38
N PRO D 256 -46.21 0.06 -13.49
CA PRO D 256 -45.89 1.10 -12.52
C PRO D 256 -45.51 2.40 -13.20
N LYS D 257 -45.75 3.51 -12.49
CA LYS D 257 -45.41 4.84 -13.02
C LYS D 257 -43.91 4.98 -13.27
N LYS D 258 -43.09 4.15 -12.62
CA LYS D 258 -41.66 4.15 -12.85
C LYS D 258 -41.32 3.99 -14.32
N ILE D 259 -42.11 3.20 -15.04
CA ILE D 259 -41.85 2.93 -16.45
C ILE D 259 -42.33 4.10 -17.27
N ALA D 260 -41.40 4.77 -17.96
CA ALA D 260 -41.72 5.91 -18.81
C ALA D 260 -42.64 5.50 -19.95
N LYS D 261 -43.34 6.49 -20.52
CA LYS D 261 -44.31 6.21 -21.56
C LYS D 261 -43.68 5.49 -22.75
N ASN D 262 -42.51 5.95 -23.20
CA ASN D 262 -41.85 5.33 -24.34
C ASN D 262 -41.42 3.89 -24.03
N ALA D 263 -40.94 3.67 -22.80
CA ALA D 263 -40.54 2.33 -22.39
C ALA D 263 -41.73 1.38 -22.35
N ALA D 264 -42.85 1.83 -21.77
CA ALA D 264 -44.05 1.01 -21.72
C ALA D 264 -44.53 0.69 -23.14
N ASN D 265 -44.49 1.68 -24.02
CA ASN D 265 -44.89 1.46 -25.41
C ASN D 265 -44.03 0.37 -26.05
N LEU D 266 -42.71 0.45 -25.89
CA LEU D 266 -41.83 -0.55 -26.47
C LEU D 266 -42.07 -1.93 -25.87
N ILE D 267 -42.19 -2.01 -24.55
CA ILE D 267 -42.45 -3.28 -23.88
C ILE D 267 -43.70 -3.94 -24.46
N LYS D 268 -44.78 -3.16 -24.60
CA LYS D 268 -46.01 -3.73 -25.12
C LYS D 268 -45.89 -4.13 -26.58
N LYS D 269 -45.10 -3.40 -27.38
CA LYS D 269 -44.92 -3.79 -28.77
C LYS D 269 -44.08 -5.05 -28.89
N LEU D 270 -43.19 -5.28 -27.93
CA LEU D 270 -42.38 -6.49 -27.91
C LEU D 270 -43.18 -7.69 -27.41
N CYS D 271 -44.02 -7.48 -26.40
CA CYS D 271 -44.80 -8.57 -25.81
C CYS D 271 -46.18 -8.72 -26.45
N ARG D 272 -46.23 -8.72 -27.78
CA ARG D 272 -47.45 -9.08 -28.48
C ARG D 272 -47.66 -10.59 -28.41
N ASP D 273 -48.91 -11.00 -28.16
CA ASP D 273 -49.21 -12.43 -28.08
C ASP D 273 -48.88 -13.15 -29.39
N ASN D 274 -49.27 -12.57 -30.53
CA ASN D 274 -49.04 -13.22 -31.81
C ASN D 274 -47.65 -12.88 -32.33
N PRO D 275 -46.79 -13.88 -32.55
CA PRO D 275 -45.40 -13.57 -32.96
C PRO D 275 -45.28 -12.69 -34.18
N SER D 276 -46.17 -12.83 -35.16
CA SER D 276 -46.05 -12.05 -36.39
C SER D 276 -46.28 -10.56 -36.17
N GLU D 277 -46.80 -10.15 -35.02
CA GLU D 277 -47.04 -8.74 -34.74
C GLU D 277 -45.96 -8.10 -33.87
N ARG D 278 -45.00 -8.87 -33.38
CA ARG D 278 -44.02 -8.35 -32.42
C ARG D 278 -43.01 -7.45 -33.09
N LEU D 279 -42.71 -6.33 -32.44
CA LEU D 279 -41.62 -5.49 -32.88
C LEU D 279 -40.33 -6.29 -32.92
N GLY D 280 -39.53 -6.06 -33.97
CA GLY D 280 -38.39 -6.88 -34.29
C GLY D 280 -38.69 -7.95 -35.32
N ASN D 281 -39.95 -8.38 -35.41
CA ASN D 281 -40.39 -9.37 -36.38
C ASN D 281 -41.18 -8.75 -37.53
N LEU D 282 -41.10 -7.44 -37.69
CA LEU D 282 -41.89 -6.75 -38.71
C LEU D 282 -41.04 -6.46 -39.94
N LYS D 283 -41.31 -5.32 -40.61
CA LYS D 283 -40.74 -5.10 -41.93
C LYS D 283 -39.22 -4.96 -41.89
N ASN D 284 -38.68 -4.26 -40.90
CA ASN D 284 -37.25 -3.95 -40.87
C ASN D 284 -36.50 -4.73 -39.80
N GLY D 285 -37.09 -5.81 -39.27
CA GLY D 285 -36.38 -6.62 -38.30
C GLY D 285 -35.96 -5.83 -37.09
N VAL D 286 -34.76 -6.13 -36.58
CA VAL D 286 -34.27 -5.50 -35.37
C VAL D 286 -34.15 -3.99 -35.52
N LYS D 287 -34.04 -3.50 -36.76
CA LYS D 287 -33.98 -2.05 -36.96
C LYS D 287 -35.21 -1.35 -36.39
N ASP D 288 -36.38 -1.99 -36.47
CA ASP D 288 -37.59 -1.35 -35.94
C ASP D 288 -37.51 -1.17 -34.43
N ILE D 289 -36.83 -2.08 -33.74
CA ILE D 289 -36.60 -1.85 -32.31
C ILE D 289 -35.63 -0.70 -32.12
N GLN D 290 -34.56 -0.66 -32.93
CA GLN D 290 -33.53 0.36 -32.71
C GLN D 290 -34.07 1.76 -33.02
N LYS D 291 -35.08 1.85 -33.88
CA LYS D 291 -35.67 3.13 -34.25
C LYS D 291 -36.88 3.50 -33.39
N HIS D 292 -37.24 2.69 -32.41
CA HIS D 292 -38.34 3.04 -31.52
C HIS D 292 -38.01 4.31 -30.75
N LYS D 293 -39.05 5.09 -30.43
CA LYS D 293 -38.84 6.40 -29.84
C LYS D 293 -38.11 6.33 -28.50
N TRP D 294 -38.20 5.19 -27.81
CA TRP D 294 -37.46 5.04 -26.54
C TRP D 294 -35.96 5.20 -26.76
N PHE D 295 -35.46 4.80 -27.93
CA PHE D 295 -34.05 4.92 -28.27
C PHE D 295 -33.72 6.23 -28.97
N GLU D 296 -34.63 7.20 -28.93
CA GLU D 296 -34.37 8.51 -29.51
C GLU D 296 -33.15 9.12 -28.85
N GLY D 297 -32.17 9.51 -29.65
CA GLY D 297 -30.94 10.06 -29.12
C GLY D 297 -29.92 9.06 -28.66
N PHE D 298 -30.22 7.76 -28.71
CA PHE D 298 -29.25 6.75 -28.31
C PHE D 298 -28.25 6.53 -29.43
N ASN D 299 -26.97 6.53 -29.08
CA ASN D 299 -25.88 6.46 -30.07
C ASN D 299 -25.52 5.00 -30.31
N TRP D 300 -26.23 4.37 -31.25
CA TRP D 300 -25.96 2.99 -31.59
C TRP D 300 -24.54 2.81 -32.14
N GLU D 301 -24.10 3.75 -32.98
CA GLU D 301 -22.75 3.66 -33.55
C GLU D 301 -21.70 3.71 -32.45
N GLY D 302 -21.87 4.60 -31.48
CA GLY D 302 -20.92 4.67 -30.37
C GLY D 302 -20.93 3.40 -29.54
N LEU D 303 -22.12 2.81 -29.34
CA LEU D 303 -22.19 1.52 -28.65
C LEU D 303 -21.38 0.47 -29.38
N ARG D 304 -21.56 0.36 -30.71
CA ARG D 304 -20.83 -0.64 -31.47
C ARG D 304 -19.33 -0.37 -31.49
N LYS D 305 -18.93 0.90 -31.38
CA LYS D 305 -17.51 1.24 -31.34
C LYS D 305 -16.89 1.13 -29.95
N GLY D 306 -17.71 0.98 -28.90
CA GLY D 306 -17.20 0.96 -27.55
C GLY D 306 -16.88 2.31 -26.95
N THR D 307 -17.21 3.40 -27.65
CA THR D 307 -16.94 4.74 -27.15
C THR D 307 -18.01 5.25 -26.19
N LEU D 308 -19.19 4.63 -26.19
CA LEU D 308 -20.27 5.08 -25.32
C LEU D 308 -19.94 4.79 -23.86
N THR D 309 -20.20 5.77 -22.99
CA THR D 309 -19.89 5.60 -21.58
C THR D 309 -20.99 4.76 -20.91
N PRO D 310 -20.66 3.60 -20.35
CA PRO D 310 -21.68 2.75 -19.73
C PRO D 310 -22.28 3.44 -18.52
N PRO D 311 -23.50 3.05 -18.13
CA PRO D 311 -24.16 3.70 -16.99
C PRO D 311 -23.57 3.29 -15.66
N ILE D 312 -22.96 2.12 -15.58
CA ILE D 312 -22.36 1.59 -14.37
C ILE D 312 -20.93 1.19 -14.73
N ILE D 313 -19.96 1.81 -14.08
CA ILE D 313 -18.55 1.52 -14.32
C ILE D 313 -18.11 0.53 -13.24
N PRO D 314 -17.89 -0.74 -13.58
CA PRO D 314 -17.47 -1.70 -12.57
C PRO D 314 -16.06 -1.43 -12.10
N SER D 315 -15.79 -1.82 -10.85
CA SER D 315 -14.45 -1.78 -10.29
C SER D 315 -13.89 -3.20 -10.37
N VAL D 316 -12.84 -3.38 -11.16
CA VAL D 316 -12.17 -4.66 -11.33
C VAL D 316 -10.69 -4.43 -11.09
N ALA D 317 -10.17 -4.99 -9.99
CA ALA D 317 -8.80 -4.68 -9.60
C ALA D 317 -7.77 -5.48 -10.40
N SER D 318 -8.09 -6.70 -10.81
CA SER D 318 -7.12 -7.55 -11.48
C SER D 318 -7.89 -8.61 -12.26
N PRO D 319 -7.21 -9.36 -13.14
CA PRO D 319 -7.88 -10.47 -13.83
C PRO D 319 -8.38 -11.57 -12.90
N THR D 320 -7.99 -11.56 -11.63
CA THR D 320 -8.47 -12.56 -10.67
C THR D 320 -9.49 -11.99 -9.70
N ASP D 321 -9.94 -10.75 -9.90
CA ASP D 321 -10.87 -10.08 -8.99
C ASP D 321 -12.28 -10.59 -9.24
N THR D 322 -12.85 -11.31 -8.28
CA THR D 322 -14.23 -11.79 -8.36
C THR D 322 -15.17 -11.04 -7.43
N SER D 323 -14.78 -9.84 -6.96
CA SER D 323 -15.56 -9.13 -5.95
C SER D 323 -16.91 -8.64 -6.45
N ASN D 324 -17.16 -8.66 -7.76
CA ASN D 324 -18.45 -8.24 -8.28
C ASN D 324 -19.46 -9.38 -8.39
N PHE D 325 -19.11 -10.57 -7.89
CA PHE D 325 -19.99 -11.73 -7.93
C PHE D 325 -20.30 -12.19 -6.51
N ASP D 326 -21.43 -12.89 -6.37
CA ASP D 326 -21.75 -13.52 -5.10
C ASP D 326 -20.69 -14.57 -4.73
N SER D 327 -20.70 -14.97 -3.48
CA SER D 327 -19.81 -16.01 -2.97
C SER D 327 -20.53 -17.35 -3.03
N PHE D 328 -19.80 -18.40 -3.38
CA PHE D 328 -20.38 -19.72 -3.42
C PHE D 328 -19.48 -20.70 -2.66
N PRO D 329 -20.06 -21.55 -1.82
CA PRO D 329 -19.25 -22.56 -1.14
C PRO D 329 -18.63 -23.53 -2.13
N GLU D 330 -17.43 -24.01 -1.79
CA GLU D 330 -16.70 -24.93 -2.64
C GLU D 330 -17.50 -26.22 -2.85
N ASP D 331 -17.25 -26.86 -3.98
CA ASP D 331 -17.94 -28.11 -4.31
C ASP D 331 -17.49 -29.31 -3.48
N ASN D 332 -18.46 -29.90 -2.78
CA ASN D 332 -18.26 -31.09 -1.96
C ASN D 332 -19.20 -32.25 -2.34
N ASP D 333 -19.90 -32.18 -3.48
CA ASP D 333 -20.80 -33.25 -3.85
C ASP D 333 -20.04 -34.50 -4.27
N GLU D 334 -20.67 -35.66 -4.11
CA GLU D 334 -20.10 -36.87 -4.67
C GLU D 334 -20.02 -36.72 -6.19
N PRO D 335 -18.90 -37.07 -6.82
CA PRO D 335 -18.80 -36.97 -8.28
C PRO D 335 -19.85 -37.81 -8.97
N PRO D 336 -20.38 -37.35 -10.10
CA PRO D 336 -21.41 -38.11 -10.82
C PRO D 336 -20.80 -39.34 -11.46
N PRO D 337 -21.64 -40.29 -11.89
CA PRO D 337 -21.11 -41.47 -12.59
C PRO D 337 -20.47 -41.09 -13.92
N ASP D 338 -19.56 -41.97 -14.37
CA ASP D 338 -18.99 -41.83 -15.70
C ASP D 338 -20.08 -41.86 -16.76
N ASP D 339 -19.87 -41.13 -17.84
CA ASP D 339 -20.76 -41.14 -19.01
C ASP D 339 -19.92 -41.39 -20.26
N ASN D 340 -19.93 -42.64 -20.72
CA ASN D 340 -19.23 -43.01 -21.94
C ASN D 340 -20.19 -43.27 -23.09
N SER D 341 -21.36 -42.61 -23.08
CA SER D 341 -22.35 -42.83 -24.13
C SER D 341 -21.87 -42.28 -25.47
N GLY D 342 -21.00 -41.28 -25.45
CA GLY D 342 -20.33 -40.81 -26.66
C GLY D 342 -20.97 -39.62 -27.34
N TRP D 343 -22.06 -39.06 -26.80
CA TRP D 343 -22.69 -37.90 -27.40
C TRP D 343 -21.83 -36.65 -27.36
N ASP D 344 -20.72 -36.66 -26.62
CA ASP D 344 -19.84 -35.49 -26.47
C ASP D 344 -18.63 -35.57 -27.38
N ILE D 345 -18.79 -36.10 -28.59
CA ILE D 345 -17.64 -36.43 -29.44
C ILE D 345 -16.82 -35.18 -29.76
N ASP D 346 -17.49 -34.06 -30.06
CA ASP D 346 -16.73 -32.87 -30.45
C ASP D 346 -16.17 -32.08 -29.28
N PHE D 347 -16.55 -32.41 -28.04
CA PHE D 347 -16.07 -31.65 -26.88
C PHE D 347 -14.62 -31.97 -26.55
PG ANP E . -12.96 -11.97 29.83
O1G ANP E . -11.41 -12.09 29.85
O2G ANP E . -13.49 -11.66 28.38
O3G ANP E . -13.58 -13.24 30.33
PB ANP E . -12.40 -9.91 31.81
O1B ANP E . -11.00 -9.72 31.20
O2B ANP E . -12.34 -10.63 33.11
N3B ANP E . -13.50 -10.67 30.78
PA ANP E . -13.40 -7.37 31.03
O1A ANP E . -12.25 -6.38 30.97
O2A ANP E . -13.84 -7.94 29.75
O3A ANP E . -13.00 -8.49 32.11
O5' ANP E . -14.70 -6.71 31.65
C5' ANP E . -15.87 -7.53 31.84
C4' ANP E . -17.06 -6.79 31.32
O4' ANP E . -17.19 -5.53 32.00
C3' ANP E . -17.04 -6.43 29.85
O3' ANP E . -17.47 -7.54 29.05
C2' ANP E . -18.03 -5.27 29.79
O2' ANP E . -19.37 -5.73 29.82
C1' ANP E . -17.72 -4.56 31.12
N9 ANP E . -16.75 -3.47 30.99
C8 ANP E . -15.38 -3.58 30.94
N7 ANP E . -14.75 -2.44 30.82
C5 ANP E . -15.78 -1.50 30.80
C6 ANP E . -15.77 -0.09 30.69
N6 ANP E . -14.66 0.64 30.59
N1 ANP E . -16.98 0.54 30.70
C2 ANP E . -18.08 -0.20 30.80
N3 ANP E . -18.21 -1.53 30.92
C4 ANP E . -17.01 -2.12 30.90
MN MN F . -10.08 -10.60 29.62
MN MN G . -13.65 -9.54 28.39
PG ANP H . 5.56 21.83 -1.32
O1G ANP H . 7.01 21.70 -1.34
O2G ANP H . 4.93 21.99 -2.59
O3G ANP H . 4.99 20.68 -0.67
PB ANP H . 6.13 24.04 0.63
O1B ANP H . 7.41 24.29 0.06
O2B ANP H . 6.22 23.32 1.86
N3B ANP H . 5.16 23.18 -0.43
PA ANP H . 4.93 26.44 -0.11
O1A ANP H . 5.88 27.45 -0.10
O2A ANP H . 4.55 25.82 -1.31
O3A ANP H . 5.38 25.37 0.95
O5' ANP H . 3.70 27.08 0.57
C5' ANP H . 2.57 26.31 0.82
C4' ANP H . 1.26 26.94 0.36
O4' ANP H . 1.09 28.16 0.96
C3' ANP H . 1.20 27.22 -1.14
O3' ANP H . 0.81 26.09 -1.86
C2' ANP H . 0.20 28.35 -1.20
O2' ANP H . -1.09 27.84 -1.10
C1' ANP H . 0.51 29.08 0.07
N9 ANP H . 1.39 30.23 -0.10
C8 ANP H . 2.70 30.14 -0.17
N7 ANP H . 3.26 31.31 -0.33
C5 ANP H . 2.30 32.20 -0.36
C6 ANP H . 2.21 33.64 -0.51
N6 ANP H . 3.27 34.40 -0.64
N1 ANP H . 1.00 34.17 -0.48
C2 ANP H . -0.09 33.44 -0.36
N3 ANP H . -0.07 32.16 -0.22
C4 ANP H . 1.07 31.48 -0.21
MN MN I . 8.31 23.33 -1.74
MN MN J . 4.62 24.23 -2.68
PG ANP K . 27.82 -13.67 14.43
O1G ANP K . 28.87 -13.61 13.26
O2G ANP K . 28.41 -13.06 15.67
O3G ANP K . 27.44 -15.18 14.73
PB ANP K . 26.65 -11.19 13.75
O1B ANP K . 28.10 -10.85 13.80
O2B ANP K . 25.91 -10.39 14.86
N3B ANP K . 26.41 -12.84 13.98
PA ANP K . 26.86 -11.00 11.03
O1A ANP K . 28.16 -11.69 11.26
O2A ANP K . 27.00 -9.61 10.41
O3A ANP K . 26.04 -10.79 12.37
O5' ANP K . 25.95 -11.95 10.13
C5' ANP K . 25.34 -13.15 10.64
C4' ANP K . 25.19 -14.13 9.50
O4' ANP K . 23.95 -13.86 8.79
C3' ANP K . 26.28 -14.07 8.44
O3' ANP K . 27.38 -14.92 8.75
C2' ANP K . 25.54 -14.52 7.18
O2' ANP K . 25.48 -15.93 7.04
C1' ANP K . 24.16 -13.91 7.39
N9 ANP K . 24.06 -12.55 6.87
C8 ANP K . 24.35 -11.37 7.50
N7 ANP K . 24.18 -10.31 6.76
C5 ANP K . 23.75 -10.82 5.55
C6 ANP K . 23.41 -10.20 4.33
N6 ANP K . 23.44 -8.88 4.13
N1 ANP K . 23.03 -11.00 3.31
C2 ANP K . 23.00 -12.32 3.50
N3 ANP K . 23.31 -13.01 4.60
C4 ANP K . 23.68 -12.19 5.59
MN MN L . 30.22 -11.44 13.71
MN MN M . 30.72 -12.44 11.41
PG ANP N . -29.12 -21.41 -16.09
O1G ANP N . -29.35 -22.35 -17.34
O2G ANP N . -29.60 -20.02 -16.39
O3G ANP N . -29.88 -21.94 -14.82
PB ANP N . -26.34 -22.30 -16.34
O1B ANP N . -26.31 -23.52 -15.49
O2B ANP N . -26.65 -22.67 -17.80
N3B ANP N . -27.48 -21.22 -15.69
PA ANP N . -24.61 -20.11 -16.78
O1A ANP N . -23.86 -20.27 -18.10
O2A ANP N . -25.81 -19.24 -16.85
O3A ANP N . -24.95 -21.57 -16.24
O5' ANP N . -23.63 -19.51 -15.70
C5' ANP N . -24.02 -19.36 -14.32
C4' ANP N . -23.64 -17.99 -13.87
O4' ANP N . -22.20 -17.82 -13.93
C3' ANP N . -24.19 -16.84 -14.70
O3' ANP N . -25.54 -16.52 -14.36
C2' ANP N . -23.21 -15.71 -14.39
O2' ANP N . -23.51 -15.11 -13.15
C1' ANP N . -21.88 -16.49 -14.30
N9 ANP N . -21.13 -16.53 -15.55
C8 ANP N . -21.38 -17.34 -16.63
N7 ANP N . -20.54 -17.17 -17.63
C5 ANP N . -19.68 -16.18 -17.16
C6 ANP N . -18.57 -15.55 -17.75
N6 ANP N . -18.12 -15.82 -18.98
N1 ANP N . -17.94 -14.60 -17.02
C2 ANP N . -18.39 -14.32 -15.80
N3 ANP N . -19.43 -14.84 -15.15
C4 ANP N . -20.04 -15.77 -15.88
MN MN O . -28.34 -22.33 -18.97
MN MN P . -27.84 -19.01 -16.96
#